data_2C1D
#
_entry.id   2C1D
#
_cell.length_a   42.860
_cell.length_b   180.010
_cell.length_c   117.930
_cell.angle_alpha   90.00
_cell.angle_beta   92.83
_cell.angle_gamma   90.00
#
_symmetry.space_group_name_H-M   'P 1 21 1'
#
loop_
_entity.id
_entity.type
_entity.pdbx_description
1 polymer SOXA
2 polymer SOXX
3 non-polymer 'HEME C'
4 non-polymer 'ZINC ION'
5 water water
#
loop_
_entity_poly.entity_id
_entity_poly.type
_entity_poly.pdbx_seq_one_letter_code
_entity_poly.pdbx_strand_id
1 'polypeptide(L)'
;DPVEDGLVIETDSGPVEIVTKTAPPAFLADTFDTIYSGWHFRDDSTRDLERDDFDNPAMVFVDRGLDKWNAAMGVNGESC
ASCHQGPESMAGLRAVMPRVDEHTGKLMIMEDYVNACVTERMGLEKWGVTSDNMKDMLSLISLQSRGMAVNVKIDGPAAP
YWEHGKEIYYTRYGQLEMSCANCHEDNAGNMIRADHLSQGQINGFPTYRLKDSGMVTAQHRFVG(CSS)VRDTRAETFKA
GSDDFKALELYVASRGNGLSVEGVSVRH
;
A,C,E,G
2 'polypeptide(L)'
;CETAPKEVVYVEGAVEASLTGAPGNPEEGVRIMTTNALGNCVACHQIGALPDVEFPGTIAPPLDGAGDRWTEAQLRGIVA
NAKMTFEGTFMPAFYKVDGFVRPGDGFSGKAGAEPLAPILNAQQIEDVVAFLVTLKE
;
B,D,F,H
#
loop_
_chem_comp.id
_chem_comp.type
_chem_comp.name
_chem_comp.formula
HEC non-polymer 'HEME C' 'C34 H34 Fe N4 O4'
ZN non-polymer 'ZINC ION' 'Zn 2'
#
# COMPACT_ATOMS: atom_id res chain seq x y z
N ASP A 1 23.77 -78.47 -18.61
CA ASP A 1 24.62 -79.72 -18.70
C ASP A 1 25.35 -79.85 -20.04
N PRO A 2 26.51 -80.54 -20.09
CA PRO A 2 27.32 -80.62 -21.32
C PRO A 2 26.66 -81.43 -22.46
N VAL A 3 26.67 -80.85 -23.66
CA VAL A 3 26.04 -81.44 -24.82
C VAL A 3 26.81 -82.68 -25.33
N GLU A 4 26.09 -83.65 -25.86
CA GLU A 4 26.71 -84.74 -26.61
C GLU A 4 27.02 -84.17 -28.00
N ASP A 5 28.31 -84.01 -28.32
CA ASP A 5 28.77 -83.55 -29.65
C ASP A 5 30.26 -83.89 -29.83
N GLY A 6 30.76 -83.78 -31.05
CA GLY A 6 32.17 -83.99 -31.33
C GLY A 6 32.72 -82.86 -32.20
N LEU A 7 34.00 -82.53 -32.00
CA LEU A 7 34.62 -81.41 -32.69
C LEU A 7 35.79 -81.87 -33.56
N VAL A 8 35.63 -81.68 -34.87
CA VAL A 8 36.65 -81.95 -35.86
C VAL A 8 36.67 -80.70 -36.72
N ILE A 9 37.78 -80.00 -36.71
CA ILE A 9 37.87 -78.72 -37.37
C ILE A 9 38.26 -78.96 -38.83
N GLU A 10 37.52 -78.37 -39.76
CA GLU A 10 37.97 -78.29 -41.15
C GLU A 10 39.03 -77.22 -41.29
N THR A 11 40.17 -77.60 -41.86
CA THR A 11 41.28 -76.67 -42.07
C THR A 11 41.86 -76.76 -43.48
N ASP A 12 42.86 -75.92 -43.72
CA ASP A 12 43.60 -75.86 -44.99
C ASP A 12 44.50 -77.06 -45.23
N SER A 13 44.86 -77.79 -44.18
CA SER A 13 45.65 -79.01 -44.35
C SER A 13 44.92 -80.26 -43.83
N GLY A 14 43.59 -80.24 -43.85
CA GLY A 14 42.79 -81.40 -43.50
C GLY A 14 42.09 -81.32 -42.16
N PRO A 15 41.27 -82.31 -41.85
CA PRO A 15 40.54 -82.36 -40.57
C PRO A 15 41.52 -82.44 -39.41
N VAL A 16 41.25 -81.68 -38.35
CA VAL A 16 41.94 -81.93 -37.09
C VAL A 16 40.95 -82.17 -35.95
N GLU A 17 41.07 -83.38 -35.41
CA GLU A 17 40.28 -83.81 -34.30
C GLU A 17 40.73 -83.07 -33.03
N ILE A 18 39.75 -82.61 -32.28
CA ILE A 18 39.92 -82.00 -30.98
C ILE A 18 39.26 -82.91 -29.93
N VAL A 19 40.04 -83.38 -28.96
CA VAL A 19 39.50 -84.07 -27.79
C VAL A 19 38.86 -83.02 -26.89
N THR A 20 37.54 -83.05 -26.78
CA THR A 20 36.79 -82.11 -25.94
C THR A 20 36.17 -82.74 -24.68
N LYS A 21 36.38 -84.04 -24.50
CA LYS A 21 35.81 -84.80 -23.39
C LYS A 21 36.74 -85.98 -23.15
N THR A 22 37.17 -86.14 -21.91
CA THR A 22 38.14 -87.16 -21.57
C THR A 22 38.19 -87.38 -20.06
N ALA A 23 38.89 -88.42 -19.64
CA ALA A 23 39.04 -88.72 -18.22
C ALA A 23 39.89 -87.64 -17.58
N PRO A 24 39.58 -87.26 -16.34
CA PRO A 24 40.33 -86.17 -15.70
C PRO A 24 41.73 -86.61 -15.38
N PRO A 25 42.64 -85.68 -15.12
CA PRO A 25 43.96 -86.04 -14.59
C PRO A 25 43.79 -86.66 -13.20
N ALA A 26 44.76 -87.45 -12.74
CA ALA A 26 44.57 -88.24 -11.53
C ALA A 26 44.20 -87.35 -10.32
N PHE A 27 44.78 -86.15 -10.22
CA PHE A 27 44.46 -85.26 -9.12
C PHE A 27 43.01 -84.77 -9.08
N LEU A 28 42.30 -84.89 -10.18
CA LEU A 28 40.89 -84.53 -10.23
C LEU A 28 39.95 -85.74 -10.27
N ALA A 29 40.47 -86.94 -10.06
CA ALA A 29 39.65 -88.16 -10.28
C ALA A 29 38.48 -88.31 -9.30
N ASP A 30 38.65 -87.84 -8.06
CA ASP A 30 37.53 -87.81 -7.09
C ASP A 30 36.57 -86.60 -7.28
N THR A 31 36.91 -85.68 -8.19
CA THR A 31 36.19 -84.42 -8.38
C THR A 31 35.21 -84.46 -9.56
N PHE A 32 35.70 -84.95 -10.69
CA PHE A 32 34.92 -85.07 -11.91
C PHE A 32 34.99 -86.50 -12.41
N ASP A 33 33.91 -86.96 -13.01
CA ASP A 33 33.92 -88.23 -13.74
C ASP A 33 34.64 -87.97 -15.06
N THR A 34 34.43 -86.76 -15.58
CA THR A 34 34.87 -86.39 -16.90
C THR A 34 35.21 -84.89 -16.97
N ILE A 35 36.32 -84.56 -17.64
CA ILE A 35 36.60 -83.16 -17.98
C ILE A 35 36.17 -82.85 -19.39
N TYR A 36 35.77 -81.59 -19.59
CA TYR A 36 35.15 -81.13 -20.83
C TYR A 36 35.74 -79.77 -21.20
N SER A 37 35.92 -79.56 -22.48
CA SER A 37 36.12 -78.22 -23.00
C SER A 37 34.85 -77.41 -22.78
N GLY A 38 35.03 -76.11 -22.60
CA GLY A 38 33.94 -75.14 -22.61
C GLY A 38 33.08 -75.12 -23.85
N TRP A 39 33.62 -75.61 -24.98
CA TRP A 39 32.85 -75.79 -26.21
C TRP A 39 31.56 -76.59 -25.98
N HIS A 40 31.64 -77.60 -25.15
CA HIS A 40 30.49 -78.46 -24.86
C HIS A 40 29.33 -77.74 -24.20
N PHE A 41 29.57 -76.60 -23.56
CA PHE A 41 28.53 -75.86 -22.86
C PHE A 41 27.99 -74.69 -23.67
N ARG A 42 28.43 -74.56 -24.92
CA ARG A 42 27.94 -73.48 -25.76
C ARG A 42 26.75 -73.93 -26.61
N ASP A 43 25.94 -73.00 -27.10
CA ASP A 43 24.85 -73.37 -28.01
C ASP A 43 25.40 -73.77 -29.39
N ASP A 44 24.58 -74.43 -30.21
CA ASP A 44 25.13 -75.01 -31.44
C ASP A 44 25.67 -73.96 -32.41
N SER A 45 25.03 -72.80 -32.47
CA SER A 45 25.49 -71.78 -33.40
C SER A 45 26.90 -71.29 -33.00
N THR A 46 27.19 -71.24 -31.70
CA THR A 46 28.53 -70.84 -31.26
C THR A 46 29.54 -71.99 -31.46
N ARG A 47 29.11 -73.22 -31.17
CA ARG A 47 29.95 -74.40 -31.39
C ARG A 47 30.37 -74.48 -32.85
N ASP A 48 29.44 -74.14 -33.75
CA ASP A 48 29.70 -74.21 -35.20
C ASP A 48 30.82 -73.25 -35.62
N LEU A 49 30.95 -72.13 -34.92
CA LEU A 49 32.01 -71.17 -35.25
C LEU A 49 33.42 -71.71 -35.07
N GLU A 50 33.59 -72.75 -34.29
CA GLU A 50 34.93 -73.32 -34.07
C GLU A 50 35.19 -74.50 -35.00
N ARG A 51 34.14 -75.00 -35.67
CA ARG A 51 34.21 -76.23 -36.48
C ARG A 51 34.99 -76.11 -37.77
N ASP A 52 35.18 -74.90 -38.25
CA ASP A 52 36.10 -74.72 -39.36
C ASP A 52 36.73 -73.34 -39.43
N ASP A 53 37.98 -73.34 -39.88
CA ASP A 53 38.78 -72.15 -39.87
C ASP A 53 38.23 -71.02 -40.70
N PHE A 54 37.52 -71.33 -41.78
CA PHE A 54 36.93 -70.28 -42.61
C PHE A 54 35.96 -69.40 -41.80
N ASP A 55 35.17 -70.03 -40.92
CA ASP A 55 34.10 -69.37 -40.16
C ASP A 55 34.57 -68.86 -38.78
N ASN A 56 35.77 -69.28 -38.33
CA ASN A 56 36.26 -68.98 -36.98
C ASN A 56 36.82 -67.56 -36.96
N PRO A 57 36.15 -66.62 -36.29
CA PRO A 57 36.62 -65.23 -36.31
C PRO A 57 38.01 -65.03 -35.66
N ALA A 58 38.44 -65.98 -34.84
CA ALA A 58 39.78 -65.88 -34.23
C ALA A 58 40.89 -65.94 -35.26
N MET A 59 40.64 -66.56 -36.42
CA MET A 59 41.71 -66.76 -37.43
C MET A 59 42.17 -65.48 -38.10
N VAL A 60 41.35 -64.45 -38.01
CA VAL A 60 41.77 -63.11 -38.41
C VAL A 60 42.97 -62.66 -37.58
N PHE A 61 42.93 -62.96 -36.29
CA PHE A 61 43.97 -62.53 -35.39
C PHE A 61 45.18 -63.45 -35.39
N VAL A 62 44.95 -64.72 -35.71
CA VAL A 62 46.07 -65.63 -36.03
C VAL A 62 46.84 -65.08 -37.25
N ASP A 63 46.15 -64.70 -38.32
CA ASP A 63 46.82 -64.18 -39.53
C ASP A 63 47.57 -62.87 -39.29
N ARG A 64 47.00 -61.99 -38.50
CA ARG A 64 47.65 -60.77 -38.13
C ARG A 64 48.88 -61.04 -37.25
N GLY A 65 48.76 -62.05 -36.38
CA GLY A 65 49.91 -62.53 -35.61
C GLY A 65 51.04 -62.95 -36.54
N LEU A 66 50.69 -63.60 -37.64
CA LEU A 66 51.67 -64.10 -38.58
C LEU A 66 52.37 -62.94 -39.28
N ASP A 67 51.63 -61.87 -39.58
CA ASP A 67 52.22 -60.64 -40.11
C ASP A 67 53.20 -60.04 -39.14
N LYS A 68 52.86 -60.01 -37.87
CA LYS A 68 53.74 -59.44 -36.86
C LYS A 68 54.97 -60.33 -36.63
N TRP A 69 54.81 -61.63 -36.78
CA TRP A 69 55.94 -62.59 -36.65
C TRP A 69 56.97 -62.34 -37.75
N ASN A 70 56.48 -62.00 -38.94
CA ASN A 70 57.33 -61.72 -40.10
C ASN A 70 57.79 -60.26 -40.22
N ALA A 71 57.27 -59.37 -39.39
CA ALA A 71 57.59 -57.94 -39.53
C ALA A 71 58.91 -57.57 -38.86
N ALA A 72 59.69 -56.77 -39.58
CA ALA A 72 60.95 -56.25 -39.08
C ALA A 72 60.68 -55.12 -38.10
N MET A 73 60.16 -55.46 -36.91
CA MET A 73 59.72 -54.45 -35.96
C MET A 73 60.73 -54.16 -34.85
N GLY A 74 61.87 -54.84 -34.88
CA GLY A 74 62.94 -54.59 -33.93
C GLY A 74 63.65 -53.27 -34.20
N VAL A 75 64.47 -52.82 -33.24
CA VAL A 75 65.18 -51.55 -33.38
C VAL A 75 66.18 -51.59 -34.53
N ASN A 76 66.84 -52.74 -34.72
CA ASN A 76 67.66 -52.97 -35.92
C ASN A 76 66.98 -53.77 -37.05
N GLY A 77 65.65 -53.74 -37.11
CA GLY A 77 64.91 -54.46 -38.14
C GLY A 77 64.75 -55.97 -37.91
N GLU A 78 64.98 -56.41 -36.68
CA GLU A 78 64.85 -57.83 -36.34
C GLU A 78 63.38 -58.23 -36.42
N SER A 79 63.14 -59.46 -36.86
CA SER A 79 61.83 -60.09 -36.77
C SER A 79 61.90 -61.43 -36.03
N CYS A 80 60.73 -61.90 -35.58
CA CYS A 80 60.64 -63.24 -34.97
C CYS A 80 61.24 -64.23 -35.94
N ALA A 81 60.82 -64.14 -37.19
CA ALA A 81 61.24 -65.12 -38.17
C ALA A 81 62.73 -65.11 -38.45
N SER A 82 63.38 -63.96 -38.27
CA SER A 82 64.82 -63.82 -38.53
C SER A 82 65.62 -64.78 -37.67
N CYS A 83 65.11 -65.14 -36.50
CA CYS A 83 65.73 -66.13 -35.63
C CYS A 83 65.03 -67.48 -35.59
N HIS A 84 63.70 -67.49 -35.64
CA HIS A 84 62.93 -68.73 -35.42
C HIS A 84 62.43 -69.35 -36.72
N GLN A 85 62.68 -68.67 -37.85
CA GLN A 85 62.07 -69.03 -39.13
C GLN A 85 60.52 -69.11 -39.05
N GLY A 86 59.89 -70.12 -39.63
CA GLY A 86 58.44 -70.27 -39.56
C GLY A 86 57.94 -70.40 -38.13
N PRO A 87 56.67 -70.08 -37.91
CA PRO A 87 56.11 -70.18 -36.55
C PRO A 87 55.96 -71.64 -36.11
N GLU A 88 55.99 -72.58 -37.06
CA GLU A 88 56.00 -74.00 -36.70
C GLU A 88 57.19 -74.36 -35.78
N SER A 89 58.17 -73.47 -35.67
CA SER A 89 59.31 -73.59 -34.74
C SER A 89 58.83 -73.70 -33.30
N MET A 90 57.63 -73.17 -33.05
CA MET A 90 57.02 -73.24 -31.74
C MET A 90 56.06 -74.40 -31.56
N ALA A 91 56.12 -75.39 -32.45
CA ALA A 91 55.26 -76.57 -32.34
C ALA A 91 55.40 -77.21 -30.95
N GLY A 92 54.27 -77.62 -30.39
CA GLY A 92 54.21 -78.32 -29.11
C GLY A 92 54.22 -77.38 -27.89
N LEU A 93 54.74 -76.17 -28.02
CA LEU A 93 54.98 -75.32 -26.85
C LEU A 93 53.72 -75.00 -26.07
N ARG A 94 52.70 -74.52 -26.78
CA ARG A 94 51.42 -74.18 -26.16
C ARG A 94 50.82 -75.35 -25.35
N ALA A 95 50.97 -76.56 -25.85
CA ALA A 95 50.42 -77.77 -25.15
C ALA A 95 50.98 -78.01 -23.74
N VAL A 96 52.21 -77.59 -23.50
CA VAL A 96 52.92 -77.85 -22.24
C VAL A 96 53.08 -76.59 -21.36
N MET A 97 52.37 -75.52 -21.72
CA MET A 97 52.47 -74.22 -21.04
C MET A 97 51.28 -74.00 -20.10
N PRO A 98 51.45 -73.29 -18.98
CA PRO A 98 52.74 -72.79 -18.44
C PRO A 98 53.71 -73.84 -17.91
N ARG A 99 54.99 -73.48 -17.84
CA ARG A 99 56.02 -74.37 -17.31
C ARG A 99 57.19 -73.67 -16.62
N VAL A 100 57.93 -74.43 -15.83
CA VAL A 100 59.22 -74.00 -15.29
C VAL A 100 60.23 -74.19 -16.42
N ASP A 101 60.84 -73.10 -16.85
CA ASP A 101 61.80 -73.14 -17.92
C ASP A 101 63.00 -74.00 -17.61
N GLU A 102 63.43 -74.77 -18.59
CA GLU A 102 64.48 -75.76 -18.39
C GLU A 102 65.85 -75.15 -18.12
N HIS A 103 66.09 -73.93 -18.59
CA HIS A 103 67.37 -73.24 -18.41
C HIS A 103 67.38 -72.25 -17.24
N THR A 104 66.31 -71.49 -17.00
CA THR A 104 66.32 -70.45 -15.94
C THR A 104 65.73 -70.90 -14.62
N GLY A 105 64.97 -71.99 -14.66
CA GLY A 105 64.12 -72.38 -13.54
C GLY A 105 62.98 -71.44 -13.14
N LYS A 106 62.66 -70.45 -13.98
CA LYS A 106 61.53 -69.54 -13.71
C LYS A 106 60.22 -70.11 -14.28
N LEU A 107 59.12 -69.92 -13.54
CA LEU A 107 57.78 -70.14 -14.11
C LEU A 107 57.53 -69.15 -15.26
N MET A 108 57.15 -69.67 -16.42
CA MET A 108 56.85 -68.86 -17.58
C MET A 108 55.43 -69.15 -18.07
N ILE A 109 54.65 -68.09 -18.27
CA ILE A 109 53.49 -68.15 -19.15
C ILE A 109 53.98 -67.67 -20.49
N MET A 110 53.16 -67.83 -21.52
CA MET A 110 53.60 -67.61 -22.86
C MET A 110 54.01 -66.18 -23.05
N GLU A 111 53.25 -65.28 -22.41
CA GLU A 111 53.51 -63.85 -22.43
C GLU A 111 54.96 -63.55 -21.98
N ASP A 112 55.47 -64.30 -21.01
CA ASP A 112 56.84 -64.08 -20.57
C ASP A 112 57.85 -64.48 -21.64
N TYR A 113 57.66 -65.58 -22.37
CA TYR A 113 58.61 -65.91 -23.43
C TYR A 113 58.57 -64.86 -24.53
N VAL A 114 57.38 -64.42 -24.92
CA VAL A 114 57.27 -63.46 -26.00
C VAL A 114 58.00 -62.19 -25.55
N ASN A 115 57.73 -61.70 -24.35
CA ASN A 115 58.39 -60.46 -23.92
C ASN A 115 59.90 -60.57 -23.66
N ALA A 116 60.39 -61.76 -23.35
CA ALA A 116 61.84 -61.92 -23.22
C ALA A 116 62.51 -61.62 -24.59
N CYS A 117 61.93 -62.12 -25.67
CA CYS A 117 62.50 -61.87 -26.97
C CYS A 117 62.28 -60.43 -27.40
N VAL A 118 61.06 -59.94 -27.22
CA VAL A 118 60.75 -58.53 -27.52
C VAL A 118 61.76 -57.56 -26.89
N THR A 119 62.07 -57.72 -25.60
CA THR A 119 62.92 -56.75 -24.89
C THR A 119 64.43 -57.02 -25.03
N GLU A 120 64.84 -58.25 -24.78
CA GLU A 120 66.26 -58.61 -24.84
C GLU A 120 66.82 -58.72 -26.27
N ARG A 121 66.00 -59.13 -27.24
CA ARG A 121 66.52 -59.47 -28.55
C ARG A 121 66.06 -58.58 -29.68
N MET A 122 65.04 -57.78 -29.44
CA MET A 122 64.58 -56.86 -30.45
C MET A 122 64.66 -55.40 -30.01
N GLY A 123 65.15 -55.19 -28.79
CA GLY A 123 65.39 -53.85 -28.28
C GLY A 123 64.15 -53.00 -28.06
N LEU A 124 63.02 -53.67 -27.84
CA LEU A 124 61.75 -52.97 -27.72
C LEU A 124 61.27 -52.93 -26.29
N GLU A 125 60.48 -51.90 -26.03
CA GLU A 125 59.73 -51.76 -24.82
C GLU A 125 58.81 -52.98 -24.76
N LYS A 126 58.65 -53.55 -23.58
CA LYS A 126 57.83 -54.76 -23.45
C LYS A 126 56.40 -54.52 -23.96
N TRP A 127 55.84 -55.53 -24.61
CA TRP A 127 54.42 -55.47 -25.00
C TRP A 127 53.51 -55.67 -23.78
N GLY A 128 52.43 -54.88 -23.75
CA GLY A 128 51.40 -55.05 -22.75
C GLY A 128 50.90 -56.48 -22.84
N VAL A 129 50.68 -57.12 -21.70
CA VAL A 129 50.25 -58.52 -21.70
C VAL A 129 48.87 -58.78 -22.29
N THR A 130 48.03 -57.75 -22.40
CA THR A 130 46.76 -57.85 -23.12
C THR A 130 46.69 -56.94 -24.34
N SER A 131 47.84 -56.46 -24.78
CA SER A 131 47.94 -55.74 -26.04
C SER A 131 47.59 -56.62 -27.24
N ASP A 132 47.19 -55.96 -28.31
CA ASP A 132 46.93 -56.66 -29.55
C ASP A 132 48.14 -57.40 -30.08
N ASN A 133 49.33 -56.82 -29.98
CA ASN A 133 50.54 -57.51 -30.41
C ASN A 133 50.69 -58.83 -29.67
N MET A 134 50.46 -58.78 -28.36
CA MET A 134 50.54 -59.97 -27.52
C MET A 134 49.46 -61.01 -27.77
N LYS A 135 48.20 -60.59 -27.85
CA LYS A 135 47.09 -61.53 -28.08
C LYS A 135 47.20 -62.19 -29.47
N ASP A 136 47.57 -61.42 -30.48
CA ASP A 136 47.77 -62.00 -31.80
C ASP A 136 48.93 -62.99 -31.79
N MET A 137 50.03 -62.64 -31.13
CA MET A 137 51.19 -63.52 -31.12
C MET A 137 50.88 -64.83 -30.38
N LEU A 138 50.20 -64.73 -29.23
CA LEU A 138 49.79 -65.95 -28.50
C LEU A 138 48.85 -66.80 -29.33
N SER A 139 48.01 -66.14 -30.11
CA SER A 139 47.07 -66.85 -30.99
C SER A 139 47.84 -67.69 -32.01
N LEU A 140 48.79 -67.04 -32.68
CA LEU A 140 49.67 -67.72 -33.65
C LEU A 140 50.43 -68.88 -33.03
N ILE A 141 51.02 -68.65 -31.85
CA ILE A 141 51.80 -69.71 -31.22
C ILE A 141 50.90 -70.85 -30.79
N SER A 142 49.73 -70.51 -30.26
CA SER A 142 48.81 -71.53 -29.74
C SER A 142 48.38 -72.47 -30.86
N LEU A 143 48.19 -71.92 -32.05
CA LEU A 143 47.83 -72.73 -33.22
C LEU A 143 48.86 -73.81 -33.59
N GLN A 144 50.12 -73.60 -33.21
CA GLN A 144 51.20 -74.54 -33.52
C GLN A 144 51.14 -75.81 -32.64
N SER A 145 50.22 -75.84 -31.69
CA SER A 145 49.97 -77.04 -30.91
C SER A 145 48.52 -77.55 -31.05
N ARG A 146 47.76 -76.99 -31.96
CA ARG A 146 46.35 -77.42 -32.09
C ARG A 146 46.23 -78.93 -32.34
N GLY A 147 45.32 -79.56 -31.59
CA GLY A 147 45.15 -80.99 -31.64
C GLY A 147 46.04 -81.82 -30.73
N MET A 148 47.11 -81.22 -30.22
CA MET A 148 47.96 -81.87 -29.26
C MET A 148 47.31 -81.87 -27.91
N ALA A 149 47.54 -82.94 -27.15
CA ALA A 149 47.01 -83.03 -25.82
C ALA A 149 47.72 -82.03 -24.89
N VAL A 150 46.93 -81.24 -24.19
CA VAL A 150 47.41 -80.46 -23.05
C VAL A 150 48.09 -81.44 -22.12
N ASN A 151 49.30 -81.09 -21.74
CA ASN A 151 50.15 -81.94 -20.93
C ASN A 151 51.06 -81.05 -20.12
N VAL A 152 50.51 -80.41 -19.12
CA VAL A 152 51.35 -79.60 -18.26
C VAL A 152 51.81 -80.41 -17.05
N LYS A 153 53.10 -80.27 -16.81
CA LYS A 153 53.80 -80.88 -15.69
C LYS A 153 53.45 -80.19 -14.37
N ILE A 154 53.10 -80.97 -13.36
CA ILE A 154 52.71 -80.42 -12.07
C ILE A 154 53.57 -80.84 -10.89
N ASP A 155 54.56 -81.70 -11.12
CA ASP A 155 55.44 -82.20 -10.06
C ASP A 155 56.84 -81.61 -10.18
N GLY A 156 57.77 -82.06 -9.35
CA GLY A 156 59.10 -81.50 -9.38
C GLY A 156 59.09 -80.02 -9.03
N PRO A 157 59.92 -79.23 -9.70
CA PRO A 157 59.99 -77.78 -9.47
C PRO A 157 58.66 -77.03 -9.74
N ALA A 158 57.77 -77.61 -10.54
CA ALA A 158 56.45 -77.02 -10.80
C ALA A 158 55.55 -77.07 -9.58
N ALA A 159 55.80 -78.02 -8.68
CA ALA A 159 54.87 -78.34 -7.60
C ALA A 159 54.50 -77.16 -6.67
N PRO A 160 55.46 -76.36 -6.24
CA PRO A 160 55.13 -75.25 -5.34
C PRO A 160 54.31 -74.17 -6.02
N TYR A 161 54.63 -73.87 -7.27
CA TYR A 161 53.84 -72.97 -8.10
C TYR A 161 52.41 -73.49 -8.25
N TRP A 162 52.28 -74.79 -8.54
CA TRP A 162 50.99 -75.41 -8.78
C TRP A 162 50.14 -75.36 -7.52
N GLU A 163 50.77 -75.68 -6.40
CA GLU A 163 50.11 -75.59 -5.10
C GLU A 163 49.64 -74.16 -4.78
N HIS A 164 50.42 -73.18 -5.15
CA HIS A 164 50.06 -71.77 -4.92
C HIS A 164 48.81 -71.45 -5.76
N GLY A 165 48.75 -71.95 -7.00
CA GLY A 165 47.60 -71.75 -7.85
C GLY A 165 46.38 -72.50 -7.33
N LYS A 166 46.58 -73.71 -6.82
CA LYS A 166 45.49 -74.49 -6.27
C LYS A 166 44.81 -73.71 -5.14
N GLU A 167 45.61 -73.13 -4.24
CA GLU A 167 45.06 -72.36 -3.13
C GLU A 167 44.15 -71.21 -3.62
N ILE A 168 44.60 -70.48 -4.64
CA ILE A 168 43.84 -69.38 -5.24
C ILE A 168 42.51 -69.94 -5.77
N TYR A 169 42.57 -71.08 -6.47
CA TYR A 169 41.40 -71.68 -7.13
C TYR A 169 40.25 -71.94 -6.17
N TYR A 170 40.61 -72.33 -4.94
CA TYR A 170 39.64 -72.67 -3.91
C TYR A 170 39.41 -71.56 -2.86
N THR A 171 40.05 -70.41 -3.02
CA THR A 171 39.85 -69.28 -2.10
C THR A 171 38.60 -68.52 -2.45
N ARG A 172 37.77 -68.24 -1.46
CA ARG A 172 36.48 -67.65 -1.73
C ARG A 172 36.64 -66.16 -1.58
N TYR A 173 36.86 -65.49 -2.70
CA TYR A 173 37.13 -64.06 -2.72
C TYR A 173 35.91 -63.13 -2.65
N GLY A 174 36.21 -61.90 -2.24
CA GLY A 174 35.29 -60.80 -2.42
C GLY A 174 34.15 -60.77 -1.43
N GLN A 175 33.30 -59.74 -1.58
CA GLN A 175 32.11 -59.59 -0.74
C GLN A 175 31.13 -60.74 -1.04
N LEU A 176 31.16 -61.27 -2.27
CA LEU A 176 30.34 -62.41 -2.65
C LEU A 176 30.83 -63.77 -2.14
N GLU A 177 32.07 -63.83 -1.67
CA GLU A 177 32.66 -65.01 -1.06
C GLU A 177 32.59 -66.23 -1.98
N MET A 178 33.22 -66.11 -3.14
CA MET A 178 33.14 -67.12 -4.19
C MET A 178 34.51 -67.46 -4.77
N SER A 179 34.74 -68.75 -4.94
CA SER A 179 35.96 -69.28 -5.49
C SER A 179 35.66 -69.80 -6.88
N CYS A 180 36.72 -69.93 -7.68
CA CYS A 180 36.65 -70.58 -8.98
C CYS A 180 35.84 -71.87 -8.91
N ALA A 181 36.16 -72.67 -7.91
CA ALA A 181 35.52 -73.95 -7.69
C ALA A 181 34.03 -73.87 -7.37
N ASN A 182 33.58 -72.85 -6.63
CA ASN A 182 32.15 -72.71 -6.37
C ASN A 182 31.33 -72.70 -7.66
N CYS A 183 31.80 -71.98 -8.68
CA CYS A 183 31.10 -71.89 -9.94
C CYS A 183 31.44 -73.01 -10.92
N HIS A 184 32.75 -73.22 -11.16
CA HIS A 184 33.23 -74.13 -12.20
C HIS A 184 33.36 -75.60 -11.79
N GLU A 185 33.40 -75.85 -10.49
CA GLU A 185 33.47 -77.23 -10.00
C GLU A 185 32.10 -77.66 -9.44
N ASP A 186 31.57 -76.90 -8.49
CA ASP A 186 30.30 -77.28 -7.83
C ASP A 186 29.12 -77.12 -8.74
N ASN A 187 29.20 -76.21 -9.72
CA ASN A 187 28.03 -75.84 -10.49
C ASN A 187 28.15 -75.94 -12.02
N ALA A 188 29.16 -76.67 -12.50
CA ALA A 188 29.31 -76.94 -13.93
C ALA A 188 28.07 -77.65 -14.40
N GLY A 189 27.50 -77.16 -15.50
CA GLY A 189 26.29 -77.72 -16.07
C GLY A 189 25.05 -76.92 -15.73
N ASN A 190 25.13 -76.10 -14.68
CA ASN A 190 24.00 -75.28 -14.27
C ASN A 190 23.99 -73.94 -14.98
N MET A 191 22.86 -73.23 -14.87
CA MET A 191 22.69 -71.91 -15.41
C MET A 191 22.86 -70.90 -14.29
N ILE A 192 23.80 -69.98 -14.48
CA ILE A 192 23.86 -68.79 -13.66
C ILE A 192 23.38 -67.64 -14.53
N ARG A 193 22.19 -67.16 -14.20
CA ARG A 193 21.36 -66.38 -15.09
C ARG A 193 21.44 -66.97 -16.53
N ALA A 194 21.83 -66.17 -17.52
CA ALA A 194 21.83 -66.62 -18.91
C ALA A 194 23.08 -67.40 -19.31
N ASP A 195 24.05 -67.54 -18.42
CA ASP A 195 25.28 -68.29 -18.72
C ASP A 195 25.25 -69.75 -18.25
N HIS A 196 25.60 -70.66 -19.15
CA HIS A 196 25.73 -72.10 -18.88
C HIS A 196 27.15 -72.31 -18.39
N LEU A 197 27.29 -72.70 -17.12
CA LEU A 197 28.58 -72.81 -16.50
C LEU A 197 29.36 -74.00 -17.04
N SER A 198 30.60 -73.74 -17.43
CA SER A 198 31.54 -74.79 -17.85
C SER A 198 32.46 -75.16 -16.68
N GLN A 199 33.47 -75.98 -16.93
CA GLN A 199 34.45 -76.29 -15.91
C GLN A 199 35.55 -75.23 -15.84
N GLY A 200 35.38 -74.14 -16.57
CA GLY A 200 36.32 -73.05 -16.58
C GLY A 200 37.70 -73.49 -16.99
N GLN A 201 37.77 -74.26 -18.07
CA GLN A 201 39.03 -74.74 -18.61
C GLN A 201 39.65 -73.68 -19.52
N ILE A 202 40.97 -73.74 -19.66
CA ILE A 202 41.72 -72.82 -20.52
C ILE A 202 42.44 -73.52 -21.67
N ASN A 203 42.08 -74.78 -21.95
CA ASN A 203 42.66 -75.48 -23.11
C ASN A 203 42.31 -74.83 -24.45
N GLY A 204 41.30 -73.97 -24.46
CA GLY A 204 40.84 -73.29 -25.66
C GLY A 204 41.39 -71.88 -25.87
N PHE A 205 42.17 -71.36 -24.92
CA PHE A 205 42.70 -70.00 -25.02
C PHE A 205 43.96 -69.97 -25.90
N PRO A 206 44.27 -68.85 -26.55
CA PRO A 206 43.45 -67.64 -26.57
C PRO A 206 42.11 -67.80 -27.31
N THR A 207 41.13 -67.01 -26.87
CA THR A 207 39.72 -67.20 -27.16
C THR A 207 39.08 -65.98 -27.76
N TYR A 208 38.29 -66.16 -28.81
CA TYR A 208 37.55 -65.04 -29.36
C TYR A 208 36.22 -65.02 -28.62
N ARG A 209 35.97 -63.95 -27.88
CA ARG A 209 34.68 -63.79 -27.19
C ARG A 209 33.68 -63.01 -28.07
N LEU A 210 32.54 -63.62 -28.38
CA LEU A 210 31.55 -62.96 -29.25
C LEU A 210 31.07 -61.61 -28.70
N LYS A 211 30.96 -61.52 -27.38
CA LYS A 211 30.61 -60.29 -26.64
C LYS A 211 31.52 -59.11 -27.00
N ASP A 212 32.82 -59.36 -27.05
CA ASP A 212 33.83 -58.33 -27.18
C ASP A 212 34.28 -58.13 -28.63
N SER A 213 33.91 -59.06 -29.51
CA SER A 213 34.41 -59.08 -30.88
C SER A 213 35.95 -59.05 -30.93
N GLY A 214 36.59 -59.82 -30.05
CA GLY A 214 38.06 -59.83 -30.04
C GLY A 214 38.66 -60.95 -29.22
N MET A 215 39.98 -61.06 -29.25
CA MET A 215 40.67 -62.13 -28.52
C MET A 215 40.83 -61.77 -27.04
N VAL A 216 40.89 -62.80 -26.20
CA VAL A 216 41.07 -62.67 -24.78
C VAL A 216 42.08 -63.75 -24.35
N THR A 217 42.99 -63.39 -23.45
CA THR A 217 43.94 -64.35 -22.86
C THR A 217 43.41 -64.90 -21.56
N ALA A 218 43.97 -66.02 -21.11
CA ALA A 218 43.59 -66.57 -19.83
C ALA A 218 43.87 -65.57 -18.70
N GLN A 219 44.95 -64.80 -18.81
CA GLN A 219 45.31 -63.85 -17.77
C GLN A 219 44.22 -62.81 -17.64
N HIS A 220 43.69 -62.35 -18.77
CA HIS A 220 42.66 -61.33 -18.72
C HIS A 220 41.33 -61.91 -18.22
N ARG A 221 41.02 -63.15 -18.57
CA ARG A 221 39.82 -63.81 -18.07
C ARG A 221 39.81 -63.85 -16.54
N PHE A 222 40.91 -64.36 -15.98
CA PHE A 222 41.12 -64.40 -14.54
C PHE A 222 40.93 -63.06 -13.85
N VAL A 223 41.45 -61.99 -14.41
CA VAL A 223 41.28 -60.67 -13.82
C VAL A 223 39.81 -60.36 -13.54
N GLY A 224 39.00 -60.58 -14.58
CA GLY A 224 37.56 -60.39 -14.49
C GLY A 224 36.83 -61.36 -13.57
N CSS A 225 37.20 -62.64 -13.56
CA CSS A 225 36.56 -63.60 -12.70
CB CSS A 225 37.17 -64.97 -12.91
SG CSS A 225 37.01 -65.58 -14.58
SD CSS A 225 35.09 -66.08 -14.70
C CSS A 225 36.71 -63.25 -11.23
O CSS A 225 35.75 -63.40 -10.46
N VAL A 226 37.88 -62.81 -10.79
CA VAL A 226 37.97 -62.45 -9.39
C VAL A 226 37.35 -61.10 -9.07
N ARG A 227 37.46 -60.14 -9.98
CA ARG A 227 36.84 -58.84 -9.79
C ARG A 227 35.33 -58.97 -9.52
N ASP A 228 34.72 -59.87 -10.27
CA ASP A 228 33.28 -60.03 -10.28
C ASP A 228 32.73 -60.79 -9.06
N THR A 229 33.61 -61.27 -8.18
CA THR A 229 33.19 -61.68 -6.84
C THR A 229 33.06 -60.49 -5.87
N ARG A 230 33.12 -59.26 -6.38
CA ARG A 230 33.25 -58.05 -5.58
C ARG A 230 34.53 -58.07 -4.73
N ALA A 231 35.66 -58.29 -5.43
CA ALA A 231 37.00 -58.36 -4.82
C ALA A 231 37.98 -57.40 -5.47
N GLU A 232 39.07 -57.18 -4.73
CA GLU A 232 40.29 -56.62 -5.27
C GLU A 232 40.90 -57.71 -6.12
N THR A 233 41.08 -57.43 -7.40
CA THR A 233 41.57 -58.44 -8.32
C THR A 233 43.11 -58.38 -8.43
N PHE A 234 43.66 -59.32 -9.18
CA PHE A 234 45.09 -59.40 -9.39
C PHE A 234 45.40 -58.82 -10.75
N LYS A 235 46.66 -58.43 -10.91
CA LYS A 235 47.19 -57.97 -12.18
C LYS A 235 47.42 -59.13 -13.16
N ALA A 236 46.99 -58.95 -14.41
CA ALA A 236 47.34 -59.85 -15.48
C ALA A 236 48.88 -59.99 -15.56
N GLY A 237 49.35 -61.23 -15.57
CA GLY A 237 50.76 -61.55 -15.59
C GLY A 237 51.45 -61.49 -14.22
N SER A 238 50.70 -61.21 -13.18
CA SER A 238 51.23 -61.29 -11.80
C SER A 238 51.62 -62.72 -11.43
N ASP A 239 52.59 -62.83 -10.52
CA ASP A 239 53.07 -64.13 -10.05
C ASP A 239 51.93 -65.05 -9.64
N ASP A 240 50.96 -64.51 -8.90
CA ASP A 240 49.84 -65.32 -8.43
C ASP A 240 48.96 -65.81 -9.61
N PHE A 241 48.76 -64.97 -10.63
CA PHE A 241 47.97 -65.38 -11.80
C PHE A 241 48.76 -66.28 -12.76
N LYS A 242 50.10 -66.20 -12.71
CA LYS A 242 50.94 -67.17 -13.44
C LYS A 242 50.80 -68.52 -12.80
N ALA A 243 50.83 -68.55 -11.47
CA ALA A 243 50.56 -69.78 -10.73
C ALA A 243 49.16 -70.34 -10.97
N LEU A 244 48.15 -69.48 -11.00
CA LEU A 244 46.79 -69.87 -11.30
C LEU A 244 46.70 -70.45 -12.71
N GLU A 245 47.37 -69.82 -13.68
CA GLU A 245 47.35 -70.32 -15.06
C GLU A 245 47.95 -71.73 -15.16
N LEU A 246 49.01 -71.98 -14.38
CA LEU A 246 49.63 -73.31 -14.31
C LEU A 246 48.66 -74.33 -13.74
N TYR A 247 48.02 -73.96 -12.65
CA TYR A 247 47.10 -74.85 -11.98
C TYR A 247 45.87 -75.13 -12.86
N VAL A 248 45.27 -74.09 -13.44
CA VAL A 248 44.03 -74.23 -14.21
C VAL A 248 44.33 -74.98 -15.51
N ALA A 249 45.44 -74.68 -16.16
CA ALA A 249 45.86 -75.44 -17.33
C ALA A 249 45.87 -76.96 -17.08
N SER A 250 46.42 -77.36 -15.95
CA SER A 250 46.58 -78.77 -15.60
C SER A 250 45.24 -79.43 -15.32
N ARG A 251 44.21 -78.67 -14.93
CA ARG A 251 42.87 -79.24 -14.76
C ARG A 251 42.30 -79.76 -16.09
N GLY A 252 42.83 -79.31 -17.21
CA GLY A 252 42.43 -79.82 -18.51
C GLY A 252 43.44 -80.71 -19.19
N ASN A 253 44.42 -81.24 -18.44
CA ASN A 253 45.37 -82.20 -18.99
C ASN A 253 44.63 -83.36 -19.64
N GLY A 254 44.95 -83.62 -20.91
CA GLY A 254 44.29 -84.68 -21.68
C GLY A 254 43.38 -84.12 -22.75
N LEU A 255 42.73 -83.00 -22.48
CA LEU A 255 41.99 -82.29 -23.52
C LEU A 255 42.99 -81.77 -24.57
N SER A 256 42.53 -81.59 -25.80
CA SER A 256 43.37 -81.00 -26.82
C SER A 256 43.47 -79.48 -26.68
N VAL A 257 44.63 -78.99 -27.08
CA VAL A 257 44.77 -77.60 -27.39
C VAL A 257 43.82 -77.29 -28.55
N GLU A 258 42.88 -76.38 -28.37
CA GLU A 258 41.94 -76.02 -29.43
C GLU A 258 42.56 -75.09 -30.48
N GLY A 259 43.67 -74.44 -30.12
CA GLY A 259 44.31 -73.43 -30.96
C GLY A 259 43.77 -72.08 -30.60
N VAL A 260 42.71 -71.65 -31.28
CA VAL A 260 41.97 -70.46 -30.89
C VAL A 260 40.48 -70.80 -30.87
N SER A 261 39.88 -70.71 -29.69
CA SER A 261 38.52 -71.17 -29.51
C SER A 261 37.54 -70.03 -29.69
N VAL A 262 36.25 -70.36 -29.81
CA VAL A 262 35.18 -69.35 -29.83
C VAL A 262 34.22 -69.61 -28.70
N ARG A 263 33.95 -68.55 -27.94
CA ARG A 263 33.04 -68.59 -26.78
C ARG A 263 32.15 -67.34 -26.82
N HIS A 264 31.14 -67.24 -25.93
CA HIS A 264 30.36 -66.00 -25.77
C HIS A 264 31.26 -64.92 -25.17
N CYS B 1 17.80 -46.16 14.12
CA CYS B 1 16.62 -47.05 13.78
C CYS B 1 16.74 -48.00 12.53
N GLU B 2 17.83 -48.78 12.66
CA GLU B 2 18.27 -49.89 11.84
C GLU B 2 19.10 -50.73 12.82
N THR B 3 19.03 -52.06 12.75
CA THR B 3 20.13 -52.84 13.33
C THR B 3 21.20 -53.10 12.27
N ALA B 4 22.41 -52.66 12.61
CA ALA B 4 23.54 -52.65 11.72
C ALA B 4 23.99 -54.09 11.45
N PRO B 5 24.66 -54.33 10.32
CA PRO B 5 25.11 -55.70 9.99
C PRO B 5 25.81 -56.44 11.14
N LYS B 6 26.76 -55.81 11.83
CA LYS B 6 27.52 -56.50 12.89
C LYS B 6 26.72 -56.69 14.19
N GLU B 7 25.60 -55.98 14.33
CA GLU B 7 24.74 -56.09 15.51
C GLU B 7 23.63 -57.13 15.38
N VAL B 8 23.43 -57.68 14.18
CA VAL B 8 22.38 -58.67 13.95
C VAL B 8 22.63 -59.92 14.82
N VAL B 9 21.55 -60.44 15.41
CA VAL B 9 21.57 -61.62 16.27
C VAL B 9 20.88 -62.77 15.55
N TYR B 10 21.69 -63.74 15.17
CA TYR B 10 21.20 -64.96 14.55
C TYR B 10 21.14 -66.07 15.61
N VAL B 11 19.98 -66.72 15.68
CA VAL B 11 19.76 -67.89 16.53
C VAL B 11 19.30 -69.01 15.60
N GLU B 12 20.14 -70.04 15.45
CA GLU B 12 19.91 -71.12 14.48
C GLU B 12 19.57 -70.53 13.10
N GLY B 13 20.30 -69.47 12.74
CA GLY B 13 20.12 -68.76 11.47
C GLY B 13 19.03 -67.70 11.44
N ALA B 14 18.06 -67.76 12.35
CA ALA B 14 16.89 -66.90 12.37
C ALA B 14 17.18 -65.54 12.99
N VAL B 15 16.49 -64.51 12.50
CA VAL B 15 16.61 -63.16 13.07
C VAL B 15 15.21 -62.71 13.45
N GLU B 16 14.94 -62.67 14.74
CA GLU B 16 13.57 -62.48 15.24
C GLU B 16 13.08 -61.06 15.04
N ALA B 17 13.98 -60.09 15.15
CA ALA B 17 13.60 -58.67 15.15
C ALA B 17 13.81 -58.00 13.77
N SER B 18 12.87 -57.12 13.41
CA SER B 18 12.98 -56.32 12.19
C SER B 18 14.29 -55.59 12.20
N LEU B 19 14.95 -55.59 11.05
CA LEU B 19 16.20 -54.88 10.87
C LEU B 19 16.00 -53.36 10.85
N THR B 20 14.77 -52.90 10.60
CA THR B 20 14.46 -51.47 10.53
C THR B 20 13.36 -50.95 11.47
N GLY B 21 12.46 -51.81 11.90
CA GLY B 21 11.24 -51.37 12.57
C GLY B 21 10.10 -50.94 11.65
N ALA B 22 10.32 -51.04 10.34
CA ALA B 22 9.32 -50.60 9.39
C ALA B 22 8.86 -51.81 8.59
N PRO B 23 7.58 -51.90 8.29
CA PRO B 23 7.06 -53.04 7.51
C PRO B 23 7.76 -53.17 6.17
N GLY B 24 8.08 -54.39 5.73
CA GLY B 24 8.42 -54.67 4.35
C GLY B 24 7.34 -54.39 3.29
N ASN B 25 7.81 -53.89 2.16
CA ASN B 25 6.98 -53.58 1.02
C ASN B 25 7.28 -54.67 -0.03
N PRO B 26 6.37 -55.62 -0.21
CA PRO B 26 6.65 -56.77 -1.10
C PRO B 26 6.85 -56.42 -2.58
N GLU B 27 6.15 -55.41 -3.09
CA GLU B 27 6.33 -55.02 -4.49
C GLU B 27 7.77 -54.54 -4.71
N GLU B 28 8.30 -53.77 -3.75
CA GLU B 28 9.71 -53.35 -3.80
C GLU B 28 10.59 -54.57 -3.63
N GLY B 29 10.24 -55.48 -2.74
CA GLY B 29 10.90 -56.78 -2.66
C GLY B 29 11.10 -57.45 -4.03
N VAL B 30 10.05 -57.48 -4.85
CA VAL B 30 10.16 -58.10 -6.15
C VAL B 30 11.22 -57.36 -7.01
N ARG B 31 11.16 -56.04 -6.99
CA ARG B 31 12.11 -55.24 -7.76
C ARG B 31 13.54 -55.56 -7.33
N ILE B 32 13.76 -55.59 -6.02
CA ILE B 32 15.07 -55.87 -5.46
C ILE B 32 15.55 -57.25 -5.91
N MET B 33 14.66 -58.24 -5.90
CA MET B 33 15.02 -59.61 -6.18
C MET B 33 15.36 -59.86 -7.65
N THR B 34 14.92 -58.96 -8.53
CA THR B 34 15.01 -59.18 -9.98
C THR B 34 15.84 -58.11 -10.69
N THR B 35 16.58 -57.34 -9.87
CA THR B 35 17.46 -56.32 -10.39
C THR B 35 18.90 -56.78 -10.14
N ASN B 36 19.72 -56.77 -11.20
CA ASN B 36 21.05 -57.37 -11.15
C ASN B 36 22.00 -56.79 -10.07
N ALA B 37 21.91 -55.50 -9.83
CA ALA B 37 22.85 -54.86 -8.93
C ALA B 37 22.33 -54.89 -7.51
N LEU B 38 21.13 -55.40 -7.31
CA LEU B 38 20.56 -55.47 -5.97
C LEU B 38 20.56 -56.93 -5.48
N GLY B 39 19.41 -57.57 -5.35
CA GLY B 39 19.35 -58.93 -4.85
C GLY B 39 19.89 -59.95 -5.82
N ASN B 40 19.58 -59.74 -7.11
CA ASN B 40 20.02 -60.61 -8.18
C ASN B 40 19.72 -62.08 -7.88
N CYS B 41 18.61 -62.30 -7.16
CA CYS B 41 18.21 -63.62 -6.67
C CYS B 41 17.97 -64.60 -7.82
N VAL B 42 17.41 -64.09 -8.89
CA VAL B 42 17.09 -64.86 -10.08
C VAL B 42 18.31 -65.33 -10.86
N ALA B 43 19.52 -64.89 -10.52
CA ALA B 43 20.72 -65.44 -11.13
C ALA B 43 20.87 -66.89 -10.72
N CYS B 44 20.45 -67.22 -9.50
CA CYS B 44 20.57 -68.58 -8.96
C CYS B 44 19.24 -69.34 -8.80
N HIS B 45 18.15 -68.63 -8.54
CA HIS B 45 16.81 -69.20 -8.26
C HIS B 45 15.77 -68.84 -9.31
N GLN B 46 14.97 -69.83 -9.69
CA GLN B 46 13.75 -69.57 -10.44
C GLN B 46 12.69 -69.04 -9.48
N ILE B 47 11.80 -68.20 -9.99
CA ILE B 47 10.63 -67.76 -9.26
C ILE B 47 9.43 -67.90 -10.18
N GLY B 48 8.72 -69.01 -10.04
CA GLY B 48 7.56 -69.29 -10.88
C GLY B 48 6.47 -68.23 -10.81
N ALA B 49 6.32 -67.62 -9.65
CA ALA B 49 5.35 -66.53 -9.47
C ALA B 49 5.69 -65.29 -10.30
N LEU B 50 6.91 -65.20 -10.81
CA LEU B 50 7.27 -64.06 -11.66
C LEU B 50 7.64 -64.58 -13.06
N PRO B 51 6.65 -64.87 -13.91
CA PRO B 51 6.89 -65.51 -15.22
C PRO B 51 7.60 -64.62 -16.27
N ASP B 52 7.64 -63.33 -16.04
CA ASP B 52 8.23 -62.45 -17.05
C ASP B 52 9.72 -62.21 -16.86
N VAL B 53 10.30 -62.72 -15.76
CA VAL B 53 11.74 -62.58 -15.60
C VAL B 53 12.41 -63.63 -16.45
N GLU B 54 13.34 -63.17 -17.24
CA GLU B 54 13.96 -64.06 -18.19
C GLU B 54 15.29 -64.60 -17.65
N PHE B 55 15.70 -65.75 -18.19
CA PHE B 55 16.93 -66.45 -17.82
C PHE B 55 17.17 -66.67 -16.34
N PRO B 56 16.17 -67.23 -15.64
CA PRO B 56 16.36 -67.61 -14.22
C PRO B 56 17.37 -68.73 -14.12
N GLY B 57 18.18 -68.73 -13.07
CA GLY B 57 19.23 -69.71 -12.91
C GLY B 57 18.70 -71.04 -12.40
N THR B 58 19.59 -72.02 -12.35
CA THR B 58 19.26 -73.37 -11.85
C THR B 58 20.29 -73.80 -10.83
N ILE B 59 20.92 -72.83 -10.19
CA ILE B 59 21.90 -73.10 -9.14
C ILE B 59 21.21 -73.72 -7.91
N ALA B 60 20.06 -73.17 -7.56
CA ALA B 60 19.33 -73.63 -6.39
C ALA B 60 17.87 -73.77 -6.73
N PRO B 61 17.13 -74.55 -5.91
CA PRO B 61 15.70 -74.75 -6.14
C PRO B 61 14.88 -73.45 -6.22
N PRO B 62 13.76 -73.48 -6.92
CA PRO B 62 12.89 -72.30 -7.02
C PRO B 62 12.48 -71.77 -5.66
N LEU B 63 12.15 -70.48 -5.63
CA LEU B 63 11.77 -69.79 -4.40
C LEU B 63 10.28 -69.97 -4.11
N ASP B 64 9.53 -70.50 -5.05
CA ASP B 64 8.11 -70.69 -4.81
C ASP B 64 7.97 -71.61 -3.63
N GLY B 65 7.05 -71.25 -2.73
CA GLY B 65 6.80 -72.04 -1.53
C GLY B 65 7.71 -71.73 -0.36
N ALA B 66 8.67 -70.81 -0.49
CA ALA B 66 9.54 -70.52 0.66
C ALA B 66 8.74 -69.89 1.81
N GLY B 67 7.62 -69.25 1.49
CA GLY B 67 6.71 -68.70 2.48
C GLY B 67 6.09 -69.78 3.38
N ASP B 68 6.05 -71.02 2.88
CA ASP B 68 5.58 -72.20 3.62
C ASP B 68 6.68 -72.92 4.40
N ARG B 69 7.91 -72.86 3.89
CA ARG B 69 9.02 -73.64 4.42
C ARG B 69 9.70 -72.95 5.60
N TRP B 70 9.55 -71.63 5.67
CA TRP B 70 10.26 -70.82 6.66
C TRP B 70 9.34 -69.78 7.28
N THR B 71 9.61 -69.45 8.54
CA THR B 71 8.94 -68.33 9.19
C THR B 71 9.57 -67.04 8.69
N GLU B 72 8.87 -65.93 8.87
CA GLU B 72 9.43 -64.61 8.65
C GLU B 72 10.85 -64.48 9.21
N ALA B 73 11.07 -64.91 10.44
CA ALA B 73 12.37 -64.72 11.10
C ALA B 73 13.46 -65.54 10.44
N GLN B 74 13.11 -66.75 10.06
CA GLN B 74 14.07 -67.58 9.32
C GLN B 74 14.43 -66.92 7.98
N LEU B 75 13.42 -66.39 7.28
CA LEU B 75 13.63 -65.82 5.97
C LEU B 75 14.54 -64.60 6.11
N ARG B 76 14.36 -63.80 7.16
CA ARG B 76 15.19 -62.61 7.38
C ARG B 76 16.65 -63.00 7.53
N GLY B 77 16.89 -64.01 8.36
CA GLY B 77 18.22 -64.50 8.59
C GLY B 77 18.87 -65.10 7.35
N ILE B 78 18.09 -65.76 6.49
CA ILE B 78 18.60 -66.36 5.24
C ILE B 78 18.98 -65.26 4.23
N VAL B 79 18.12 -64.26 4.09
CA VAL B 79 18.43 -63.11 3.21
C VAL B 79 19.63 -62.31 3.70
N ALA B 80 19.67 -61.98 4.99
CA ALA B 80 20.75 -61.20 5.58
C ALA B 80 22.07 -61.96 5.53
N ASN B 81 22.03 -63.23 5.90
CA ASN B 81 23.25 -64.03 5.84
C ASN B 81 22.94 -65.53 5.86
N ALA B 82 22.86 -66.13 4.67
CA ALA B 82 22.40 -67.49 4.52
C ALA B 82 23.38 -68.48 5.09
N LYS B 83 24.65 -68.10 5.19
CA LYS B 83 25.69 -68.91 5.83
C LYS B 83 25.42 -69.26 7.29
N MET B 84 24.51 -68.53 7.94
CA MET B 84 24.18 -68.82 9.35
C MET B 84 23.10 -69.89 9.47
N THR B 85 22.50 -70.24 8.34
CA THR B 85 21.53 -71.33 8.25
C THR B 85 22.18 -72.54 7.55
N PHE B 86 22.85 -72.29 6.42
CA PHE B 86 23.46 -73.35 5.60
C PHE B 86 24.96 -73.12 5.53
N GLU B 87 25.71 -73.80 6.38
CA GLU B 87 27.15 -73.57 6.51
C GLU B 87 27.86 -73.77 5.18
N GLY B 88 28.73 -72.82 4.82
CA GLY B 88 29.49 -72.86 3.58
C GLY B 88 28.70 -72.67 2.29
N THR B 89 27.45 -72.22 2.37
CA THR B 89 26.61 -72.11 1.19
C THR B 89 27.18 -71.14 0.14
N PHE B 90 26.85 -71.42 -1.11
CA PHE B 90 27.28 -70.61 -2.26
C PHE B 90 26.49 -69.31 -2.24
N MET B 91 25.30 -69.31 -1.64
CA MET B 91 24.49 -68.10 -1.50
C MET B 91 25.29 -67.03 -0.74
N PRO B 92 25.51 -65.87 -1.33
CA PRO B 92 26.24 -64.81 -0.64
C PRO B 92 25.34 -64.15 0.41
N ALA B 93 25.97 -63.46 1.37
CA ALA B 93 25.29 -62.76 2.46
C ALA B 93 24.98 -61.38 1.98
N PHE B 94 23.72 -60.99 2.08
CA PHE B 94 23.30 -59.69 1.60
C PHE B 94 23.39 -58.57 2.63
N TYR B 95 23.72 -58.91 3.87
CA TYR B 95 23.83 -57.91 4.95
C TYR B 95 25.10 -58.17 5.77
N LYS B 96 26.24 -58.15 5.08
CA LYS B 96 27.53 -58.48 5.64
C LYS B 96 28.55 -57.50 5.14
N VAL B 97 29.43 -57.05 6.02
CA VAL B 97 30.29 -55.93 5.69
C VAL B 97 31.76 -56.17 5.88
N ASP B 98 32.13 -57.29 6.50
CA ASP B 98 33.55 -57.57 6.71
C ASP B 98 33.82 -59.06 6.85
N GLY B 99 35.08 -59.42 7.03
CA GLY B 99 35.51 -60.81 7.13
C GLY B 99 35.76 -61.44 5.75
N PHE B 100 36.08 -60.59 4.77
CA PHE B 100 36.28 -61.07 3.40
C PHE B 100 37.75 -61.22 3.06
N VAL B 101 37.99 -62.02 2.03
CA VAL B 101 39.31 -62.17 1.47
C VAL B 101 39.40 -61.29 0.21
N ARG B 102 40.37 -60.37 0.22
CA ARG B 102 40.52 -59.37 -0.82
C ARG B 102 39.24 -58.60 -1.05
N PRO B 103 38.74 -57.91 -0.01
CA PRO B 103 37.50 -57.19 -0.16
C PRO B 103 37.63 -56.15 -1.26
N GLY B 104 36.61 -56.07 -2.10
CA GLY B 104 36.63 -55.17 -3.23
C GLY B 104 35.75 -53.95 -3.05
N ASP B 105 35.98 -52.94 -3.88
CA ASP B 105 35.14 -51.74 -3.92
C ASP B 105 34.19 -51.93 -5.10
N GLY B 106 32.98 -52.41 -4.81
CA GLY B 106 32.03 -52.73 -5.86
C GLY B 106 32.63 -53.74 -6.84
N PHE B 107 32.48 -53.47 -8.13
CA PHE B 107 33.04 -54.30 -9.18
C PHE B 107 34.23 -53.62 -9.84
N SER B 108 34.84 -52.67 -9.14
CA SER B 108 35.96 -51.91 -9.71
C SER B 108 37.24 -52.75 -9.83
N GLY B 109 37.31 -53.82 -9.06
CA GLY B 109 38.54 -54.54 -8.94
C GLY B 109 39.57 -53.91 -8.01
N LYS B 110 39.22 -52.80 -7.38
CA LYS B 110 40.11 -52.13 -6.42
C LYS B 110 39.75 -52.54 -4.99
N ALA B 111 40.70 -52.34 -4.09
CA ALA B 111 40.50 -52.65 -2.70
C ALA B 111 39.40 -51.75 -2.14
N GLY B 112 38.54 -52.36 -1.36
CA GLY B 112 37.52 -51.66 -0.58
C GLY B 112 37.84 -51.86 0.89
N ALA B 113 37.84 -50.75 1.64
CA ALA B 113 38.10 -50.76 3.09
C ALA B 113 36.89 -51.31 3.82
N GLU B 114 37.10 -52.35 4.60
CA GLU B 114 36.06 -52.84 5.46
C GLU B 114 35.92 -51.87 6.62
N PRO B 115 34.71 -51.66 7.15
CA PRO B 115 33.49 -52.31 6.68
C PRO B 115 33.01 -51.74 5.37
N LEU B 116 32.63 -52.65 4.48
CA LEU B 116 31.97 -52.33 3.23
C LEU B 116 30.51 -51.95 3.45
N ALA B 117 29.92 -51.22 2.51
CA ALA B 117 28.47 -51.18 2.42
C ALA B 117 27.95 -52.61 2.21
N PRO B 118 26.86 -52.97 2.87
CA PRO B 118 26.27 -54.29 2.62
C PRO B 118 25.65 -54.28 1.22
N ILE B 119 25.49 -55.44 0.61
CA ILE B 119 24.97 -55.49 -0.76
C ILE B 119 23.55 -54.92 -0.81
N LEU B 120 22.72 -55.29 0.15
CA LEU B 120 21.41 -54.71 0.32
C LEU B 120 21.36 -53.92 1.64
N ASN B 121 20.64 -52.80 1.67
CA ASN B 121 20.44 -52.08 2.93
C ASN B 121 19.34 -52.78 3.78
N ALA B 122 19.10 -52.33 4.99
CA ALA B 122 18.21 -53.05 5.94
C ALA B 122 16.77 -53.11 5.49
N GLN B 123 16.25 -52.00 4.95
CA GLN B 123 14.88 -51.96 4.47
C GLN B 123 14.72 -52.83 3.23
N GLN B 124 15.75 -52.89 2.38
CA GLN B 124 15.71 -53.77 1.20
C GLN B 124 15.54 -55.23 1.63
N ILE B 125 16.26 -55.62 2.68
CA ILE B 125 16.13 -56.97 3.23
C ILE B 125 14.68 -57.19 3.68
N GLU B 126 14.11 -56.23 4.41
CA GLU B 126 12.76 -56.37 4.93
C GLU B 126 11.74 -56.47 3.80
N ASP B 127 11.99 -55.72 2.72
CA ASP B 127 11.17 -55.72 1.53
C ASP B 127 11.20 -57.08 0.80
N VAL B 128 12.38 -57.69 0.75
CA VAL B 128 12.55 -58.99 0.12
C VAL B 128 11.82 -60.04 0.98
N VAL B 129 12.05 -60.00 2.29
CA VAL B 129 11.38 -60.90 3.23
C VAL B 129 9.85 -60.86 3.10
N ALA B 130 9.29 -59.66 2.99
CA ALA B 130 7.85 -59.49 2.92
C ALA B 130 7.29 -60.16 1.67
N PHE B 131 8.07 -60.14 0.59
CA PHE B 131 7.65 -60.84 -0.60
C PHE B 131 7.78 -62.35 -0.41
N LEU B 132 8.88 -62.80 0.19
CA LEU B 132 9.11 -64.23 0.39
C LEU B 132 8.01 -64.86 1.24
N VAL B 133 7.48 -64.10 2.19
CA VAL B 133 6.40 -64.60 3.05
C VAL B 133 5.14 -64.90 2.22
N THR B 134 4.90 -64.19 1.11
CA THR B 134 3.71 -64.40 0.30
C THR B 134 3.78 -65.64 -0.59
N LEU B 135 4.97 -66.23 -0.72
CA LEU B 135 5.18 -67.33 -1.66
C LEU B 135 4.72 -68.62 -1.00
N LYS B 136 3.42 -68.85 -1.07
CA LYS B 136 2.78 -69.97 -0.41
C LYS B 136 2.10 -70.89 -1.41
N GLU B 137 1.87 -72.12 -0.98
CA GLU B 137 0.98 -73.08 -1.65
C GLU B 137 1.59 -73.64 -2.94
N ASP C 1 30.21 7.62 1.24
CA ASP C 1 31.39 8.28 0.58
C ASP C 1 31.39 9.80 0.44
N PRO C 2 30.23 10.44 0.36
CA PRO C 2 30.21 11.90 0.50
C PRO C 2 30.79 12.29 1.87
N VAL C 3 31.64 13.30 1.89
CA VAL C 3 32.17 13.87 3.12
C VAL C 3 31.06 14.57 3.92
N GLU C 4 31.16 14.56 5.24
CA GLU C 4 30.29 15.39 6.08
C GLU C 4 30.92 16.78 6.18
N ASP C 5 30.23 17.78 5.64
CA ASP C 5 30.75 19.15 5.64
C ASP C 5 29.59 20.08 5.38
N GLY C 6 29.74 21.37 5.67
CA GLY C 6 28.74 22.34 5.32
C GLY C 6 29.33 23.45 4.49
N LEU C 7 28.53 23.98 3.57
CA LEU C 7 28.95 25.07 2.70
C LEU C 7 28.16 26.35 3.00
N VAL C 8 28.87 27.34 3.53
CA VAL C 8 28.36 28.71 3.70
C VAL C 8 29.36 29.62 3.02
N ILE C 9 28.93 30.33 1.99
CA ILE C 9 29.84 31.12 1.14
C ILE C 9 30.01 32.52 1.69
N GLU C 10 31.27 32.95 1.91
CA GLU C 10 31.54 34.35 2.22
C GLU C 10 31.39 35.17 0.95
N THR C 11 30.57 36.22 1.00
CA THR C 11 30.37 37.09 -0.15
C THR C 11 30.45 38.54 0.27
N ASP C 12 30.40 39.44 -0.72
CA ASP C 12 30.50 40.88 -0.46
C ASP C 12 29.18 41.45 0.06
N SER C 13 28.12 40.65 0.10
CA SER C 13 26.90 41.05 0.80
C SER C 13 26.46 40.04 1.91
N GLY C 14 27.44 39.42 2.57
CA GLY C 14 27.17 38.53 3.70
C GLY C 14 27.18 37.03 3.36
N PRO C 15 27.14 36.20 4.40
CA PRO C 15 27.19 34.74 4.24
C PRO C 15 26.00 34.21 3.43
N VAL C 16 26.20 33.30 2.48
CA VAL C 16 25.04 32.57 1.96
C VAL C 16 25.13 31.07 2.15
N GLU C 17 24.13 30.56 2.82
CA GLU C 17 24.01 29.14 3.10
C GLU C 17 23.61 28.39 1.82
N ILE C 18 24.34 27.32 1.53
CA ILE C 18 24.05 26.41 0.43
C ILE C 18 23.65 25.07 1.01
N VAL C 19 22.42 24.65 0.70
CA VAL C 19 21.97 23.31 1.03
C VAL C 19 22.64 22.33 0.05
N THR C 20 23.51 21.49 0.57
CA THR C 20 24.28 20.54 -0.24
C THR C 20 23.88 19.10 0.04
N LYS C 21 22.98 18.92 0.98
CA LYS C 21 22.56 17.59 1.42
C LYS C 21 21.13 17.72 1.85
N THR C 22 20.24 16.90 1.31
CA THR C 22 18.84 17.01 1.66
C THR C 22 18.08 15.75 1.24
N ALA C 23 16.83 15.67 1.66
CA ALA C 23 15.98 14.56 1.28
C ALA C 23 15.68 14.66 -0.23
N PRO C 24 15.63 13.53 -0.95
CA PRO C 24 15.40 13.57 -2.39
C PRO C 24 13.99 14.01 -2.73
N PRO C 25 13.76 14.42 -3.97
CA PRO C 25 12.40 14.65 -4.43
C PRO C 25 11.67 13.28 -4.34
N ALA C 26 10.35 13.29 -4.30
CA ALA C 26 9.57 12.09 -4.03
C ALA C 26 9.84 10.98 -5.07
N PHE C 27 9.99 11.32 -6.35
CA PHE C 27 10.26 10.32 -7.39
C PHE C 27 11.58 9.58 -7.19
N LEU C 28 12.48 10.14 -6.39
CA LEU C 28 13.76 9.50 -6.11
C LEU C 28 13.82 8.87 -4.72
N ALA C 29 12.74 8.93 -3.95
CA ALA C 29 12.69 8.42 -2.56
C ALA C 29 13.15 6.97 -2.41
N ASP C 30 12.80 6.15 -3.40
CA ASP C 30 13.14 4.71 -3.45
C ASP C 30 14.57 4.40 -3.90
N THR C 31 15.25 5.41 -4.44
CA THR C 31 16.57 5.29 -5.06
C THR C 31 17.69 5.73 -4.13
N PHE C 32 17.52 6.88 -3.51
CA PHE C 32 18.48 7.45 -2.56
C PHE C 32 17.80 7.77 -1.23
N ASP C 33 18.52 7.57 -0.12
CA ASP C 33 18.16 8.13 1.18
C ASP C 33 18.31 9.66 1.18
N THR C 34 19.34 10.13 0.47
CA THR C 34 19.73 11.53 0.51
C THR C 34 20.31 11.97 -0.84
N ILE C 35 19.99 13.18 -1.28
CA ILE C 35 20.67 13.73 -2.44
C ILE C 35 21.74 14.70 -1.98
N TYR C 36 22.84 14.73 -2.72
CA TYR C 36 24.01 15.53 -2.43
C TYR C 36 24.49 16.33 -3.62
N SER C 37 24.91 17.55 -3.34
CA SER C 37 25.76 18.28 -4.25
C SER C 37 27.06 17.52 -4.55
N GLY C 38 27.53 17.65 -5.79
CA GLY C 38 28.84 17.14 -6.18
C GLY C 38 29.99 17.71 -5.34
N TRP C 39 29.75 18.86 -4.70
CA TRP C 39 30.67 19.42 -3.73
C TRP C 39 31.10 18.42 -2.66
N HIS C 40 30.16 17.61 -2.15
CA HIS C 40 30.46 16.59 -1.12
C HIS C 40 31.42 15.50 -1.55
N PHE C 41 31.66 15.35 -2.84
CA PHE C 41 32.51 14.30 -3.37
C PHE C 41 33.93 14.78 -3.73
N ARG C 42 34.25 16.03 -3.44
CA ARG C 42 35.52 16.61 -3.87
C ARG C 42 36.43 16.66 -2.67
N ASP C 43 37.73 16.78 -2.90
CA ASP C 43 38.70 16.84 -1.80
C ASP C 43 38.61 18.20 -1.15
N ASP C 44 39.23 18.36 0.01
CA ASP C 44 39.06 19.61 0.74
C ASP C 44 39.60 20.83 0.02
N SER C 45 40.75 20.74 -0.62
CA SER C 45 41.26 21.95 -1.30
C SER C 45 40.27 22.42 -2.39
N THR C 46 39.60 21.49 -3.05
CA THR C 46 38.61 21.86 -4.06
C THR C 46 37.32 22.44 -3.43
N ARG C 47 36.83 21.80 -2.38
CA ARG C 47 35.66 22.27 -1.66
C ARG C 47 35.88 23.68 -1.12
N ASP C 48 37.10 23.96 -0.66
CA ASP C 48 37.45 25.29 -0.16
C ASP C 48 37.30 26.38 -1.19
N LEU C 49 37.51 26.07 -2.47
CA LEU C 49 37.47 27.09 -3.53
C LEU C 49 36.06 27.66 -3.75
N GLU C 50 35.06 26.89 -3.33
CA GLU C 50 33.68 27.34 -3.45
C GLU C 50 33.24 28.11 -2.20
N ARG C 51 34.04 28.12 -1.13
CA ARG C 51 33.61 28.67 0.18
C ARG C 51 33.61 30.18 0.27
N ASP C 52 34.27 30.87 -0.66
CA ASP C 52 34.13 32.32 -0.73
C ASP C 52 34.40 32.87 -2.08
N ASP C 53 33.70 33.95 -2.40
CA ASP C 53 33.73 34.49 -3.77
C ASP C 53 35.11 34.99 -4.17
N PHE C 54 35.86 35.50 -3.19
CA PHE C 54 37.19 36.03 -3.46
C PHE C 54 38.13 34.96 -4.07
N ASP C 55 38.10 33.72 -3.55
CA ASP C 55 38.92 32.56 -3.98
C ASP C 55 38.28 31.74 -5.15
N ASN C 56 37.00 31.93 -5.44
CA ASN C 56 36.28 31.08 -6.41
C ASN C 56 36.56 31.56 -7.84
N PRO C 57 37.29 30.78 -8.65
CA PRO C 57 37.71 31.27 -9.97
C PRO C 57 36.55 31.51 -10.95
N ALA C 58 35.41 30.88 -10.71
CA ALA C 58 34.23 31.10 -11.54
C ALA C 58 33.76 32.55 -11.51
N MET C 59 34.03 33.24 -10.41
CA MET C 59 33.53 34.60 -10.22
C MET C 59 34.12 35.56 -11.22
N VAL C 60 35.30 35.25 -11.75
CA VAL C 60 35.87 36.02 -12.86
C VAL C 60 34.92 36.08 -14.07
N PHE C 61 34.28 34.96 -14.38
CA PHE C 61 33.41 34.88 -15.53
C PHE C 61 32.03 35.44 -15.27
N VAL C 62 31.55 35.32 -14.02
CA VAL C 62 30.38 36.11 -13.59
C VAL C 62 30.61 37.61 -13.83
N ASP C 63 31.78 38.11 -13.42
CA ASP C 63 32.13 39.51 -13.54
C ASP C 63 32.17 39.91 -15.01
N ARG C 64 32.72 39.05 -15.85
CA ARG C 64 32.80 39.32 -17.28
C ARG C 64 31.40 39.25 -17.91
N GLY C 65 30.57 38.33 -17.43
CA GLY C 65 29.16 38.28 -17.81
C GLY C 65 28.48 39.62 -17.57
N LEU C 66 28.76 40.21 -16.41
CA LEU C 66 28.22 41.51 -16.06
C LEU C 66 28.63 42.60 -17.07
N ASP C 67 29.90 42.64 -17.43
CA ASP C 67 30.39 43.54 -18.48
C ASP C 67 29.65 43.31 -19.81
N LYS C 68 29.35 42.06 -20.13
CA LYS C 68 28.64 41.75 -21.36
C LYS C 68 27.16 42.14 -21.26
N TRP C 69 26.55 41.91 -20.10
CA TRP C 69 25.19 42.33 -19.81
C TRP C 69 25.01 43.86 -20.01
N ASN C 70 26.04 44.62 -19.62
CA ASN C 70 26.02 46.07 -19.67
C ASN C 70 26.53 46.63 -21.01
N ALA C 71 27.04 45.78 -21.89
CA ALA C 71 27.71 46.23 -23.12
C ALA C 71 26.75 46.53 -24.28
N ALA C 72 27.05 47.60 -25.02
CA ALA C 72 26.27 47.98 -26.21
C ALA C 72 26.61 47.09 -27.40
N MET C 73 26.19 45.83 -27.33
CA MET C 73 26.57 44.76 -28.26
C MET C 73 25.63 44.66 -29.44
N GLY C 74 24.43 45.21 -29.29
CA GLY C 74 23.42 45.08 -30.33
C GLY C 74 23.76 45.90 -31.55
N VAL C 75 23.15 45.54 -32.68
CA VAL C 75 23.35 46.24 -33.96
C VAL C 75 23.06 47.74 -33.83
N ASN C 76 22.07 48.10 -33.01
CA ASN C 76 21.79 49.51 -32.71
C ASN C 76 22.19 49.94 -31.29
N GLY C 77 23.27 49.37 -30.78
CA GLY C 77 23.76 49.68 -29.44
C GLY C 77 22.96 49.12 -28.26
N GLU C 78 22.07 48.17 -28.52
CA GLU C 78 21.27 47.59 -27.45
C GLU C 78 22.17 46.80 -26.50
N SER C 79 21.86 46.86 -25.22
CA SER C 79 22.47 45.99 -24.21
C SER C 79 21.35 45.22 -23.50
N CYS C 80 21.70 44.14 -22.81
CA CYS C 80 20.72 43.47 -21.92
C CYS C 80 20.16 44.48 -20.95
N ALA C 81 21.04 45.31 -20.41
CA ALA C 81 20.65 46.25 -19.37
C ALA C 81 19.65 47.29 -19.88
N SER C 82 19.72 47.62 -21.15
CA SER C 82 18.88 48.67 -21.72
C SER C 82 17.38 48.28 -21.63
N CYS C 83 17.09 46.98 -21.64
CA CYS C 83 15.72 46.52 -21.35
C CYS C 83 15.48 45.95 -19.96
N HIS C 84 16.45 45.25 -19.40
CA HIS C 84 16.20 44.47 -18.18
C HIS C 84 16.73 45.14 -16.91
N GLN C 85 17.37 46.29 -17.10
CA GLN C 85 18.06 46.99 -16.02
C GLN C 85 19.14 46.09 -15.42
N GLY C 86 19.32 46.03 -14.10
CA GLY C 86 20.39 45.24 -13.53
C GLY C 86 20.05 43.75 -13.57
N PRO C 87 21.05 42.87 -13.44
CA PRO C 87 20.84 41.43 -13.64
C PRO C 87 19.98 40.79 -12.58
N GLU C 88 19.76 41.48 -11.47
CA GLU C 88 18.80 41.04 -10.44
C GLU C 88 17.37 40.91 -10.99
N SER C 89 17.09 41.56 -12.13
CA SER C 89 15.86 41.31 -12.91
C SER C 89 15.62 39.83 -13.18
N MET C 90 16.69 39.02 -13.17
CA MET C 90 16.59 37.59 -13.44
C MET C 90 16.58 36.77 -12.15
N ALA C 91 16.38 37.41 -11.00
CA ALA C 91 16.27 36.69 -9.75
C ALA C 91 15.27 35.54 -9.84
N GLY C 92 15.63 34.39 -9.30
CA GLY C 92 14.75 33.25 -9.20
C GLY C 92 14.75 32.35 -10.41
N LEU C 93 15.16 32.85 -11.57
CA LEU C 93 14.93 32.15 -12.83
C LEU C 93 15.70 30.83 -12.88
N ARG C 94 17.00 30.90 -12.58
CA ARG C 94 17.88 29.74 -12.59
C ARG C 94 17.41 28.61 -11.70
N ALA C 95 16.82 28.94 -10.57
CA ALA C 95 16.33 27.93 -9.62
C ALA C 95 15.22 27.05 -10.21
N VAL C 96 14.46 27.57 -11.17
CA VAL C 96 13.28 26.87 -11.68
C VAL C 96 13.47 26.40 -13.14
N MET C 97 14.72 26.44 -13.62
CA MET C 97 15.04 26.08 -15.00
C MET C 97 15.71 24.71 -15.09
N PRO C 98 15.51 23.99 -16.19
CA PRO C 98 14.63 24.40 -17.30
C PRO C 98 13.12 24.24 -17.02
N ARG C 99 12.33 24.82 -17.91
CA ARG C 99 10.89 24.88 -17.75
C ARG C 99 10.17 25.09 -19.07
N VAL C 100 8.88 24.79 -19.06
CA VAL C 100 7.97 25.10 -20.15
C VAL C 100 7.54 26.54 -19.99
N ASP C 101 7.84 27.36 -21.00
CA ASP C 101 7.57 28.76 -20.91
C ASP C 101 6.08 29.08 -20.78
N GLU C 102 5.75 30.06 -19.96
CA GLU C 102 4.36 30.43 -19.69
C GLU C 102 3.61 31.04 -20.89
N HIS C 103 4.32 31.66 -21.82
CA HIS C 103 3.70 32.27 -23.00
C HIS C 103 3.70 31.36 -24.25
N THR C 104 4.82 30.69 -24.55
CA THR C 104 4.97 29.95 -25.80
C THR C 104 4.65 28.49 -25.68
N GLY C 105 4.67 27.98 -24.44
CA GLY C 105 4.58 26.56 -24.17
C GLY C 105 5.77 25.70 -24.61
N LYS C 106 6.87 26.30 -24.98
CA LYS C 106 8.04 25.57 -25.44
C LYS C 106 8.92 25.24 -24.25
N LEU C 107 9.58 24.08 -24.26
CA LEU C 107 10.65 23.81 -23.28
C LEU C 107 11.85 24.74 -23.52
N MET C 108 12.30 25.45 -22.49
CA MET C 108 13.44 26.34 -22.57
C MET C 108 14.54 25.94 -21.56
N ILE C 109 15.78 25.84 -22.04
CA ILE C 109 16.98 25.88 -21.19
C ILE C 109 17.41 27.34 -21.23
N MET C 110 18.33 27.75 -20.34
CA MET C 110 18.60 29.15 -20.19
C MET C 110 19.17 29.71 -21.49
N GLU C 111 19.95 28.87 -22.18
CA GLU C 111 20.58 29.21 -23.45
C GLU C 111 19.51 29.65 -24.47
N ASP C 112 18.35 29.00 -24.45
CA ASP C 112 17.26 29.38 -25.36
C ASP C 112 16.76 30.81 -25.06
N TYR C 113 16.55 31.14 -23.79
CA TYR C 113 16.10 32.49 -23.43
C TYR C 113 17.13 33.53 -23.85
N VAL C 114 18.40 33.28 -23.56
CA VAL C 114 19.46 34.23 -23.88
C VAL C 114 19.46 34.47 -25.38
N ASN C 115 19.48 33.39 -26.15
CA ASN C 115 19.54 33.51 -27.61
C ASN C 115 18.29 34.08 -28.26
N ALA C 116 17.15 33.90 -27.62
CA ALA C 116 15.93 34.56 -28.10
C ALA C 116 16.09 36.07 -28.05
N CYS C 117 16.66 36.60 -27.00
CA CYS C 117 16.96 38.03 -26.95
C CYS C 117 18.12 38.49 -27.83
N VAL C 118 19.15 37.65 -27.94
CA VAL C 118 20.31 38.01 -28.75
C VAL C 118 19.90 38.15 -30.22
N THR C 119 19.05 37.26 -30.72
CA THR C 119 18.72 37.26 -32.14
C THR C 119 17.57 38.24 -32.45
N GLU C 120 16.47 38.12 -31.74
CA GLU C 120 15.26 38.89 -32.07
C GLU C 120 15.36 40.34 -31.64
N ARG C 121 16.03 40.60 -30.52
CA ARG C 121 16.00 41.91 -29.91
C ARG C 121 17.31 42.71 -30.05
N MET C 122 18.42 42.02 -30.32
CA MET C 122 19.68 42.73 -30.47
C MET C 122 20.18 42.64 -31.91
N GLY C 123 19.44 41.93 -32.75
CA GLY C 123 19.78 41.73 -34.16
C GLY C 123 21.11 41.05 -34.41
N LEU C 124 21.54 40.22 -33.47
CA LEU C 124 22.82 39.57 -33.59
C LEU C 124 22.65 38.13 -34.02
N GLU C 125 23.71 37.60 -34.60
CA GLU C 125 23.78 36.19 -34.88
C GLU C 125 23.74 35.44 -33.56
N LYS C 126 23.09 34.29 -33.56
CA LYS C 126 23.00 33.48 -32.34
C LYS C 126 24.39 33.18 -31.73
N TRP C 127 24.46 33.25 -30.42
CA TRP C 127 25.65 32.82 -29.69
C TRP C 127 25.72 31.31 -29.67
N GLY C 128 26.91 30.76 -29.93
CA GLY C 128 27.18 29.36 -29.69
C GLY C 128 26.72 29.02 -28.29
N VAL C 129 26.09 27.86 -28.13
CA VAL C 129 25.59 27.43 -26.83
C VAL C 129 26.68 27.17 -25.80
N THR C 130 27.92 26.96 -26.25
CA THR C 130 29.09 26.88 -25.36
C THR C 130 30.13 27.97 -25.62
N SER C 131 29.73 29.04 -26.30
CA SER C 131 30.60 30.21 -26.45
C SER C 131 30.87 30.86 -25.09
N ASP C 132 31.96 31.63 -25.01
CA ASP C 132 32.24 32.43 -23.83
C ASP C 132 31.12 33.42 -23.50
N ASN C 133 30.51 34.02 -24.51
CA ASN C 133 29.42 34.94 -24.26
C ASN C 133 28.28 34.24 -23.50
N MET C 134 27.95 33.04 -23.96
CA MET C 134 26.87 32.25 -23.37
C MET C 134 27.22 31.75 -21.97
N LYS C 135 28.43 31.23 -21.82
CA LYS C 135 28.83 30.72 -20.51
C LYS C 135 28.95 31.81 -19.46
N ASP C 136 29.46 32.98 -19.84
CA ASP C 136 29.56 34.10 -18.92
C ASP C 136 28.17 34.57 -18.55
N MET C 137 27.27 34.65 -19.52
CA MET C 137 25.92 35.14 -19.24
C MET C 137 25.14 34.19 -18.33
N LEU C 138 25.26 32.90 -18.60
CA LEU C 138 24.61 31.88 -17.79
C LEU C 138 25.16 31.93 -16.37
N SER C 139 26.46 32.21 -16.25
CA SER C 139 27.09 32.31 -14.93
C SER C 139 26.44 33.47 -14.15
N LEU C 140 26.32 34.62 -14.82
CA LEU C 140 25.71 35.81 -14.25
C LEU C 140 24.27 35.58 -13.84
N ILE C 141 23.49 34.93 -14.71
CA ILE C 141 22.09 34.67 -14.43
C ILE C 141 22.01 33.69 -13.28
N SER C 142 22.87 32.69 -13.29
CA SER C 142 22.78 31.64 -12.25
C SER C 142 22.94 32.26 -10.87
N LEU C 143 23.86 33.21 -10.76
CA LEU C 143 24.18 33.88 -9.50
C LEU C 143 22.95 34.57 -8.90
N GLN C 144 22.00 34.99 -9.73
CA GLN C 144 20.80 35.68 -9.26
C GLN C 144 19.79 34.74 -8.59
N SER C 145 20.07 33.44 -8.54
CA SER C 145 19.28 32.51 -7.72
C SER C 145 20.14 31.78 -6.68
N ARG C 146 21.35 32.23 -6.47
CA ARG C 146 22.26 31.54 -5.57
C ARG C 146 21.63 31.41 -4.20
N GLY C 147 21.65 30.22 -3.61
CA GLY C 147 21.01 30.02 -2.31
C GLY C 147 19.55 29.60 -2.31
N MET C 148 18.86 29.84 -3.43
CA MET C 148 17.47 29.46 -3.57
C MET C 148 17.41 27.97 -3.85
N ALA C 149 16.36 27.31 -3.38
CA ALA C 149 16.25 25.87 -3.60
C ALA C 149 15.91 25.61 -5.06
N VAL C 150 16.62 24.67 -5.66
CA VAL C 150 16.26 24.14 -6.95
C VAL C 150 14.81 23.67 -6.85
N ASN C 151 13.99 24.15 -7.79
CA ASN C 151 12.57 23.88 -7.80
C ASN C 151 12.01 23.78 -9.23
N VAL C 152 12.38 22.70 -9.89
CA VAL C 152 11.96 22.39 -11.25
C VAL C 152 10.65 21.60 -11.24
N LYS C 153 9.66 22.15 -11.91
CA LYS C 153 8.36 21.55 -12.05
C LYS C 153 8.43 20.41 -13.07
N ILE C 154 7.88 19.25 -12.73
CA ILE C 154 7.98 18.06 -13.58
C ILE C 154 6.63 17.44 -14.02
N ASP C 155 5.54 18.03 -13.53
CA ASP C 155 4.16 17.60 -13.87
C ASP C 155 3.57 18.55 -14.89
N GLY C 156 2.31 18.30 -15.24
CA GLY C 156 1.65 19.09 -16.27
C GLY C 156 2.33 18.94 -17.62
N PRO C 157 2.37 20.04 -18.37
CA PRO C 157 3.05 20.08 -19.66
C PRO C 157 4.56 19.74 -19.64
N ALA C 158 5.23 19.84 -18.50
CA ALA C 158 6.62 19.44 -18.40
C ALA C 158 6.81 17.90 -18.36
N ALA C 159 5.77 17.18 -17.92
CA ALA C 159 5.84 15.73 -17.71
C ALA C 159 6.36 14.89 -18.87
N PRO C 160 5.82 15.04 -20.07
CA PRO C 160 6.34 14.27 -21.22
C PRO C 160 7.81 14.62 -21.56
N TYR C 161 8.20 15.87 -21.44
CA TYR C 161 9.61 16.25 -21.63
C TYR C 161 10.47 15.56 -20.58
N TRP C 162 9.98 15.59 -19.35
CA TRP C 162 10.65 14.97 -18.23
C TRP C 162 10.77 13.47 -18.48
N GLU C 163 9.72 12.82 -19.00
CA GLU C 163 9.81 11.36 -19.21
C GLU C 163 10.79 11.06 -20.34
N HIS C 164 10.89 11.96 -21.30
CA HIS C 164 11.84 11.82 -22.39
C HIS C 164 13.29 11.85 -21.82
N GLY C 165 13.56 12.80 -20.93
CA GLY C 165 14.83 12.88 -20.25
C GLY C 165 15.16 11.70 -19.35
N LYS C 166 14.17 11.24 -18.60
CA LYS C 166 14.31 10.03 -17.77
C LYS C 166 14.75 8.86 -18.62
N GLU C 167 14.14 8.68 -19.78
CA GLU C 167 14.46 7.53 -20.62
C GLU C 167 15.95 7.57 -21.02
N ILE C 168 16.44 8.75 -21.37
CA ILE C 168 17.85 8.94 -21.73
C ILE C 168 18.72 8.59 -20.56
N TYR C 169 18.32 9.01 -19.37
CA TYR C 169 19.12 8.83 -18.15
C TYR C 169 19.38 7.37 -17.86
N TYR C 170 18.43 6.52 -18.20
CA TYR C 170 18.53 5.09 -17.90
C TYR C 170 18.94 4.24 -19.12
N THR C 171 19.16 4.88 -20.27
CA THR C 171 19.61 4.17 -21.48
C THR C 171 21.11 3.88 -21.45
N ARG C 172 21.47 2.61 -21.71
CA ARG C 172 22.86 2.20 -21.67
C ARG C 172 23.47 2.35 -23.06
N TYR C 173 24.09 3.52 -23.25
CA TYR C 173 24.65 3.91 -24.53
C TYR C 173 26.02 3.30 -24.83
N GLY C 174 26.31 3.26 -26.12
CA GLY C 174 27.68 3.07 -26.58
C GLY C 174 28.16 1.63 -26.51
N GLN C 175 29.41 1.46 -26.92
CA GLN C 175 30.04 0.15 -26.93
C GLN C 175 30.30 -0.28 -25.51
N LEU C 176 30.42 0.67 -24.59
CA LEU C 176 30.57 0.36 -23.17
C LEU C 176 29.26 -0.01 -22.47
N GLU C 177 28.11 0.28 -23.10
CA GLU C 177 26.80 -0.04 -22.59
C GLU C 177 26.58 0.53 -21.18
N MET C 178 26.71 1.86 -21.05
CA MET C 178 26.60 2.53 -19.75
C MET C 178 25.60 3.69 -19.79
N SER C 179 24.75 3.74 -18.77
CA SER C 179 23.81 4.82 -18.55
C SER C 179 24.33 5.79 -17.50
N CYS C 180 23.79 6.99 -17.52
CA CYS C 180 23.99 7.95 -16.44
C CYS C 180 23.81 7.24 -15.08
N ALA C 181 22.74 6.46 -14.97
CA ALA C 181 22.45 5.75 -13.72
C ALA C 181 23.49 4.74 -13.32
N ASN C 182 24.10 4.01 -14.27
CA ASN C 182 25.15 3.06 -13.95
C ASN C 182 26.26 3.67 -13.10
N CYS C 183 26.66 4.90 -13.44
CA CYS C 183 27.74 5.55 -12.72
C CYS C 183 27.25 6.36 -11.51
N HIS C 184 26.27 7.21 -11.76
CA HIS C 184 25.84 8.22 -10.80
C HIS C 184 24.79 7.81 -9.81
N GLU C 185 24.15 6.68 -10.07
CA GLU C 185 23.17 6.10 -9.15
C GLU C 185 23.71 4.82 -8.48
N ASP C 186 24.18 3.85 -9.28
CA ASP C 186 24.65 2.56 -8.72
C ASP C 186 26.00 2.68 -8.05
N ASN C 187 26.79 3.69 -8.45
CA ASN C 187 28.18 3.74 -8.04
C ASN C 187 28.58 5.07 -7.45
N ALA C 188 27.60 5.86 -7.01
CA ALA C 188 27.87 7.12 -6.32
C ALA C 188 28.64 6.77 -5.08
N GLY C 189 29.75 7.47 -4.88
CA GLY C 189 30.61 7.27 -3.73
C GLY C 189 31.75 6.30 -3.95
N ASN C 190 31.76 5.57 -5.06
CA ASN C 190 32.92 4.72 -5.42
C ASN C 190 33.94 5.49 -6.27
N MET C 191 35.15 4.94 -6.38
CA MET C 191 36.19 5.49 -7.23
C MET C 191 36.16 4.78 -8.59
N ILE C 192 36.04 5.57 -9.66
CA ILE C 192 36.26 5.05 -10.99
C ILE C 192 37.59 5.68 -11.45
N ARG C 193 38.63 4.83 -11.44
CA ARG C 193 40.02 5.27 -11.45
C ARG C 193 40.24 6.43 -10.43
N ALA C 194 40.78 7.56 -10.87
CA ALA C 194 41.06 8.68 -9.97
C ALA C 194 39.85 9.51 -9.58
N ASP C 195 38.68 9.24 -10.17
CA ASP C 195 37.50 10.08 -9.95
C ASP C 195 36.55 9.48 -8.90
N HIS C 196 36.14 10.34 -7.97
CA HIS C 196 35.19 10.00 -6.91
C HIS C 196 33.81 10.32 -7.46
N LEU C 197 33.03 9.28 -7.72
CA LEU C 197 31.71 9.45 -8.38
C LEU C 197 30.69 10.13 -7.48
N SER C 198 30.11 11.20 -7.97
CA SER C 198 29.00 11.87 -7.32
C SER C 198 27.65 11.33 -7.90
N GLN C 199 26.56 11.95 -7.51
CA GLN C 199 25.23 11.68 -8.07
C GLN C 199 24.97 12.39 -9.41
N GLY C 200 25.97 13.07 -9.93
CA GLY C 200 25.84 13.71 -11.24
C GLY C 200 24.78 14.76 -11.25
N GLN C 201 24.78 15.58 -10.22
CA GLN C 201 23.77 16.63 -10.10
C GLN C 201 24.19 17.87 -10.91
N ILE C 202 23.25 18.74 -11.26
CA ILE C 202 23.55 19.99 -12.01
C ILE C 202 23.11 21.27 -11.29
N ASN C 203 22.82 21.13 -10.00
CA ASN C 203 22.46 22.25 -9.14
C ASN C 203 23.62 23.25 -8.96
N GLY C 204 24.83 22.84 -9.32
CA GLY C 204 26.03 23.65 -9.22
C GLY C 204 26.48 24.35 -10.50
N PHE C 205 25.83 24.04 -11.61
CA PHE C 205 26.23 24.60 -12.91
C PHE C 205 25.66 26.01 -13.09
N PRO C 206 26.30 26.86 -13.88
CA PRO C 206 27.60 26.60 -14.57
C PRO C 206 28.77 26.43 -13.60
N THR C 207 29.72 25.63 -14.03
CA THR C 207 30.77 25.10 -13.19
C THR C 207 32.14 25.43 -13.73
N TYR C 208 33.02 25.91 -12.87
CA TYR C 208 34.42 26.02 -13.23
C TYR C 208 35.11 24.70 -13.03
N ARG C 209 35.67 24.14 -14.10
CA ARG C 209 36.40 22.89 -13.99
C ARG C 209 37.91 23.18 -13.89
N LEU C 210 38.53 22.68 -12.82
CA LEU C 210 39.92 22.98 -12.57
C LEU C 210 40.79 22.40 -13.67
N LYS C 211 40.39 21.25 -14.22
CA LYS C 211 41.24 20.63 -15.22
C LYS C 211 41.30 21.48 -16.51
N ASP C 212 40.21 22.19 -16.82
CA ASP C 212 40.08 23.02 -18.03
C ASP C 212 40.47 24.48 -17.83
N SER C 213 40.48 24.98 -16.59
CA SER C 213 40.60 26.42 -16.32
C SER C 213 39.50 27.26 -16.98
N GLY C 214 38.29 26.75 -16.98
CA GLY C 214 37.19 27.40 -17.66
C GLY C 214 35.83 26.93 -17.19
N MET C 215 34.82 27.73 -17.49
CA MET C 215 33.44 27.41 -17.22
C MET C 215 32.93 26.32 -18.17
N VAL C 216 32.05 25.48 -17.65
CA VAL C 216 31.36 24.46 -18.41
C VAL C 216 29.85 24.53 -18.14
N THR C 217 29.05 24.23 -19.16
CA THR C 217 27.59 24.16 -18.98
C THR C 217 27.11 22.72 -18.81
N ALA C 218 25.91 22.57 -18.30
CA ALA C 218 25.30 21.23 -18.22
C ALA C 218 25.24 20.55 -19.60
N GLN C 219 24.85 21.32 -20.61
CA GLN C 219 24.71 20.79 -21.95
C GLN C 219 26.04 20.18 -22.42
N HIS C 220 27.15 20.88 -22.20
CA HIS C 220 28.47 20.43 -22.68
C HIS C 220 28.95 19.26 -21.85
N ARG C 221 28.67 19.27 -20.55
CA ARG C 221 28.98 18.08 -19.75
C ARG C 221 28.30 16.83 -20.32
N PHE C 222 27.02 16.95 -20.62
CA PHE C 222 26.22 15.84 -21.15
C PHE C 222 26.82 15.31 -22.46
N VAL C 223 27.27 16.20 -23.31
CA VAL C 223 27.90 15.81 -24.57
C VAL C 223 29.06 14.83 -24.34
N GLY C 224 29.94 15.20 -23.41
CA GLY C 224 31.07 14.38 -23.06
C GLY C 224 30.68 13.10 -22.34
N CSS C 225 29.72 13.15 -21.42
CA CSS C 225 29.30 11.95 -20.71
CB CSS C 225 28.17 12.39 -19.81
SG CSS C 225 28.72 13.49 -18.52
SD CSS C 225 29.83 12.46 -17.24
C CSS C 225 28.87 10.82 -21.63
O CSS C 225 29.27 9.66 -21.48
N VAL C 226 28.05 11.15 -22.62
CA VAL C 226 27.53 10.16 -23.54
C VAL C 226 28.64 9.66 -24.47
N ARG C 227 29.44 10.59 -24.99
CA ARG C 227 30.53 10.30 -25.91
C ARG C 227 31.49 9.26 -25.33
N ASP C 228 31.74 9.39 -24.04
CA ASP C 228 32.72 8.58 -23.38
C ASP C 228 32.21 7.18 -23.00
N THR C 229 30.95 6.85 -23.30
CA THR C 229 30.50 5.46 -23.32
C THR C 229 30.84 4.74 -24.64
N ARG C 230 31.66 5.37 -25.48
CA ARG C 230 31.94 4.93 -26.86
C ARG C 230 30.68 4.92 -27.70
N ALA C 231 30.05 6.09 -27.71
CA ALA C 231 28.76 6.33 -28.33
C ALA C 231 28.79 7.55 -29.25
N GLU C 232 27.81 7.56 -30.16
CA GLU C 232 27.39 8.76 -30.86
C GLU C 232 26.62 9.64 -29.85
N THR C 233 27.17 10.81 -29.60
CA THR C 233 26.65 11.67 -28.58
C THR C 233 25.57 12.54 -29.23
N PHE C 234 25.01 13.46 -28.43
CA PHE C 234 23.99 14.38 -28.93
C PHE C 234 24.58 15.76 -29.03
N LYS C 235 23.92 16.66 -29.76
CA LYS C 235 24.35 18.05 -29.84
C LYS C 235 23.98 18.81 -28.56
N ALA C 236 24.89 19.67 -28.10
CA ALA C 236 24.61 20.61 -27.02
C ALA C 236 23.42 21.47 -27.45
N GLY C 237 22.40 21.55 -26.61
CA GLY C 237 21.19 22.28 -26.92
C GLY C 237 20.16 21.54 -27.75
N SER C 238 20.44 20.29 -28.11
CA SER C 238 19.44 19.51 -28.84
C SER C 238 18.20 19.27 -27.96
N ASP C 239 17.11 18.86 -28.59
CA ASP C 239 15.84 18.64 -27.89
C ASP C 239 16.01 17.56 -26.86
N ASP C 240 16.75 16.52 -27.19
CA ASP C 240 16.91 15.41 -26.30
C ASP C 240 17.73 15.87 -25.07
N PHE C 241 18.75 16.70 -25.27
CA PHE C 241 19.59 17.18 -24.14
C PHE C 241 18.90 18.27 -23.33
N LYS C 242 17.96 18.98 -23.94
CA LYS C 242 17.07 19.87 -23.17
C LYS C 242 16.18 19.05 -22.23
N ALA C 243 15.62 17.96 -22.75
CA ALA C 243 14.82 17.06 -21.94
C ALA C 243 15.67 16.44 -20.83
N LEU C 244 16.93 16.11 -21.16
CA LEU C 244 17.83 15.54 -20.17
C LEU C 244 18.13 16.56 -19.06
N GLU C 245 18.36 17.81 -19.42
CA GLU C 245 18.65 18.85 -18.42
C GLU C 245 17.46 19.04 -17.49
N LEU C 246 16.24 18.97 -18.04
CA LEU C 246 15.02 19.07 -17.23
C LEU C 246 14.97 17.98 -16.19
N TYR C 247 15.16 16.77 -16.67
CA TYR C 247 15.13 15.59 -15.86
C TYR C 247 16.22 15.62 -14.78
N VAL C 248 17.46 15.87 -15.19
CA VAL C 248 18.59 15.83 -14.26
C VAL C 248 18.49 16.97 -13.23
N ALA C 249 18.08 18.15 -13.67
CA ALA C 249 17.85 19.26 -12.77
C ALA C 249 16.89 18.84 -11.65
N SER C 250 15.83 18.12 -12.00
CA SER C 250 14.80 17.76 -11.02
C SER C 250 15.29 16.74 -10.01
N ARG C 251 16.34 15.99 -10.37
CA ARG C 251 16.99 15.05 -9.45
C ARG C 251 17.67 15.76 -8.28
N GLY C 252 17.96 17.04 -8.45
CA GLY C 252 18.50 17.88 -7.39
C GLY C 252 17.49 18.80 -6.73
N ASN C 253 16.20 18.64 -7.01
CA ASN C 253 15.17 19.48 -6.37
C ASN C 253 15.38 19.48 -4.88
N GLY C 254 15.47 20.67 -4.29
CA GLY C 254 15.69 20.85 -2.86
C GLY C 254 17.10 21.25 -2.50
N LEU C 255 18.09 20.84 -3.30
CA LEU C 255 19.46 21.33 -3.14
C LEU C 255 19.42 22.80 -3.53
N SER C 256 20.33 23.60 -3.00
CA SER C 256 20.43 24.98 -3.40
C SER C 256 21.09 25.12 -4.76
N VAL C 257 20.69 26.15 -5.48
CA VAL C 257 21.48 26.68 -6.60
C VAL C 257 22.81 27.18 -6.02
N GLU C 258 23.93 26.59 -6.44
CA GLU C 258 25.23 26.99 -5.92
C GLU C 258 25.69 28.34 -6.48
N GLY C 259 25.13 28.74 -7.62
CA GLY C 259 25.54 29.94 -8.33
C GLY C 259 26.51 29.53 -9.40
N VAL C 260 27.78 29.53 -9.04
CA VAL C 260 28.80 28.96 -9.90
C VAL C 260 29.71 28.11 -9.05
N SER C 261 29.78 26.84 -9.41
CA SER C 261 30.47 25.88 -8.55
C SER C 261 31.87 25.64 -9.07
N VAL C 262 32.65 24.94 -8.25
CA VAL C 262 34.02 24.57 -8.61
C VAL C 262 34.14 23.07 -8.47
N ARG C 263 34.63 22.42 -9.51
CA ARG C 263 34.84 20.97 -9.55
C ARG C 263 36.15 20.70 -10.29
N HIS C 264 36.57 19.44 -10.34
CA HIS C 264 37.78 19.04 -11.07
C HIS C 264 37.52 19.17 -12.55
N CYS D 1 42.13 -18.02 -38.53
CA CYS D 1 42.62 -18.48 -37.16
C CYS D 1 42.51 -17.45 -35.99
N GLU D 2 41.28 -16.98 -35.89
CA GLU D 2 40.68 -16.56 -34.64
C GLU D 2 39.17 -16.85 -34.72
N THR D 3 38.51 -16.96 -33.57
CA THR D 3 37.07 -16.94 -33.62
C THR D 3 36.58 -15.50 -33.39
N ALA D 4 35.75 -15.06 -34.31
CA ALA D 4 35.25 -13.71 -34.35
C ALA D 4 34.25 -13.50 -33.23
N PRO D 5 34.04 -12.25 -32.82
CA PRO D 5 33.15 -11.95 -31.70
C PRO D 5 31.78 -12.62 -31.80
N LYS D 6 31.11 -12.53 -32.94
CA LYS D 6 29.77 -13.11 -33.11
C LYS D 6 29.77 -14.65 -33.19
N GLU D 7 30.94 -15.23 -33.46
CA GLU D 7 31.10 -16.69 -33.49
C GLU D 7 31.42 -17.32 -32.15
N VAL D 8 31.69 -16.51 -31.12
CA VAL D 8 32.06 -17.05 -29.82
C VAL D 8 30.87 -17.83 -29.23
N VAL D 9 31.17 -18.97 -28.61
CA VAL D 9 30.18 -19.85 -28.01
C VAL D 9 30.36 -19.83 -26.50
N TYR D 10 29.37 -19.26 -25.82
CA TYR D 10 29.31 -19.16 -24.38
C TYR D 10 28.40 -20.27 -23.84
N VAL D 11 28.96 -21.06 -22.93
CA VAL D 11 28.24 -22.09 -22.16
C VAL D 11 28.28 -21.72 -20.69
N GLU D 12 27.16 -21.26 -20.17
CA GLU D 12 27.10 -20.75 -18.80
C GLU D 12 28.12 -19.63 -18.55
N GLY D 13 28.39 -18.81 -19.58
CA GLY D 13 29.37 -17.75 -19.51
C GLY D 13 30.80 -18.14 -19.90
N ALA D 14 31.08 -19.45 -19.88
CA ALA D 14 32.42 -19.97 -20.19
C ALA D 14 32.65 -20.15 -21.71
N VAL D 15 33.89 -19.97 -22.13
CA VAL D 15 34.33 -20.15 -23.51
C VAL D 15 35.49 -21.13 -23.49
N GLU D 16 35.23 -22.36 -23.95
CA GLU D 16 36.14 -23.48 -23.75
C GLU D 16 37.37 -23.39 -24.65
N ALA D 17 37.16 -22.88 -25.86
CA ALA D 17 38.17 -22.88 -26.92
C ALA D 17 38.83 -21.50 -27.02
N SER D 18 40.15 -21.54 -27.14
CA SER D 18 40.99 -20.36 -27.37
C SER D 18 40.44 -19.53 -28.51
N LEU D 19 40.48 -18.21 -28.35
CA LEU D 19 40.01 -17.31 -29.39
C LEU D 19 40.94 -17.26 -30.57
N THR D 20 42.22 -17.63 -30.38
CA THR D 20 43.24 -17.54 -31.42
C THR D 20 43.95 -18.85 -31.79
N GLY D 21 43.99 -19.81 -30.86
CA GLY D 21 44.88 -20.96 -30.97
C GLY D 21 46.34 -20.71 -30.61
N ALA D 22 46.66 -19.50 -30.14
CA ALA D 22 47.99 -19.19 -29.68
C ALA D 22 47.95 -18.96 -28.18
N PRO D 23 48.99 -19.38 -27.47
CA PRO D 23 49.06 -19.14 -26.02
C PRO D 23 49.06 -17.64 -25.67
N GLY D 24 48.37 -17.30 -24.58
CA GLY D 24 48.42 -15.99 -23.98
C GLY D 24 49.75 -15.67 -23.34
N ASN D 25 50.16 -14.40 -23.45
CA ASN D 25 51.43 -13.92 -22.90
C ASN D 25 51.04 -13.05 -21.69
N PRO D 26 51.21 -13.57 -20.48
CA PRO D 26 50.74 -12.86 -19.27
C PRO D 26 51.41 -11.52 -19.03
N GLU D 27 52.65 -11.32 -19.47
CA GLU D 27 53.26 -10.00 -19.35
C GLU D 27 52.53 -8.99 -20.23
N GLU D 28 52.17 -9.38 -21.44
CA GLU D 28 51.39 -8.50 -22.33
C GLU D 28 50.01 -8.31 -21.70
N GLY D 29 49.44 -9.36 -21.14
CA GLY D 29 48.18 -9.21 -20.42
C GLY D 29 48.19 -8.11 -19.36
N VAL D 30 49.28 -8.01 -18.60
CA VAL D 30 49.37 -7.01 -17.54
C VAL D 30 49.34 -5.59 -18.17
N ARG D 31 50.12 -5.41 -19.22
CA ARG D 31 50.08 -4.15 -19.99
C ARG D 31 48.68 -3.80 -20.44
N ILE D 32 47.99 -4.76 -21.03
CA ILE D 32 46.63 -4.57 -21.58
C ILE D 32 45.68 -4.13 -20.47
N MET D 33 45.83 -4.77 -19.31
CA MET D 33 44.95 -4.60 -18.17
C MET D 33 45.13 -3.25 -17.46
N THR D 34 46.29 -2.62 -17.69
CA THR D 34 46.64 -1.37 -17.01
C THR D 34 46.88 -0.18 -17.96
N THR D 35 46.46 -0.34 -19.21
CA THR D 35 46.53 0.71 -20.21
C THR D 35 45.11 1.19 -20.49
N ASN D 36 44.90 2.50 -20.37
CA ASN D 36 43.55 3.09 -20.37
C ASN D 36 42.77 2.80 -21.64
N ALA D 37 43.45 2.78 -22.79
CA ALA D 37 42.76 2.62 -24.07
C ALA D 37 42.55 1.14 -24.44
N LEU D 38 43.09 0.21 -23.64
CA LEU D 38 42.96 -1.22 -23.89
C LEU D 38 41.97 -1.84 -22.89
N GLY D 39 42.43 -2.66 -21.96
CA GLY D 39 41.52 -3.27 -20.98
C GLY D 39 40.96 -2.32 -19.96
N ASN D 40 41.81 -1.38 -19.47
CA ASN D 40 41.44 -0.37 -18.49
C ASN D 40 40.77 -0.98 -17.25
N CYS D 41 41.22 -2.17 -16.88
CA CYS D 41 40.55 -2.99 -15.87
C CYS D 41 40.65 -2.30 -14.52
N VAL D 42 41.77 -1.62 -14.29
CA VAL D 42 42.03 -0.92 -13.03
C VAL D 42 41.17 0.32 -12.80
N ALA D 43 40.44 0.81 -13.80
CA ALA D 43 39.45 1.83 -13.57
C ALA D 43 38.40 1.32 -12.59
N CYS D 44 38.15 0.00 -12.61
CA CYS D 44 37.11 -0.54 -11.72
C CYS D 44 37.61 -1.49 -10.66
N HIS D 45 38.69 -2.22 -10.94
CA HIS D 45 39.22 -3.20 -9.99
C HIS D 45 40.59 -2.85 -9.48
N GLN D 46 40.81 -3.07 -8.18
CA GLN D 46 42.15 -3.13 -7.65
C GLN D 46 42.82 -4.44 -8.08
N ILE D 47 44.15 -4.38 -8.23
CA ILE D 47 44.97 -5.56 -8.38
C ILE D 47 46.14 -5.45 -7.43
N GLY D 48 46.00 -6.07 -6.26
CA GLY D 48 47.08 -6.21 -5.30
C GLY D 48 48.42 -6.67 -5.85
N ALA D 49 48.42 -7.57 -6.84
CA ALA D 49 49.66 -8.08 -7.43
C ALA D 49 50.43 -7.02 -8.27
N LEU D 50 49.77 -5.89 -8.56
CA LEU D 50 50.41 -4.82 -9.32
C LEU D 50 50.40 -3.54 -8.50
N PRO D 51 51.22 -3.48 -7.46
CA PRO D 51 51.18 -2.37 -6.49
C PRO D 51 51.64 -1.02 -7.05
N ASP D 52 52.32 -1.00 -8.19
CA ASP D 52 52.76 0.28 -8.77
C ASP D 52 51.68 0.98 -9.62
N VAL D 53 50.56 0.32 -9.82
CA VAL D 53 49.38 0.90 -10.49
C VAL D 53 48.71 1.95 -9.61
N GLU D 54 48.56 3.15 -10.14
CA GLU D 54 47.96 4.29 -9.41
C GLU D 54 46.45 4.33 -9.55
N PHE D 55 45.79 4.84 -8.53
CA PHE D 55 44.36 5.14 -8.56
C PHE D 55 43.48 4.02 -9.10
N PRO D 56 43.63 2.81 -8.55
CA PRO D 56 42.73 1.71 -8.91
C PRO D 56 41.33 2.00 -8.38
N GLY D 57 40.31 1.59 -9.12
CA GLY D 57 38.94 1.90 -8.78
C GLY D 57 38.43 0.98 -7.71
N THR D 58 37.25 1.31 -7.18
CA THR D 58 36.56 0.52 -6.18
C THR D 58 35.14 0.17 -6.62
N ILE D 59 34.94 0.04 -7.93
CA ILE D 59 33.64 -0.35 -8.48
C ILE D 59 33.35 -1.83 -8.22
N ALA D 60 34.39 -2.65 -8.30
CA ALA D 60 34.26 -4.09 -8.14
C ALA D 60 35.43 -4.60 -7.34
N PRO D 61 35.27 -5.75 -6.68
CA PRO D 61 36.35 -6.32 -5.86
C PRO D 61 37.65 -6.59 -6.60
N PRO D 62 38.74 -6.63 -5.85
CA PRO D 62 40.06 -6.87 -6.45
C PRO D 62 40.13 -8.18 -7.24
N LEU D 63 41.01 -8.17 -8.24
CA LEU D 63 41.17 -9.30 -9.13
C LEU D 63 42.01 -10.41 -8.51
N ASP D 64 42.78 -10.09 -7.47
CA ASP D 64 43.60 -11.10 -6.78
C ASP D 64 42.75 -12.31 -6.39
N GLY D 65 43.29 -13.52 -6.60
CA GLY D 65 42.53 -14.73 -6.37
C GLY D 65 41.55 -15.11 -7.49
N ALA D 66 41.49 -14.34 -8.57
CA ALA D 66 40.57 -14.66 -9.67
C ALA D 66 40.87 -16.02 -10.28
N GLY D 67 42.16 -16.38 -10.31
CA GLY D 67 42.62 -17.67 -10.79
C GLY D 67 42.18 -18.87 -9.96
N ASP D 68 41.85 -18.64 -8.69
CA ASP D 68 41.26 -19.65 -7.79
C ASP D 68 39.73 -19.70 -7.93
N ARG D 69 39.12 -18.60 -8.35
CA ARG D 69 37.66 -18.49 -8.34
C ARG D 69 37.05 -19.02 -9.64
N TRP D 70 37.84 -19.04 -10.70
CA TRP D 70 37.35 -19.35 -12.03
C TRP D 70 38.35 -20.19 -12.81
N THR D 71 37.81 -21.01 -13.70
CA THR D 71 38.62 -21.79 -14.62
C THR D 71 39.10 -20.89 -15.75
N GLU D 72 40.08 -21.37 -16.49
CA GLU D 72 40.55 -20.67 -17.68
C GLU D 72 39.39 -20.31 -18.62
N ALA D 73 38.46 -21.24 -18.85
CA ALA D 73 37.36 -21.04 -19.79
C ALA D 73 36.38 -20.00 -19.29
N GLN D 74 36.13 -20.03 -17.98
CA GLN D 74 35.26 -19.06 -17.33
C GLN D 74 35.85 -17.65 -17.45
N LEU D 75 37.13 -17.52 -17.14
CA LEU D 75 37.81 -16.22 -17.26
C LEU D 75 37.78 -15.69 -18.71
N ARG D 76 38.01 -16.58 -19.66
CA ARG D 76 37.91 -16.20 -21.09
C ARG D 76 36.53 -15.61 -21.39
N GLY D 77 35.47 -16.25 -20.91
CA GLY D 77 34.15 -15.72 -21.11
C GLY D 77 33.89 -14.41 -20.39
N ILE D 78 34.44 -14.27 -19.19
CA ILE D 78 34.15 -13.07 -18.39
C ILE D 78 34.85 -11.88 -19.09
N VAL D 79 36.07 -12.09 -19.54
CA VAL D 79 36.83 -11.03 -20.22
C VAL D 79 36.16 -10.68 -21.56
N ALA D 80 35.78 -11.69 -22.36
CA ALA D 80 35.17 -11.44 -23.68
C ALA D 80 33.78 -10.81 -23.59
N ASN D 81 32.94 -11.34 -22.71
CA ASN D 81 31.65 -10.72 -22.44
C ASN D 81 31.12 -11.13 -21.07
N ALA D 82 31.39 -10.29 -20.09
CA ALA D 82 31.01 -10.56 -18.70
C ALA D 82 29.51 -10.60 -18.52
N LYS D 83 28.76 -10.01 -19.44
CA LYS D 83 27.31 -10.04 -19.37
C LYS D 83 26.73 -11.46 -19.55
N MET D 84 27.51 -12.37 -20.12
CA MET D 84 27.08 -13.75 -20.31
C MET D 84 27.26 -14.57 -19.02
N THR D 85 28.02 -14.04 -18.07
CA THR D 85 28.17 -14.58 -16.71
C THR D 85 27.33 -13.79 -15.68
N PHE D 86 27.36 -12.46 -15.76
CA PHE D 86 26.69 -11.60 -14.80
C PHE D 86 25.69 -10.73 -15.52
N GLU D 87 24.44 -11.16 -15.58
CA GLU D 87 23.44 -10.49 -16.39
C GLU D 87 23.30 -9.01 -16.00
N GLY D 88 23.44 -8.11 -16.99
CA GLY D 88 23.27 -6.70 -16.77
C GLY D 88 24.43 -6.04 -16.04
N THR D 89 25.54 -6.75 -15.89
CA THR D 89 26.69 -6.21 -15.18
C THR D 89 27.17 -4.90 -15.81
N PHE D 90 27.75 -4.05 -14.99
CA PHE D 90 28.32 -2.77 -15.39
C PHE D 90 29.62 -2.99 -16.19
N MET D 91 30.30 -4.11 -15.94
CA MET D 91 31.48 -4.47 -16.72
C MET D 91 31.10 -4.54 -18.19
N PRO D 92 31.80 -3.79 -19.03
CA PRO D 92 31.55 -3.84 -20.48
C PRO D 92 32.13 -5.09 -21.09
N ALA D 93 31.60 -5.49 -22.23
CA ALA D 93 32.13 -6.60 -23.00
C ALA D 93 33.30 -6.14 -23.86
N PHE D 94 34.43 -6.82 -23.71
CA PHE D 94 35.66 -6.47 -24.43
C PHE D 94 35.80 -7.12 -25.80
N TYR D 95 34.92 -8.07 -26.12
CA TYR D 95 34.95 -8.80 -27.41
C TYR D 95 33.57 -8.85 -28.03
N LYS D 96 33.01 -7.67 -28.26
CA LYS D 96 31.62 -7.51 -28.72
C LYS D 96 31.57 -6.32 -29.67
N VAL D 97 30.79 -6.47 -30.74
CA VAL D 97 30.88 -5.57 -31.89
C VAL D 97 29.57 -4.97 -32.36
N ASP D 98 28.44 -5.43 -31.83
CA ASP D 98 27.15 -4.91 -32.25
C ASP D 98 26.07 -5.08 -31.16
N GLY D 99 24.86 -4.61 -31.45
CA GLY D 99 23.75 -4.63 -30.51
C GLY D 99 23.84 -3.50 -29.49
N PHE D 100 24.46 -2.40 -29.90
CA PHE D 100 24.61 -1.21 -29.06
C PHE D 100 23.57 -0.14 -29.40
N VAL D 101 23.35 0.73 -28.44
CA VAL D 101 22.46 1.86 -28.62
C VAL D 101 23.33 3.10 -28.89
N ARG D 102 23.11 3.73 -30.03
CA ARG D 102 23.98 4.81 -30.50
C ARG D 102 25.47 4.37 -30.53
N PRO D 103 25.82 3.34 -31.30
CA PRO D 103 27.21 2.93 -31.40
C PRO D 103 28.09 4.11 -31.82
N GLY D 104 29.24 4.25 -31.18
CA GLY D 104 30.16 5.33 -31.45
C GLY D 104 31.39 4.85 -32.21
N ASP D 105 32.06 5.78 -32.90
CA ASP D 105 33.37 5.59 -33.52
C ASP D 105 34.42 5.99 -32.48
N GLY D 106 34.94 5.01 -31.74
CA GLY D 106 35.87 5.25 -30.64
C GLY D 106 35.29 6.27 -29.66
N PHE D 107 36.10 7.27 -29.30
CA PHE D 107 35.68 8.35 -28.41
C PHE D 107 35.38 9.64 -29.16
N SER D 108 35.19 9.54 -30.47
CA SER D 108 34.93 10.71 -31.33
C SER D 108 33.55 11.34 -31.09
N GLY D 109 32.61 10.57 -30.56
CA GLY D 109 31.24 11.01 -30.49
C GLY D 109 30.46 10.91 -31.80
N LYS D 110 31.10 10.47 -32.88
CA LYS D 110 30.43 10.24 -34.16
C LYS D 110 29.90 8.82 -34.21
N ALA D 111 28.91 8.62 -35.07
CA ALA D 111 28.35 7.30 -35.31
C ALA D 111 29.42 6.34 -35.83
N GLY D 112 29.47 5.18 -35.23
CA GLY D 112 30.27 4.05 -35.70
C GLY D 112 29.36 2.98 -36.30
N ALA D 113 29.68 2.55 -37.51
CA ALA D 113 28.92 1.52 -38.21
C ALA D 113 29.20 0.16 -37.59
N GLU D 114 28.18 -0.50 -37.07
CA GLU D 114 28.32 -1.88 -36.63
C GLU D 114 28.47 -2.79 -37.84
N PRO D 115 29.29 -3.84 -37.76
CA PRO D 115 30.08 -4.18 -36.56
C PRO D 115 31.29 -3.31 -36.31
N LEU D 116 31.41 -2.86 -35.06
CA LEU D 116 32.60 -2.15 -34.61
C LEU D 116 33.77 -3.10 -34.39
N ALA D 117 34.97 -2.54 -34.37
CA ALA D 117 36.11 -3.26 -33.81
C ALA D 117 35.81 -3.59 -32.35
N PRO D 118 36.12 -4.79 -31.89
CA PRO D 118 35.95 -5.08 -30.46
C PRO D 118 36.95 -4.23 -29.68
N ILE D 119 36.68 -3.95 -28.42
CA ILE D 119 37.62 -3.17 -27.64
C ILE D 119 38.99 -3.84 -27.55
N LEU D 120 39.02 -5.13 -27.27
CA LEU D 120 40.24 -5.90 -27.30
C LEU D 120 40.18 -6.89 -28.47
N ASN D 121 41.31 -7.14 -29.12
CA ASN D 121 41.37 -8.18 -30.12
C ASN D 121 41.50 -9.55 -29.45
N ALA D 122 41.29 -10.61 -30.22
CA ALA D 122 41.31 -11.97 -29.68
C ALA D 122 42.60 -12.35 -28.94
N GLN D 123 43.78 -12.02 -29.48
CA GLN D 123 45.03 -12.33 -28.79
C GLN D 123 45.18 -11.52 -27.49
N GLN D 124 44.70 -10.28 -27.48
CA GLN D 124 44.73 -9.47 -26.25
C GLN D 124 43.86 -10.12 -25.14
N ILE D 125 42.71 -10.66 -25.49
CA ILE D 125 41.89 -11.36 -24.50
C ILE D 125 42.65 -12.59 -23.97
N GLU D 126 43.26 -13.37 -24.86
CA GLU D 126 44.01 -14.54 -24.41
C GLU D 126 45.16 -14.14 -23.50
N ASP D 127 45.76 -12.99 -23.78
CA ASP D 127 46.89 -12.52 -22.99
C ASP D 127 46.41 -12.13 -21.58
N VAL D 128 45.25 -11.50 -21.52
CA VAL D 128 44.67 -11.06 -20.25
C VAL D 128 44.31 -12.31 -19.42
N VAL D 129 43.68 -13.29 -20.07
CA VAL D 129 43.36 -14.55 -19.42
C VAL D 129 44.65 -15.21 -18.88
N ALA D 130 45.73 -15.22 -19.65
CA ALA D 130 46.96 -15.87 -19.21
C ALA D 130 47.53 -15.27 -17.90
N PHE D 131 47.33 -13.97 -17.70
CA PHE D 131 47.69 -13.35 -16.43
C PHE D 131 46.73 -13.71 -15.29
N LEU D 132 45.44 -13.65 -15.58
CA LEU D 132 44.41 -13.94 -14.57
C LEU D 132 44.52 -15.35 -13.98
N VAL D 133 44.91 -16.32 -14.81
CA VAL D 133 45.08 -17.68 -14.30
C VAL D 133 46.21 -17.76 -13.29
N THR D 134 47.15 -16.83 -13.32
CA THR D 134 48.21 -16.80 -12.31
C THR D 134 47.83 -16.16 -10.97
N LEU D 135 46.70 -15.47 -10.90
CA LEU D 135 46.26 -14.87 -9.64
C LEU D 135 45.65 -15.93 -8.74
N LYS D 136 46.54 -16.76 -8.20
CA LYS D 136 46.23 -17.88 -7.33
C LYS D 136 47.12 -17.77 -6.10
N GLU D 137 46.63 -18.34 -4.99
CA GLU D 137 47.40 -18.63 -3.75
C GLU D 137 46.64 -18.02 -2.55
N ASP E 1 -40.98 5.71 53.00
CA ASP E 1 -41.51 6.11 54.34
C ASP E 1 -41.69 7.65 54.50
N PRO E 2 -42.91 8.15 54.62
CA PRO E 2 -43.06 9.61 54.85
C PRO E 2 -42.48 10.03 56.22
N VAL E 3 -41.73 11.13 56.24
CA VAL E 3 -41.16 11.70 57.47
C VAL E 3 -42.23 12.37 58.35
N GLU E 4 -41.95 12.51 59.63
CA GLU E 4 -42.74 13.36 60.52
C GLU E 4 -42.11 14.74 60.54
N ASP E 5 -42.83 15.70 59.97
CA ASP E 5 -42.34 17.07 59.89
C ASP E 5 -43.53 17.97 59.61
N GLY E 6 -43.35 19.27 59.80
CA GLY E 6 -44.36 20.25 59.50
C GLY E 6 -43.75 21.35 58.67
N LEU E 7 -44.53 21.91 57.74
CA LEU E 7 -44.07 22.94 56.86
C LEU E 7 -44.86 24.22 57.16
N VAL E 8 -44.15 25.25 57.60
CA VAL E 8 -44.66 26.59 57.80
C VAL E 8 -43.65 27.50 57.10
N ILE E 9 -44.07 28.19 56.05
CA ILE E 9 -43.14 28.93 55.21
C ILE E 9 -42.95 30.34 55.77
N GLU E 10 -41.70 30.77 55.91
CA GLU E 10 -41.43 32.15 56.27
C GLU E 10 -41.58 33.00 55.02
N THR E 11 -42.37 34.07 55.11
CA THR E 11 -42.57 34.98 53.99
C THR E 11 -42.51 36.47 54.39
N ASP E 12 -42.48 37.33 53.37
CA ASP E 12 -42.59 38.80 53.48
C ASP E 12 -43.82 39.29 54.24
N SER E 13 -44.87 38.47 54.29
CA SER E 13 -46.12 38.87 54.90
C SER E 13 -46.52 37.94 56.07
N GLY E 14 -45.53 37.30 56.71
CA GLY E 14 -45.77 36.41 57.84
C GLY E 14 -45.77 34.92 57.51
N PRO E 15 -45.82 34.07 58.53
CA PRO E 15 -45.77 32.63 58.31
C PRO E 15 -47.03 32.13 57.60
N VAL E 16 -46.86 31.14 56.74
CA VAL E 16 -48.03 30.48 56.15
C VAL E 16 -47.91 28.98 56.29
N GLU E 17 -48.89 28.41 56.97
CA GLU E 17 -48.93 27.00 57.25
C GLU E 17 -49.40 26.30 55.99
N ILE E 18 -48.71 25.20 55.70
CA ILE E 18 -49.02 24.29 54.63
C ILE E 18 -49.47 22.97 55.24
N VAL E 19 -50.68 22.53 54.90
CA VAL E 19 -51.14 21.20 55.24
C VAL E 19 -50.47 20.22 54.27
N THR E 20 -49.59 19.37 54.79
CA THR E 20 -48.84 18.40 53.98
C THR E 20 -49.27 16.97 54.27
N LYS E 21 -50.19 16.80 55.20
CA LYS E 21 -50.60 15.46 55.64
C LYS E 21 -52.04 15.61 56.11
N THR E 22 -52.95 14.83 55.56
CA THR E 22 -54.37 14.97 55.91
C THR E 22 -55.16 13.74 55.50
N ALA E 23 -56.42 13.70 55.88
CA ALA E 23 -57.27 12.56 55.55
C ALA E 23 -57.53 12.64 54.04
N PRO E 24 -57.64 11.51 53.35
CA PRO E 24 -57.86 11.54 51.89
C PRO E 24 -59.27 11.98 51.54
N PRO E 25 -59.50 12.41 50.30
CA PRO E 25 -60.88 12.59 49.83
C PRO E 25 -61.60 11.24 49.89
N ALA E 26 -62.93 11.27 50.01
CA ALA E 26 -63.71 10.05 50.24
C ALA E 26 -63.47 8.99 49.17
N PHE E 27 -63.29 9.41 47.92
CA PHE E 27 -63.03 8.43 46.85
C PHE E 27 -61.74 7.63 47.06
N LEU E 28 -60.82 8.15 47.85
CA LEU E 28 -59.55 7.47 48.14
C LEU E 28 -59.50 6.87 49.55
N ALA E 29 -60.60 6.88 50.28
CA ALA E 29 -60.62 6.44 51.68
C ALA E 29 -60.18 4.99 51.89
N ASP E 30 -60.53 4.12 50.95
CA ASP E 30 -60.17 2.69 51.04
C ASP E 30 -58.81 2.35 50.41
N THR E 31 -58.09 3.38 49.94
CA THR E 31 -56.80 3.25 49.28
C THR E 31 -55.63 3.68 50.17
N PHE E 32 -55.78 4.86 50.75
CA PHE E 32 -54.82 5.46 51.67
C PHE E 32 -55.51 5.78 52.97
N ASP E 33 -54.77 5.63 54.05
CA ASP E 33 -55.18 6.15 55.35
C ASP E 33 -54.95 7.66 55.40
N THR E 34 -53.87 8.09 54.77
CA THR E 34 -53.43 9.49 54.80
C THR E 34 -52.86 9.88 53.43
N ILE E 35 -53.24 11.06 52.93
CA ILE E 35 -52.54 11.65 51.80
C ILE E 35 -51.47 12.61 52.28
N TYR E 36 -50.37 12.60 51.53
CA TYR E 36 -49.19 13.35 51.85
C TYR E 36 -48.75 14.22 50.65
N SER E 37 -48.27 15.41 50.94
CA SER E 37 -47.39 16.12 50.01
C SER E 37 -46.11 15.35 49.67
N GLY E 38 -45.69 15.50 48.41
CA GLY E 38 -44.38 15.06 47.93
C GLY E 38 -43.22 15.56 48.78
N TRP E 39 -43.42 16.70 49.41
CA TRP E 39 -42.48 17.27 50.39
C TRP E 39 -42.07 16.27 51.48
N HIS E 40 -43.02 15.46 51.97
CA HIS E 40 -42.73 14.49 53.04
C HIS E 40 -41.79 13.38 52.64
N PHE E 41 -41.53 13.22 51.34
CA PHE E 41 -40.69 12.13 50.86
C PHE E 41 -39.29 12.60 50.51
N ARG E 42 -39.03 13.89 50.72
CA ARG E 42 -37.76 14.49 50.35
C ARG E 42 -36.81 14.50 51.55
N ASP E 43 -35.48 14.46 51.32
CA ASP E 43 -34.51 14.60 52.42
C ASP E 43 -34.55 16.00 53.05
N ASP E 44 -33.96 16.17 54.23
CA ASP E 44 -34.13 17.45 54.93
C ASP E 44 -33.57 18.66 54.19
N SER E 45 -32.42 18.55 53.56
CA SER E 45 -31.86 19.75 52.90
C SER E 45 -32.79 20.23 51.76
N THR E 46 -33.48 19.30 51.10
CA THR E 46 -34.44 19.66 50.05
C THR E 46 -35.72 20.23 50.68
N ARG E 47 -36.24 19.57 51.70
CA ARG E 47 -37.40 20.08 52.43
C ARG E 47 -37.16 21.52 52.88
N ASP E 48 -35.92 21.83 53.28
CA ASP E 48 -35.62 23.14 53.86
C ASP E 48 -35.78 24.25 52.85
N LEU E 49 -35.49 23.94 51.60
CA LEU E 49 -35.56 24.91 50.52
C LEU E 49 -36.98 25.48 50.34
N GLU E 50 -37.99 24.71 50.73
CA GLU E 50 -39.38 25.17 50.65
C GLU E 50 -39.84 25.98 51.87
N ARG E 51 -39.08 25.89 52.97
CA ARG E 51 -39.52 26.43 54.27
C ARG E 51 -39.43 27.92 54.36
N ASP E 52 -38.73 28.57 53.44
CA ASP E 52 -38.86 30.00 53.37
C ASP E 52 -38.57 30.62 52.02
N ASP E 53 -39.28 31.69 51.74
CA ASP E 53 -39.23 32.31 50.41
C ASP E 53 -37.87 32.76 50.02
N PHE E 54 -37.10 33.25 51.00
CA PHE E 54 -35.76 33.74 50.71
C PHE E 54 -34.87 32.67 50.07
N ASP E 55 -34.99 31.43 50.57
CA ASP E 55 -34.18 30.28 50.16
C ASP E 55 -34.79 29.48 48.97
N ASN E 56 -36.07 29.69 48.66
CA ASN E 56 -36.79 28.87 47.68
C ASN E 56 -36.44 29.34 46.27
N PRO E 57 -35.71 28.54 45.49
CA PRO E 57 -35.31 28.98 44.15
C PRO E 57 -36.48 29.28 43.18
N ALA E 58 -37.66 28.70 43.41
CA ALA E 58 -38.81 28.96 42.57
C ALA E 58 -39.25 30.43 42.58
N MET E 59 -39.00 31.13 43.69
CA MET E 59 -39.41 32.52 43.86
C MET E 59 -38.78 33.47 42.85
N VAL E 60 -37.66 33.08 42.26
CA VAL E 60 -37.08 33.85 41.16
C VAL E 60 -38.04 33.87 39.95
N PHE E 61 -38.69 32.74 39.72
CA PHE E 61 -39.59 32.61 38.60
C PHE E 61 -40.98 33.16 38.89
N VAL E 62 -41.39 33.14 40.14
CA VAL E 62 -42.57 33.91 40.54
C VAL E 62 -42.36 35.41 40.23
N ASP E 63 -41.19 35.90 40.59
CA ASP E 63 -40.84 37.30 40.38
C ASP E 63 -40.82 37.69 38.91
N ARG E 64 -40.24 36.82 38.12
CA ARG E 64 -40.17 37.02 36.70
C ARG E 64 -41.58 36.98 36.10
N GLY E 65 -42.44 36.10 36.62
CA GLY E 65 -43.85 36.09 36.27
C GLY E 65 -44.53 37.43 36.53
N LEU E 66 -44.22 38.07 37.65
CA LEU E 66 -44.77 39.39 37.98
C LEU E 66 -44.36 40.43 36.95
N ASP E 67 -43.10 40.42 36.56
CA ASP E 67 -42.63 41.33 35.50
C ASP E 67 -43.43 41.14 34.23
N LYS E 68 -43.66 39.89 33.85
CA LYS E 68 -44.41 39.57 32.64
C LYS E 68 -45.87 40.00 32.76
N TRP E 69 -46.45 39.78 33.93
CA TRP E 69 -47.82 40.21 34.27
C TRP E 69 -48.01 41.72 34.08
N ASN E 70 -46.97 42.48 34.41
CA ASN E 70 -46.95 43.95 34.25
C ASN E 70 -46.44 44.47 32.90
N ALA E 71 -45.95 43.60 32.03
CA ALA E 71 -45.30 44.06 30.82
C ALA E 71 -46.29 44.32 29.68
N ALA E 72 -46.05 45.40 28.94
CA ALA E 72 -46.89 45.82 27.83
C ALA E 72 -46.61 45.00 26.60
N MET E 73 -47.13 43.78 26.56
CA MET E 73 -46.79 42.79 25.54
C MET E 73 -47.80 42.67 24.43
N GLY E 74 -49.00 43.20 24.63
CA GLY E 74 -50.10 43.01 23.69
C GLY E 74 -49.99 43.94 22.49
N VAL E 75 -50.96 43.85 21.58
CA VAL E 75 -50.92 44.57 20.29
C VAL E 75 -51.26 46.04 20.44
N ASN E 76 -52.19 46.36 21.32
CA ASN E 76 -52.42 47.74 21.74
C ASN E 76 -51.67 48.06 23.06
N GLY E 77 -50.52 47.42 23.28
CA GLY E 77 -49.74 47.60 24.50
C GLY E 77 -50.33 47.04 25.80
N GLU E 78 -51.21 46.05 25.67
CA GLU E 78 -51.90 45.49 26.83
C GLU E 78 -50.93 44.71 27.70
N SER E 79 -51.16 44.77 29.01
CA SER E 79 -50.53 43.89 29.97
C SER E 79 -51.64 43.09 30.66
N CYS E 80 -51.28 42.04 31.41
CA CYS E 80 -52.29 41.37 32.23
C CYS E 80 -52.87 42.35 33.21
N ALA E 81 -51.99 43.19 33.75
CA ALA E 81 -52.37 44.15 34.79
C ALA E 81 -53.33 45.23 34.29
N SER E 82 -53.27 45.52 32.99
CA SER E 82 -54.20 46.42 32.30
C SER E 82 -55.66 46.12 32.61
N CYS E 83 -55.98 44.83 32.62
CA CYS E 83 -57.35 44.42 32.91
C CYS E 83 -57.57 43.84 34.29
N HIS E 84 -56.59 43.10 34.80
CA HIS E 84 -56.77 42.36 36.05
C HIS E 84 -56.22 43.08 37.29
N GLN E 85 -55.56 44.21 37.09
CA GLN E 85 -54.80 44.89 38.17
C GLN E 85 -53.75 43.93 38.77
N GLY E 86 -53.60 43.88 40.09
CA GLY E 86 -52.55 43.07 40.70
C GLY E 86 -52.92 41.60 40.54
N PRO E 87 -51.96 40.70 40.70
CA PRO E 87 -52.20 39.25 40.53
C PRO E 87 -53.02 38.62 41.62
N GLU E 88 -53.15 39.32 42.74
CA GLU E 88 -54.09 38.96 43.79
C GLU E 88 -55.53 38.88 43.25
N SER E 89 -55.78 39.46 42.08
CA SER E 89 -57.03 39.25 41.33
C SER E 89 -57.35 37.76 41.08
N MET E 90 -56.31 36.93 40.99
CA MET E 90 -56.48 35.50 40.76
C MET E 90 -56.44 34.67 42.04
N ALA E 91 -56.61 35.34 43.17
CA ALA E 91 -56.72 34.66 44.44
C ALA E 91 -57.71 33.48 44.37
N GLY E 92 -57.31 32.35 44.94
CA GLY E 92 -58.19 31.19 45.09
C GLY E 92 -58.23 30.28 43.86
N LEU E 93 -57.83 30.78 42.68
CA LEU E 93 -58.06 30.04 41.45
C LEU E 93 -57.29 28.74 41.37
N ARG E 94 -55.99 28.82 41.66
CA ARG E 94 -55.12 27.65 41.64
C ARG E 94 -55.65 26.51 42.49
N ALA E 95 -56.23 26.83 43.65
CA ALA E 95 -56.74 25.80 44.57
C ALA E 95 -57.90 24.98 44.03
N VAL E 96 -58.62 25.52 43.06
CA VAL E 96 -59.79 24.84 42.53
C VAL E 96 -59.60 24.37 41.08
N MET E 97 -58.35 24.37 40.60
CA MET E 97 -58.02 24.03 39.21
C MET E 97 -57.44 22.62 39.13
N PRO E 98 -57.61 21.89 38.02
CA PRO E 98 -58.43 22.26 36.85
C PRO E 98 -59.93 22.26 37.10
N ARG E 99 -60.71 22.88 36.23
CA ARG E 99 -62.17 22.88 36.45
C ARG E 99 -62.91 23.07 35.14
N VAL E 100 -64.19 22.74 35.13
CA VAL E 100 -65.01 23.12 34.01
C VAL E 100 -65.52 24.55 34.23
N ASP E 101 -65.18 25.40 33.26
CA ASP E 101 -65.47 26.79 33.36
C ASP E 101 -66.95 27.06 33.45
N GLU E 102 -67.31 28.02 34.29
CA GLU E 102 -68.69 28.30 34.61
C GLU E 102 -69.43 28.88 33.42
N HIS E 103 -68.74 29.57 32.52
CA HIS E 103 -69.37 30.21 31.37
C HIS E 103 -69.35 29.34 30.10
N THR E 104 -68.24 28.69 29.77
CA THR E 104 -68.12 27.94 28.49
C THR E 104 -68.45 26.46 28.60
N GLY E 105 -68.40 25.93 29.82
CA GLY E 105 -68.50 24.52 30.07
C GLY E 105 -67.31 23.67 29.58
N LYS E 106 -66.20 24.30 29.25
CA LYS E 106 -65.01 23.57 28.78
C LYS E 106 -64.13 23.30 29.97
N LEU E 107 -63.51 22.12 30.00
CA LEU E 107 -62.48 21.80 30.99
C LEU E 107 -61.25 22.68 30.75
N MET E 108 -60.77 23.34 31.79
CA MET E 108 -59.62 24.22 31.64
C MET E 108 -58.54 23.86 32.65
N ILE E 109 -57.30 23.70 32.19
CA ILE E 109 -56.12 23.78 33.05
C ILE E 109 -55.68 25.23 33.01
N MET E 110 -54.81 25.62 33.93
CA MET E 110 -54.46 27.01 34.05
C MET E 110 -53.90 27.54 32.74
N GLU E 111 -53.13 26.71 32.06
CA GLU E 111 -52.52 27.08 30.76
C GLU E 111 -53.55 27.53 29.72
N ASP E 112 -54.72 26.92 29.74
CA ASP E 112 -55.84 27.32 28.89
C ASP E 112 -56.33 28.71 29.21
N TYR E 113 -56.49 29.04 30.50
CA TYR E 113 -56.90 30.41 30.85
C TYR E 113 -55.87 31.44 30.42
N VAL E 114 -54.59 31.12 30.61
CA VAL E 114 -53.55 32.09 30.28
C VAL E 114 -53.56 32.33 28.78
N ASN E 115 -53.58 31.24 28.00
CA ASN E 115 -53.57 31.39 26.54
C ASN E 115 -54.86 31.98 25.95
N ALA E 116 -55.98 31.84 26.64
CA ALA E 116 -57.22 32.48 26.19
C ALA E 116 -57.08 33.99 26.23
N CYS E 117 -56.46 34.51 27.27
CA CYS E 117 -56.21 35.93 27.34
C CYS E 117 -55.10 36.36 26.40
N VAL E 118 -54.04 35.57 26.30
CA VAL E 118 -52.92 35.89 25.41
C VAL E 118 -53.41 36.01 23.94
N THR E 119 -54.23 35.07 23.48
CA THR E 119 -54.68 35.09 22.07
C THR E 119 -55.92 35.96 21.81
N GLU E 120 -57.01 35.74 22.54
CA GLU E 120 -58.26 36.49 22.33
C GLU E 120 -58.15 37.97 22.75
N ARG E 121 -57.41 38.26 23.82
CA ARG E 121 -57.41 39.60 24.42
C ARG E 121 -56.15 40.42 24.29
N MET E 122 -55.03 39.77 24.01
CA MET E 122 -53.81 40.52 23.78
C MET E 122 -53.36 40.43 22.34
N GLY E 123 -54.15 39.73 21.52
CA GLY E 123 -53.87 39.51 20.10
C GLY E 123 -52.56 38.81 19.75
N LEU E 124 -52.01 38.02 20.68
CA LEU E 124 -50.71 37.41 20.48
C LEU E 124 -50.81 35.96 20.08
N GLU E 125 -49.72 35.44 19.50
CA GLU E 125 -49.61 34.01 19.22
C GLU E 125 -49.58 33.30 20.57
N LYS E 126 -50.20 32.11 20.61
CA LYS E 126 -50.31 31.35 21.84
C LYS E 126 -48.91 31.07 22.42
N TRP E 127 -48.81 31.11 23.75
CA TRP E 127 -47.58 30.67 24.42
C TRP E 127 -47.52 29.14 24.44
N GLY E 128 -46.33 28.58 24.17
CA GLY E 128 -46.09 27.18 24.38
C GLY E 128 -46.51 26.84 25.80
N VAL E 129 -47.10 25.67 25.99
CA VAL E 129 -47.60 25.26 27.30
C VAL E 129 -46.50 25.04 28.33
N THR E 130 -45.28 24.74 27.89
CA THR E 130 -44.11 24.68 28.76
C THR E 130 -43.05 25.76 28.49
N SER E 131 -43.45 26.83 27.82
CA SER E 131 -42.58 27.98 27.61
C SER E 131 -42.28 28.66 28.95
N ASP E 132 -41.18 29.42 29.00
CA ASP E 132 -40.85 30.19 30.17
C ASP E 132 -41.95 31.17 30.56
N ASN E 133 -42.52 31.86 29.57
CA ASN E 133 -43.61 32.77 29.87
C ASN E 133 -44.73 32.06 30.62
N MET E 134 -45.12 30.88 30.15
CA MET E 134 -46.20 30.12 30.76
C MET E 134 -45.84 29.58 32.16
N LYS E 135 -44.66 29.02 32.33
CA LYS E 135 -44.30 28.47 33.64
C LYS E 135 -44.16 29.56 34.70
N ASP E 136 -43.57 30.70 34.35
CA ASP E 136 -43.47 31.85 35.26
C ASP E 136 -44.86 32.39 35.60
N MET E 137 -45.75 32.42 34.60
CA MET E 137 -47.09 32.95 34.86
C MET E 137 -47.88 31.99 35.78
N LEU E 138 -47.77 30.71 35.51
CA LEU E 138 -48.43 29.70 36.34
C LEU E 138 -47.88 29.76 37.76
N SER E 139 -46.59 30.04 37.91
CA SER E 139 -45.96 30.14 39.23
C SER E 139 -46.56 31.32 40.02
N LEU E 140 -46.65 32.46 39.36
CA LEU E 140 -47.24 33.66 39.93
C LEU E 140 -48.67 33.43 40.33
N ILE E 141 -49.44 32.81 39.44
CA ILE E 141 -50.86 32.58 39.74
C ILE E 141 -51.01 31.59 40.90
N SER E 142 -50.20 30.55 40.89
CA SER E 142 -50.26 29.53 41.93
C SER E 142 -50.04 30.13 43.32
N LEU E 143 -49.14 31.10 43.40
CA LEU E 143 -48.82 31.75 44.68
C LEU E 143 -50.03 32.45 45.30
N GLN E 144 -50.97 32.90 44.46
CA GLN E 144 -52.17 33.62 44.97
C GLN E 144 -53.20 32.71 45.64
N SER E 145 -52.94 31.40 45.67
CA SER E 145 -53.73 30.45 46.45
C SER E 145 -52.85 29.71 47.50
N ARG E 146 -51.62 30.16 47.73
CA ARG E 146 -50.76 29.44 48.65
C ARG E 146 -51.39 29.38 50.04
N GLY E 147 -51.38 28.18 50.61
CA GLY E 147 -51.97 27.94 51.91
C GLY E 147 -53.44 27.57 51.88
N MET E 148 -54.14 27.79 50.75
CA MET E 148 -55.54 27.41 50.64
C MET E 148 -55.66 25.92 50.36
N ALA E 149 -56.76 25.31 50.78
CA ALA E 149 -56.92 23.88 50.56
C ALA E 149 -57.22 23.61 49.08
N VAL E 150 -56.50 22.63 48.52
CA VAL E 150 -56.86 22.08 47.22
C VAL E 150 -58.31 21.61 47.33
N ASN E 151 -59.13 22.06 46.40
CA ASN E 151 -60.57 21.83 46.46
C ASN E 151 -61.14 21.71 45.04
N VAL E 152 -60.78 20.62 44.40
CA VAL E 152 -61.15 20.34 43.03
C VAL E 152 -62.49 19.57 42.98
N LYS E 153 -63.46 20.17 42.30
CA LYS E 153 -64.75 19.58 42.02
C LYS E 153 -64.64 18.38 41.07
N ILE E 154 -65.23 17.26 41.44
CA ILE E 154 -65.15 16.04 40.65
C ILE E 154 -66.50 15.46 40.20
N ASP E 155 -67.60 16.08 40.62
CA ASP E 155 -68.97 15.61 40.27
C ASP E 155 -69.62 16.56 39.27
N GLY E 156 -70.87 16.30 38.90
CA GLY E 156 -71.51 17.15 37.93
C GLY E 156 -70.79 17.11 36.59
N PRO E 157 -70.67 18.24 35.91
CA PRO E 157 -70.01 18.34 34.61
C PRO E 157 -68.50 17.94 34.56
N ALA E 158 -67.82 17.96 35.70
CA ALA E 158 -66.46 17.44 35.79
C ALA E 158 -66.41 15.92 35.75
N ALA E 159 -67.46 15.25 36.20
CA ALA E 159 -67.42 13.78 36.36
C ALA E 159 -66.86 12.98 35.15
N PRO E 160 -67.30 13.24 33.93
CA PRO E 160 -66.81 12.46 32.77
C PRO E 160 -65.33 12.70 32.44
N TYR E 161 -64.88 13.94 32.63
CA TYR E 161 -63.46 14.27 32.48
C TYR E 161 -62.63 13.58 33.57
N TRP E 162 -63.18 13.57 34.77
CA TRP E 162 -62.53 12.97 35.92
C TRP E 162 -62.41 11.45 35.72
N GLU E 163 -63.45 10.82 35.19
CA GLU E 163 -63.44 9.39 34.95
C GLU E 163 -62.44 9.03 33.85
N HIS E 164 -62.27 9.94 32.91
CA HIS E 164 -61.37 9.73 31.82
C HIS E 164 -59.94 9.78 32.36
N GLY E 165 -59.67 10.72 33.25
CA GLY E 165 -58.38 10.82 33.89
C GLY E 165 -58.13 9.65 34.84
N LYS E 166 -59.16 9.20 35.53
CA LYS E 166 -59.03 8.05 36.42
C LYS E 166 -58.59 6.82 35.62
N GLU E 167 -59.22 6.58 34.48
CA GLU E 167 -58.86 5.44 33.65
C GLU E 167 -57.38 5.49 33.26
N ILE E 168 -56.91 6.67 32.84
CA ILE E 168 -55.51 6.85 32.48
C ILE E 168 -54.60 6.54 33.67
N TYR E 169 -54.97 7.02 34.87
CA TYR E 169 -54.18 6.83 36.10
C TYR E 169 -53.90 5.34 36.41
N TYR E 170 -54.84 4.46 36.08
CA TYR E 170 -54.70 3.05 36.37
C TYR E 170 -54.34 2.21 35.12
N THR E 171 -54.08 2.86 33.99
CA THR E 171 -53.72 2.15 32.76
C THR E 171 -52.24 1.81 32.73
N ARG E 172 -51.90 0.55 32.43
CA ARG E 172 -50.52 0.12 32.52
C ARG E 172 -49.88 0.22 31.17
N TYR E 173 -49.18 1.34 30.99
CA TYR E 173 -48.62 1.73 29.72
C TYR E 173 -47.24 1.15 29.43
N GLY E 174 -46.91 1.12 28.14
CA GLY E 174 -45.56 0.89 27.69
C GLY E 174 -45.10 -0.57 27.73
N GLN E 175 -43.88 -0.81 27.30
CA GLN E 175 -43.27 -2.13 27.41
C GLN E 175 -43.02 -2.56 28.86
N LEU E 176 -42.86 -1.60 29.75
CA LEU E 176 -42.75 -1.87 31.17
C LEU E 176 -44.09 -2.21 31.84
N GLU E 177 -45.20 -1.90 31.18
CA GLU E 177 -46.53 -2.20 31.68
C GLU E 177 -46.75 -1.65 33.10
N MET E 178 -46.62 -0.33 33.24
CA MET E 178 -46.72 0.34 34.53
C MET E 178 -47.73 1.47 34.49
N SER E 179 -48.56 1.57 35.51
CA SER E 179 -49.50 2.67 35.65
C SER E 179 -49.01 3.63 36.69
N CYS E 180 -49.64 4.79 36.76
CA CYS E 180 -49.31 5.76 37.80
C CYS E 180 -49.48 5.07 39.15
N ALA E 181 -50.58 4.32 39.32
CA ALA E 181 -50.88 3.66 40.57
C ALA E 181 -49.81 2.64 40.96
N ASN E 182 -49.27 1.90 39.99
CA ASN E 182 -48.24 0.90 40.31
C ASN E 182 -47.11 1.50 41.15
N CYS E 183 -46.70 2.72 40.80
CA CYS E 183 -45.61 3.37 41.51
C CYS E 183 -46.08 4.22 42.70
N HIS E 184 -47.04 5.08 42.46
CA HIS E 184 -47.41 6.11 43.44
C HIS E 184 -48.48 5.68 44.44
N GLU E 185 -49.20 4.62 44.11
CA GLU E 185 -50.22 4.07 45.02
C GLU E 185 -49.71 2.78 45.67
N ASP E 186 -49.21 1.83 44.88
CA ASP E 186 -48.81 0.54 45.44
C ASP E 186 -47.48 0.62 46.14
N ASN E 187 -46.65 1.59 45.76
CA ASN E 187 -45.28 1.64 46.24
C ASN E 187 -44.84 2.96 46.86
N ALA E 188 -45.78 3.84 47.18
CA ALA E 188 -45.47 5.05 47.93
C ALA E 188 -44.69 4.70 49.20
N GLY E 189 -43.57 5.36 49.42
CA GLY E 189 -42.75 5.14 50.59
C GLY E 189 -41.57 4.20 50.35
N ASN E 190 -41.64 3.42 49.28
CA ASN E 190 -40.52 2.57 48.88
C ASN E 190 -39.49 3.32 48.05
N MET E 191 -38.27 2.77 47.97
CA MET E 191 -37.24 3.26 47.10
C MET E 191 -37.31 2.51 45.76
N ILE E 192 -37.32 3.29 44.69
CA ILE E 192 -37.05 2.75 43.36
C ILE E 192 -35.72 3.35 42.92
N ARG E 193 -34.70 2.48 42.93
CA ARG E 193 -33.30 2.89 42.92
C ARG E 193 -33.11 4.05 43.92
N ALA E 194 -32.59 5.19 43.47
CA ALA E 194 -32.28 6.29 44.37
C ALA E 194 -33.47 7.20 44.70
N ASP E 195 -34.63 6.95 44.13
CA ASP E 195 -35.80 7.80 44.38
C ASP E 195 -36.73 7.22 45.41
N HIS E 196 -37.08 8.07 46.38
CA HIS E 196 -38.11 7.79 47.36
C HIS E 196 -39.45 8.11 46.77
N LEU E 197 -40.29 7.09 46.58
CA LEU E 197 -41.57 7.28 45.90
C LEU E 197 -42.62 7.96 46.76
N SER E 198 -43.16 9.05 46.23
CA SER E 198 -44.28 9.72 46.85
C SER E 198 -45.61 9.20 46.27
N GLN E 199 -46.72 9.81 46.70
CA GLN E 199 -48.04 9.56 46.13
C GLN E 199 -48.28 10.28 44.78
N GLY E 200 -47.26 10.97 44.26
CA GLY E 200 -47.35 11.58 42.96
C GLY E 200 -48.45 12.64 42.91
N GLN E 201 -48.47 13.47 43.96
CA GLN E 201 -49.45 14.54 44.10
C GLN E 201 -48.96 15.75 43.31
N ILE E 202 -49.90 16.59 42.89
CA ILE E 202 -49.55 17.85 42.18
C ILE E 202 -49.97 19.12 42.92
N ASN E 203 -50.27 18.97 44.21
CA ASN E 203 -50.61 20.14 45.03
C ASN E 203 -49.43 21.13 45.18
N GLY E 204 -48.23 20.67 44.85
CA GLY E 204 -47.02 21.48 44.91
C GLY E 204 -46.59 22.16 43.60
N PHE E 205 -47.29 21.89 42.49
CA PHE E 205 -46.92 22.47 41.20
C PHE E 205 -47.47 23.89 41.06
N PRO E 206 -46.80 24.74 40.29
CA PRO E 206 -45.54 24.45 39.59
C PRO E 206 -44.37 24.24 40.54
N THR E 207 -43.42 23.43 40.11
CA THR E 207 -42.36 22.93 40.93
C THR E 207 -40.97 23.26 40.38
N TYR E 208 -40.08 23.72 41.25
CA TYR E 208 -38.66 23.83 40.88
C TYR E 208 -37.97 22.51 41.10
N ARG E 209 -37.44 21.92 40.05
CA ARG E 209 -36.75 20.64 40.13
C ARG E 209 -35.24 20.89 40.24
N LEU E 210 -34.62 20.41 41.33
CA LEU E 210 -33.19 20.64 41.52
C LEU E 210 -32.34 20.08 40.39
N LYS E 211 -32.71 18.93 39.81
CA LYS E 211 -31.90 18.35 38.73
C LYS E 211 -31.91 19.23 37.46
N ASP E 212 -32.99 19.96 37.25
CA ASP E 212 -33.15 20.77 36.06
C ASP E 212 -32.77 22.24 36.29
N SER E 213 -32.70 22.69 37.54
CA SER E 213 -32.52 24.12 37.85
C SER E 213 -33.61 24.98 37.18
N GLY E 214 -34.84 24.47 37.19
CA GLY E 214 -35.93 25.14 36.53
C GLY E 214 -37.32 24.70 36.95
N MET E 215 -38.29 25.47 36.49
CA MET E 215 -39.66 25.21 36.86
C MET E 215 -40.20 24.12 35.92
N VAL E 216 -41.11 23.31 36.45
CA VAL E 216 -41.83 22.35 35.65
C VAL E 216 -43.33 22.31 36.01
N THR E 217 -44.15 22.02 35.01
CA THR E 217 -45.60 21.99 35.21
C THR E 217 -46.02 20.57 35.35
N ALA E 218 -47.21 20.34 35.92
CA ALA E 218 -47.77 19.00 36.00
C ALA E 218 -47.87 18.36 34.64
N GLN E 219 -48.26 19.14 33.63
CA GLN E 219 -48.39 18.62 32.30
C GLN E 219 -47.06 18.01 31.85
N HIS E 220 -45.96 18.78 31.98
CA HIS E 220 -44.67 18.26 31.55
C HIS E 220 -44.21 17.05 32.36
N ARG E 221 -44.46 17.05 33.67
CA ARG E 221 -44.15 15.88 34.49
C ARG E 221 -44.83 14.62 33.92
N PHE E 222 -46.12 14.74 33.60
CA PHE E 222 -46.90 13.61 33.12
C PHE E 222 -46.31 13.08 31.82
N VAL E 223 -45.86 13.98 30.95
CA VAL E 223 -45.28 13.57 29.67
C VAL E 223 -44.14 12.60 29.88
N GLY E 224 -43.27 12.96 30.83
CA GLY E 224 -42.13 12.15 31.18
C GLY E 224 -42.51 10.86 31.90
N CSS E 225 -43.46 10.90 32.84
CA CSS E 225 -43.89 9.69 33.54
CB CSS E 225 -44.98 10.05 34.51
SG CSS E 225 -44.45 11.28 35.68
SD CSS E 225 -43.39 10.27 37.03
C CSS E 225 -44.38 8.63 32.58
O CSS E 225 -44.00 7.47 32.69
N VAL E 226 -45.24 8.98 31.64
CA VAL E 226 -45.71 8.00 30.68
C VAL E 226 -44.58 7.51 29.77
N ARG E 227 -43.76 8.42 29.27
CA ARG E 227 -42.68 8.03 28.36
C ARG E 227 -41.76 6.95 28.98
N ASP E 228 -41.50 7.10 30.26
CA ASP E 228 -40.53 6.26 30.93
C ASP E 228 -41.04 4.91 31.34
N THR E 229 -42.28 4.58 30.97
CA THR E 229 -42.75 3.18 30.98
C THR E 229 -42.42 2.48 29.65
N ARG E 230 -41.63 3.14 28.81
CA ARG E 230 -41.34 2.72 27.44
C ARG E 230 -42.64 2.67 26.62
N ALA E 231 -43.30 3.83 26.61
CA ALA E 231 -44.55 4.07 25.92
C ALA E 231 -44.48 5.30 24.99
N GLU E 232 -45.44 5.35 24.08
CA GLU E 232 -45.76 6.55 23.34
C GLU E 232 -46.44 7.48 24.31
N THR E 233 -45.88 8.68 24.52
CA THR E 233 -46.50 9.62 25.47
C THR E 233 -47.62 10.40 24.83
N PHE E 234 -48.17 11.29 25.64
CA PHE E 234 -49.18 12.25 25.21
C PHE E 234 -48.53 13.63 25.15
N LYS E 235 -49.19 14.53 24.43
CA LYS E 235 -48.76 15.92 24.34
C LYS E 235 -49.15 16.67 25.61
N ALA E 236 -48.26 17.50 26.12
CA ALA E 236 -48.58 18.44 27.18
C ALA E 236 -49.74 19.34 26.71
N GLY E 237 -50.78 19.44 27.53
CA GLY E 237 -51.97 20.19 27.20
C GLY E 237 -53.02 19.42 26.39
N SER E 238 -52.75 18.17 26.04
CA SER E 238 -53.74 17.33 25.34
C SER E 238 -54.96 17.09 26.22
N ASP E 239 -56.09 16.80 25.58
CA ASP E 239 -57.35 16.56 26.29
C ASP E 239 -57.20 15.47 27.35
N ASP E 240 -56.46 14.42 27.01
CA ASP E 240 -56.26 13.30 27.94
C ASP E 240 -55.43 13.75 29.16
N PHE E 241 -54.37 14.52 28.93
CA PHE E 241 -53.56 15.04 30.05
C PHE E 241 -54.25 16.15 30.82
N LYS E 242 -55.19 16.87 30.20
CA LYS E 242 -56.03 17.80 30.97
C LYS E 242 -56.92 17.02 31.94
N ALA E 243 -57.51 15.92 31.46
CA ALA E 243 -58.33 15.05 32.30
C ALA E 243 -57.50 14.36 33.40
N LEU E 244 -56.31 13.90 33.06
CA LEU E 244 -55.35 13.43 34.05
C LEU E 244 -55.04 14.51 35.09
N GLU E 245 -54.83 15.74 34.68
CA GLU E 245 -54.49 16.77 35.66
C GLU E 245 -55.65 16.96 36.65
N LEU E 246 -56.88 16.92 36.14
CA LEU E 246 -58.09 17.03 36.93
C LEU E 246 -58.18 15.91 37.96
N TYR E 247 -57.97 14.68 37.49
CA TYR E 247 -58.04 13.51 38.33
C TYR E 247 -56.94 13.56 39.41
N VAL E 248 -55.70 13.82 39.02
CA VAL E 248 -54.57 13.76 39.97
C VAL E 248 -54.68 14.91 40.96
N ALA E 249 -55.08 16.10 40.50
CA ALA E 249 -55.31 17.20 41.39
C ALA E 249 -56.26 16.77 42.54
N SER E 250 -57.33 16.04 42.21
CA SER E 250 -58.37 15.66 43.20
C SER E 250 -57.88 14.64 44.22
N ARG E 251 -56.86 13.87 43.83
CA ARG E 251 -56.27 12.91 44.78
C ARG E 251 -55.56 13.64 45.92
N GLY E 252 -55.32 14.94 45.74
CA GLY E 252 -54.72 15.78 46.77
C GLY E 252 -55.69 16.72 47.44
N ASN E 253 -56.98 16.57 47.21
CA ASN E 253 -57.97 17.42 47.88
C ASN E 253 -57.78 17.41 49.39
N GLY E 254 -57.62 18.60 49.97
CA GLY E 254 -57.42 18.76 51.39
C GLY E 254 -56.02 19.18 51.73
N LEU E 255 -55.03 18.75 50.95
CA LEU E 255 -53.68 19.31 51.08
C LEU E 255 -53.68 20.79 50.68
N SER E 256 -52.76 21.58 51.23
CA SER E 256 -52.61 22.95 50.80
C SER E 256 -51.92 23.05 49.45
N VAL E 257 -52.38 24.03 48.68
CA VAL E 257 -51.60 24.57 47.60
C VAL E 257 -50.28 25.06 48.20
N GLU E 258 -49.15 24.51 47.75
CA GLU E 258 -47.83 24.92 48.25
C GLU E 258 -47.32 26.24 47.62
N GLY E 259 -47.90 26.62 46.50
CA GLY E 259 -47.54 27.82 45.76
C GLY E 259 -46.58 27.41 44.70
N VAL E 260 -45.30 27.40 45.06
CA VAL E 260 -44.27 26.78 44.21
C VAL E 260 -43.38 25.94 45.10
N SER E 261 -43.30 24.66 44.77
CA SER E 261 -42.61 23.73 45.63
C SER E 261 -41.23 23.47 45.08
N VAL E 262 -40.44 22.80 45.90
CA VAL E 262 -39.09 22.40 45.54
C VAL E 262 -39.00 20.89 45.70
N ARG E 263 -38.51 20.23 44.67
CA ARG E 263 -38.41 18.78 44.66
C ARG E 263 -37.07 18.44 43.94
N HIS E 264 -36.61 17.19 43.93
CA HIS E 264 -35.42 16.80 43.14
C HIS E 264 -35.74 16.91 41.66
N CYS F 1 -31.44 -20.76 16.20
CA CYS F 1 -30.92 -21.22 17.56
C CYS F 1 -31.06 -20.18 18.70
N GLU F 2 -32.34 -19.78 18.80
CA GLU F 2 -32.93 -19.00 19.86
C GLU F 2 -34.41 -19.39 19.82
N THR F 3 -35.09 -19.47 20.96
CA THR F 3 -36.53 -19.46 20.87
C THR F 3 -37.02 -18.01 21.07
N ALA F 4 -37.81 -17.55 20.11
CA ALA F 4 -38.23 -16.16 20.03
C ALA F 4 -39.26 -15.89 21.13
N PRO F 5 -39.43 -14.63 21.51
CA PRO F 5 -40.36 -14.29 22.60
C PRO F 5 -41.77 -14.90 22.47
N LYS F 6 -42.42 -14.83 21.31
CA LYS F 6 -43.78 -15.36 21.16
C LYS F 6 -43.86 -16.90 21.09
N GLU F 7 -42.71 -17.56 20.97
CA GLU F 7 -42.62 -19.03 20.96
C GLU F 7 -42.34 -19.64 22.32
N VAL F 8 -41.97 -18.83 23.32
CA VAL F 8 -41.67 -19.36 24.64
C VAL F 8 -42.88 -20.12 25.19
N VAL F 9 -42.58 -21.23 25.86
CA VAL F 9 -43.58 -22.11 26.44
C VAL F 9 -43.42 -22.06 27.95
N TYR F 10 -44.40 -21.47 28.61
CA TYR F 10 -44.43 -21.37 30.06
C TYR F 10 -45.37 -22.45 30.60
N VAL F 11 -44.90 -23.20 31.59
CA VAL F 11 -45.69 -24.24 32.27
C VAL F 11 -45.74 -23.85 33.74
N GLU F 12 -46.89 -23.33 34.17
CA GLU F 12 -47.04 -22.69 35.48
C GLU F 12 -45.87 -21.74 35.77
N GLY F 13 -45.61 -20.86 34.79
CA GLY F 13 -44.59 -19.84 34.87
C GLY F 13 -43.18 -20.24 34.47
N ALA F 14 -42.88 -21.54 34.47
CA ALA F 14 -41.51 -22.01 34.27
C ALA F 14 -41.21 -22.24 32.79
N VAL F 15 -39.94 -22.08 32.41
CA VAL F 15 -39.51 -22.36 31.04
C VAL F 15 -38.41 -23.41 31.08
N GLU F 16 -38.76 -24.59 30.58
CA GLU F 16 -37.95 -25.80 30.74
C GLU F 16 -36.65 -25.74 29.95
N ALA F 17 -36.74 -25.19 28.74
CA ALA F 17 -35.64 -25.24 27.78
C ALA F 17 -34.90 -23.91 27.63
N SER F 18 -33.60 -24.00 27.45
CA SER F 18 -32.74 -22.83 27.19
C SER F 18 -33.36 -22.02 26.08
N LEU F 19 -33.28 -20.71 26.20
CA LEU F 19 -33.74 -19.83 25.16
C LEU F 19 -32.75 -19.78 24.01
N THR F 20 -31.49 -20.16 24.23
CA THR F 20 -30.45 -20.14 23.18
C THR F 20 -29.76 -21.46 22.82
N GLY F 21 -29.68 -22.39 23.77
CA GLY F 21 -28.87 -23.59 23.65
C GLY F 21 -27.43 -23.41 24.10
N ALA F 22 -27.09 -22.21 24.58
CA ALA F 22 -25.75 -21.87 25.00
C ALA F 22 -25.77 -21.62 26.50
N PRO F 23 -24.78 -22.10 27.24
CA PRO F 23 -24.77 -21.89 28.69
C PRO F 23 -24.75 -20.39 29.03
N GLY F 24 -25.45 -20.00 30.10
CA GLY F 24 -25.34 -18.65 30.64
C GLY F 24 -23.99 -18.34 31.27
N ASN F 25 -23.57 -17.10 31.14
CA ASN F 25 -22.33 -16.64 31.74
C ASN F 25 -22.72 -15.75 32.93
N PRO F 26 -22.55 -16.25 34.14
CA PRO F 26 -23.03 -15.56 35.34
C PRO F 26 -22.37 -14.22 35.59
N GLU F 27 -21.11 -14.04 35.20
CA GLU F 27 -20.45 -12.73 35.31
C GLU F 27 -21.07 -11.66 34.41
N GLU F 28 -21.47 -12.07 33.21
CA GLU F 28 -22.20 -11.17 32.31
C GLU F 28 -23.61 -10.96 32.90
N GLY F 29 -24.18 -11.98 33.53
CA GLY F 29 -25.45 -11.85 34.22
C GLY F 29 -25.44 -10.68 35.22
N VAL F 30 -24.38 -10.58 36.00
CA VAL F 30 -24.26 -9.56 37.02
C VAL F 30 -24.24 -8.18 36.39
N ARG F 31 -23.49 -8.06 35.30
CA ARG F 31 -23.46 -6.78 34.56
C ARG F 31 -24.84 -6.38 34.04
N ILE F 32 -25.56 -7.33 33.45
CA ILE F 32 -26.90 -7.09 32.93
C ILE F 32 -27.84 -6.63 34.05
N MET F 33 -27.68 -7.24 35.23
CA MET F 33 -28.63 -7.01 36.34
C MET F 33 -28.44 -5.67 37.01
N THR F 34 -27.27 -5.04 36.77
CA THR F 34 -26.87 -3.81 37.46
C THR F 34 -26.57 -2.69 36.48
N THR F 35 -26.96 -2.89 35.22
CA THR F 35 -26.84 -1.83 34.20
C THR F 35 -28.24 -1.31 33.89
N ASN F 36 -28.42 0.00 34.02
CA ASN F 36 -29.77 0.60 34.02
C ASN F 36 -30.56 0.33 32.75
N ALA F 37 -29.91 0.30 31.59
CA ALA F 37 -30.63 0.11 30.34
C ALA F 37 -30.83 -1.37 29.99
N LEU F 38 -30.35 -2.29 30.83
CA LEU F 38 -30.52 -3.71 30.57
C LEU F 38 -31.50 -4.32 31.60
N GLY F 39 -31.03 -5.12 32.52
CA GLY F 39 -31.95 -5.72 33.49
C GLY F 39 -32.48 -4.74 34.53
N ASN F 40 -31.62 -3.83 34.97
CA ASN F 40 -31.97 -2.80 35.96
C ASN F 40 -32.69 -3.41 37.16
N CYS F 41 -32.28 -4.62 37.54
CA CYS F 41 -32.94 -5.41 38.58
C CYS F 41 -32.85 -4.71 39.93
N VAL F 42 -31.72 -4.06 40.14
CA VAL F 42 -31.46 -3.36 41.39
C VAL F 42 -32.28 -2.07 41.62
N ALA F 43 -32.99 -1.57 40.60
CA ALA F 43 -33.99 -0.52 40.81
C ALA F 43 -35.06 -1.00 41.78
N CYS F 44 -35.34 -2.30 41.76
CA CYS F 44 -36.37 -2.83 42.64
C CYS F 44 -35.88 -3.76 43.74
N HIS F 45 -34.82 -4.53 43.47
CA HIS F 45 -34.36 -5.61 44.37
C HIS F 45 -33.01 -5.27 44.93
N GLN F 46 -32.82 -5.51 46.23
CA GLN F 46 -31.50 -5.55 46.81
C GLN F 46 -30.81 -6.82 46.35
N ILE F 47 -29.49 -6.76 46.23
CA ILE F 47 -28.63 -7.94 46.07
C ILE F 47 -27.44 -7.86 47.04
N GLY F 48 -27.60 -8.48 48.19
CA GLY F 48 -26.56 -8.54 49.22
C GLY F 48 -25.20 -9.00 48.71
N ALA F 49 -25.21 -9.94 47.79
CA ALA F 49 -24.01 -10.52 47.21
C ALA F 49 -23.23 -9.57 46.30
N LEU F 50 -23.78 -8.38 46.07
CA LEU F 50 -23.13 -7.35 45.25
C LEU F 50 -23.09 -6.05 46.05
N PRO F 51 -22.24 -5.99 47.08
CA PRO F 51 -22.27 -4.87 48.03
C PRO F 51 -21.81 -3.52 47.45
N ASP F 52 -21.12 -3.56 46.32
CA ASP F 52 -20.70 -2.31 45.66
C ASP F 52 -21.81 -1.59 44.87
N VAL F 53 -22.98 -2.22 44.75
CA VAL F 53 -24.08 -1.63 43.99
C VAL F 53 -24.72 -0.55 44.88
N GLU F 54 -24.79 0.66 44.34
CA GLU F 54 -25.37 1.82 45.05
C GLU F 54 -26.88 1.90 44.85
N PHE F 55 -27.58 2.41 45.88
CA PHE F 55 -29.01 2.72 45.85
C PHE F 55 -29.92 1.61 45.35
N PRO F 56 -29.82 0.42 45.92
CA PRO F 56 -30.74 -0.67 45.55
C PRO F 56 -32.14 -0.35 46.06
N GLY F 57 -33.16 -0.74 45.31
CA GLY F 57 -34.53 -0.43 45.66
C GLY F 57 -35.06 -1.37 46.72
N THR F 58 -36.23 -1.02 47.24
CA THR F 58 -36.93 -1.81 48.27
C THR F 58 -38.35 -2.14 47.83
N ILE F 59 -38.57 -2.15 46.51
CA ILE F 59 -39.85 -2.55 45.93
C ILE F 59 -40.20 -4.01 46.22
N ALA F 60 -39.18 -4.86 46.15
CA ALA F 60 -39.36 -6.29 46.28
C ALA F 60 -38.19 -6.87 47.08
N PRO F 61 -38.35 -8.05 47.67
CA PRO F 61 -37.31 -8.58 48.56
C PRO F 61 -35.99 -8.88 47.85
N PRO F 62 -34.91 -8.93 48.62
CA PRO F 62 -33.58 -9.23 48.06
C PRO F 62 -33.57 -10.51 47.23
N LEU F 63 -32.70 -10.55 46.23
CA LEU F 63 -32.60 -11.70 45.36
C LEU F 63 -31.72 -12.78 45.97
N ASP F 64 -31.03 -12.47 47.06
CA ASP F 64 -30.19 -13.48 47.70
C ASP F 64 -31.07 -14.66 48.08
N GLY F 65 -30.56 -15.86 47.82
CA GLY F 65 -31.31 -17.06 48.09
C GLY F 65 -32.27 -17.47 46.98
N ALA F 66 -32.34 -16.73 45.88
CA ALA F 66 -33.27 -17.07 44.80
C ALA F 66 -32.96 -18.45 44.23
N GLY F 67 -31.67 -18.81 44.24
CA GLY F 67 -31.19 -20.12 43.83
C GLY F 67 -31.75 -21.32 44.61
N ASP F 68 -32.19 -21.07 45.84
CA ASP F 68 -32.84 -22.12 46.66
C ASP F 68 -34.34 -22.14 46.48
N ARG F 69 -34.92 -20.98 46.20
CA ARG F 69 -36.37 -20.84 46.14
C ARG F 69 -36.94 -21.31 44.82
N TRP F 70 -36.11 -21.35 43.78
CA TRP F 70 -36.59 -21.63 42.44
C TRP F 70 -35.63 -22.52 41.67
N THR F 71 -36.18 -23.38 40.83
CA THR F 71 -35.38 -24.18 39.90
C THR F 71 -34.86 -23.30 38.76
N GLU F 72 -33.85 -23.78 38.06
CA GLU F 72 -33.36 -23.10 36.86
C GLU F 72 -34.49 -22.67 35.95
N ALA F 73 -35.40 -23.60 35.62
CA ALA F 73 -36.51 -23.32 34.72
C ALA F 73 -37.49 -22.28 35.26
N GLN F 74 -37.72 -22.33 36.57
CA GLN F 74 -38.60 -21.35 37.19
C GLN F 74 -37.97 -19.96 37.05
N LEU F 75 -36.65 -19.87 37.30
CA LEU F 75 -35.92 -18.60 37.21
C LEU F 75 -35.97 -18.03 35.79
N ARG F 76 -35.79 -18.91 34.81
CA ARG F 76 -35.89 -18.52 33.39
C ARG F 76 -37.24 -17.91 33.08
N GLY F 77 -38.30 -18.52 33.58
CA GLY F 77 -39.64 -18.04 33.37
C GLY F 77 -39.90 -16.71 34.04
N ILE F 78 -39.37 -16.55 35.25
CA ILE F 78 -39.56 -15.31 36.03
C ILE F 78 -38.85 -14.15 35.34
N VAL F 79 -37.64 -14.39 34.87
CA VAL F 79 -36.87 -13.34 34.19
C VAL F 79 -37.51 -13.01 32.83
N ALA F 80 -37.96 -14.03 32.09
CA ALA F 80 -38.55 -13.82 30.78
C ALA F 80 -39.88 -13.15 30.87
N ASN F 81 -40.73 -13.62 31.76
CA ASN F 81 -42.00 -12.99 31.96
C ASN F 81 -42.60 -13.36 33.29
N ALA F 82 -42.26 -12.55 34.29
CA ALA F 82 -42.64 -12.80 35.67
C ALA F 82 -44.15 -12.83 35.85
N LYS F 83 -44.89 -12.20 34.93
CA LYS F 83 -46.35 -12.22 35.00
C LYS F 83 -46.98 -13.62 34.80
N MET F 84 -46.21 -14.54 34.24
CA MET F 84 -46.64 -15.93 34.06
C MET F 84 -46.50 -16.75 35.35
N THR F 85 -45.77 -16.19 36.32
CA THR F 85 -45.62 -16.75 37.65
C THR F 85 -46.44 -15.98 38.69
N PHE F 86 -46.34 -14.64 38.65
CA PHE F 86 -47.09 -13.77 39.56
C PHE F 86 -48.01 -12.86 38.77
N GLU F 87 -49.30 -13.20 38.78
CA GLU F 87 -50.28 -12.47 37.99
C GLU F 87 -50.37 -11.00 38.37
N GLY F 88 -50.21 -10.14 37.36
CA GLY F 88 -50.34 -8.70 37.53
C GLY F 88 -49.16 -8.08 38.26
N THR F 89 -48.07 -8.83 38.44
CA THR F 89 -46.92 -8.32 39.17
C THR F 89 -46.38 -7.05 38.49
N PHE F 90 -45.87 -6.15 39.31
CA PHE F 90 -45.19 -4.91 38.94
C PHE F 90 -43.88 -5.18 38.19
N MET F 91 -43.26 -6.34 38.44
CA MET F 91 -42.05 -6.68 37.67
C MET F 91 -42.36 -6.72 36.18
N PRO F 92 -41.62 -5.99 35.37
CA PRO F 92 -41.81 -6.07 33.92
C PRO F 92 -41.29 -7.38 33.31
N ALA F 93 -41.83 -7.74 32.17
CA ALA F 93 -41.35 -8.87 31.38
C ALA F 93 -40.19 -8.46 30.53
N PHE F 94 -39.09 -9.19 30.69
CA PHE F 94 -37.86 -8.88 29.99
C PHE F 94 -37.74 -9.55 28.64
N TYR F 95 -38.66 -10.46 28.29
CA TYR F 95 -38.63 -11.14 27.00
C TYR F 95 -40.01 -11.17 26.37
N LYS F 96 -40.57 -9.97 26.20
CA LYS F 96 -41.94 -9.79 25.69
C LYS F 96 -41.92 -8.67 24.68
N VAL F 97 -42.64 -8.83 23.58
CA VAL F 97 -42.54 -7.93 22.43
C VAL F 97 -43.85 -7.32 21.97
N ASP F 98 -44.96 -7.78 22.52
CA ASP F 98 -46.25 -7.22 22.17
C ASP F 98 -47.30 -7.41 23.26
N GLY F 99 -48.53 -6.97 22.95
CA GLY F 99 -49.61 -6.94 23.92
C GLY F 99 -49.59 -5.73 24.87
N PHE F 100 -48.97 -4.64 24.43
CA PHE F 100 -48.82 -3.42 25.21
C PHE F 100 -49.83 -2.33 24.85
N VAL F 101 -50.08 -1.47 25.84
CA VAL F 101 -50.90 -0.29 25.63
C VAL F 101 -49.97 0.91 25.37
N ARG F 102 -50.14 1.54 24.21
CA ARG F 102 -49.24 2.59 23.73
C ARG F 102 -47.77 2.15 23.73
N PRO F 103 -47.45 1.11 22.96
CA PRO F 103 -46.06 0.68 22.88
C PRO F 103 -45.17 1.83 22.41
N GLY F 104 -44.04 1.99 23.09
CA GLY F 104 -43.08 3.04 22.81
C GLY F 104 -41.86 2.54 22.08
N ASP F 105 -41.14 3.46 21.47
CA ASP F 105 -39.86 3.22 20.81
C ASP F 105 -38.78 3.62 21.82
N GLY F 106 -38.34 2.66 22.62
CA GLY F 106 -37.40 2.93 23.69
C GLY F 106 -37.98 3.95 24.66
N PHE F 107 -37.19 4.97 24.99
CA PHE F 107 -37.58 6.06 25.86
C PHE F 107 -37.81 7.34 25.07
N SER F 108 -37.99 7.23 23.75
CA SER F 108 -38.24 8.39 22.90
C SER F 108 -39.60 9.03 23.10
N GLY F 109 -40.53 8.27 23.64
CA GLY F 109 -41.91 8.70 23.72
C GLY F 109 -42.70 8.63 22.41
N LYS F 110 -42.09 8.10 21.37
CA LYS F 110 -42.76 7.90 20.09
C LYS F 110 -43.28 6.47 20.04
N ALA F 111 -44.24 6.27 19.17
CA ALA F 111 -44.83 4.96 18.95
C ALA F 111 -43.76 3.98 18.44
N GLY F 112 -43.75 2.79 19.03
CA GLY F 112 -42.94 1.69 18.55
C GLY F 112 -43.87 0.64 17.95
N ALA F 113 -43.53 0.15 16.76
CA ALA F 113 -44.37 -0.85 16.08
C ALA F 113 -44.11 -2.22 16.68
N GLU F 114 -45.15 -2.84 17.20
CA GLU F 114 -45.03 -4.20 17.70
C GLU F 114 -44.89 -5.12 16.49
N PRO F 115 -44.06 -6.17 16.57
CA PRO F 115 -43.30 -6.51 17.79
C PRO F 115 -42.05 -5.64 18.02
N LEU F 116 -41.95 -5.16 19.26
CA LEU F 116 -40.76 -4.50 19.77
C LEU F 116 -39.61 -5.49 19.97
N ALA F 117 -38.39 -4.99 19.98
CA ALA F 117 -37.29 -5.72 20.57
C ALA F 117 -37.62 -6.01 22.04
N PRO F 118 -37.33 -7.23 22.52
CA PRO F 118 -37.48 -7.48 23.96
C PRO F 118 -36.48 -6.61 24.74
N ILE F 119 -36.76 -6.31 26.00
CA ILE F 119 -35.83 -5.54 26.79
C ILE F 119 -34.46 -6.24 26.89
N LEU F 120 -34.45 -7.53 27.18
CA LEU F 120 -33.23 -8.34 27.12
C LEU F 120 -33.32 -9.32 25.95
N ASN F 121 -32.21 -9.59 25.28
CA ASN F 121 -32.16 -10.70 24.34
C ASN F 121 -32.09 -12.08 25.05
N ALA F 122 -32.26 -13.16 24.28
CA ALA F 122 -32.32 -14.50 24.87
C ALA F 122 -31.08 -14.89 25.63
N GLN F 123 -29.89 -14.58 25.11
CA GLN F 123 -28.66 -14.95 25.80
C GLN F 123 -28.48 -14.13 27.10
N GLN F 124 -28.92 -12.88 27.10
CA GLN F 124 -28.85 -12.05 28.32
C GLN F 124 -29.74 -12.65 29.41
N ILE F 125 -30.89 -13.15 29.02
CA ILE F 125 -31.74 -13.86 29.96
C ILE F 125 -31.02 -15.08 30.54
N GLU F 126 -30.43 -15.91 29.70
CA GLU F 126 -29.71 -17.08 30.16
C GLU F 126 -28.55 -16.71 31.09
N ASP F 127 -27.85 -15.62 30.78
CA ASP F 127 -26.76 -15.13 31.60
C ASP F 127 -27.23 -14.71 33.00
N VAL F 128 -28.37 -14.05 33.04
CA VAL F 128 -28.96 -13.57 34.29
C VAL F 128 -29.38 -14.82 35.11
N VAL F 129 -30.07 -15.74 34.47
CA VAL F 129 -30.49 -16.99 35.12
C VAL F 129 -29.31 -17.74 35.74
N ALA F 130 -28.19 -17.76 35.04
CA ALA F 130 -26.98 -18.43 35.51
C ALA F 130 -26.42 -17.83 36.80
N PHE F 131 -26.52 -16.51 36.93
CA PHE F 131 -26.09 -15.87 38.18
C PHE F 131 -27.09 -16.19 39.29
N LEU F 132 -28.38 -16.14 38.97
CA LEU F 132 -29.42 -16.36 39.94
C LEU F 132 -29.31 -17.76 40.58
N VAL F 133 -28.92 -18.74 39.78
CA VAL F 133 -28.76 -20.11 40.25
C VAL F 133 -27.66 -20.16 41.34
N THR F 134 -26.66 -19.29 41.26
CA THR F 134 -25.60 -19.26 42.27
C THR F 134 -25.97 -18.59 43.58
N LEU F 135 -27.08 -17.88 43.62
CA LEU F 135 -27.57 -17.24 44.83
C LEU F 135 -28.20 -18.29 45.73
N LYS F 136 -27.33 -19.09 46.33
CA LYS F 136 -27.70 -20.30 47.05
C LYS F 136 -27.13 -20.20 48.45
N GLU F 137 -28.02 -20.16 49.43
CA GLU F 137 -27.75 -20.30 50.87
C GLU F 137 -28.20 -18.99 51.55
N ASP G 1 -31.87 33.12 -10.26
CA ASP G 1 -30.99 31.88 -10.37
C ASP G 1 -30.28 31.73 -11.73
N PRO G 2 -29.14 31.03 -11.78
CA PRO G 2 -28.37 30.95 -13.03
C PRO G 2 -29.08 30.16 -14.12
N VAL G 3 -29.07 30.72 -15.32
CA VAL G 3 -29.70 30.11 -16.50
C VAL G 3 -28.93 28.88 -16.98
N GLU G 4 -29.62 27.97 -17.65
CA GLU G 4 -28.97 26.83 -18.28
C GLU G 4 -28.70 27.24 -19.71
N ASP G 5 -27.42 27.43 -20.04
CA ASP G 5 -27.02 27.93 -21.36
C ASP G 5 -25.53 27.67 -21.49
N GLY G 6 -25.00 27.81 -22.70
CA GLY G 6 -23.59 27.58 -22.97
C GLY G 6 -23.02 28.65 -23.87
N LEU G 7 -21.75 29.00 -23.63
CA LEU G 7 -21.08 30.07 -24.35
C LEU G 7 -19.93 29.53 -25.19
N VAL G 8 -20.12 29.54 -26.51
CA VAL G 8 -19.05 29.34 -27.49
C VAL G 8 -19.08 30.58 -28.35
N ILE G 9 -17.98 31.32 -28.34
CA ILE G 9 -17.85 32.59 -29.07
C ILE G 9 -17.42 32.35 -30.52
N GLU G 10 -18.16 32.92 -31.48
CA GLU G 10 -17.69 32.97 -32.86
C GLU G 10 -16.60 34.03 -32.98
N THR G 11 -15.46 33.64 -33.55
CA THR G 11 -14.33 34.55 -33.77
C THR G 11 -13.74 34.41 -35.16
N ASP G 12 -12.77 35.27 -35.47
CA ASP G 12 -12.04 35.21 -36.75
C ASP G 12 -11.10 34.02 -36.83
N SER G 13 -10.89 33.35 -35.70
CA SER G 13 -10.02 32.17 -35.57
C SER G 13 -10.79 30.89 -35.29
N GLY G 14 -12.10 30.90 -35.47
CA GLY G 14 -12.91 29.74 -35.17
C GLY G 14 -13.55 29.84 -33.80
N PRO G 15 -14.38 28.84 -33.48
CA PRO G 15 -15.15 28.88 -32.22
C PRO G 15 -14.22 28.81 -31.00
N VAL G 16 -14.59 29.49 -29.92
CA VAL G 16 -13.84 29.45 -28.68
C VAL G 16 -14.84 29.10 -27.59
N GLU G 17 -14.71 27.90 -27.04
CA GLU G 17 -15.52 27.46 -25.93
C GLU G 17 -15.09 28.20 -24.65
N ILE G 18 -16.08 28.66 -23.89
CA ILE G 18 -15.87 29.33 -22.60
C ILE G 18 -16.51 28.47 -21.53
N VAL G 19 -15.73 27.98 -20.57
CA VAL G 19 -16.31 27.31 -19.42
C VAL G 19 -16.95 28.36 -18.52
N THR G 20 -18.27 28.34 -18.40
CA THR G 20 -19.00 29.32 -17.58
C THR G 20 -19.64 28.73 -16.33
N LYS G 21 -19.45 27.43 -16.11
CA LYS G 21 -20.08 26.68 -15.03
C LYS G 21 -19.14 25.52 -14.75
N THR G 22 -18.68 25.37 -13.52
CA THR G 22 -17.78 24.26 -13.18
C THR G 22 -17.76 24.07 -11.67
N ALA G 23 -17.09 23.01 -11.22
CA ALA G 23 -16.96 22.80 -9.79
C ALA G 23 -16.03 23.90 -9.19
N PRO G 24 -16.32 24.29 -7.95
CA PRO G 24 -15.53 25.33 -7.29
C PRO G 24 -14.12 24.86 -6.95
N PRO G 25 -13.22 25.80 -6.70
CA PRO G 25 -11.91 25.45 -6.15
C PRO G 25 -12.13 24.84 -4.78
N ALA G 26 -11.16 24.10 -4.27
CA ALA G 26 -11.41 23.31 -3.06
C ALA G 26 -11.81 24.22 -1.90
N PHE G 27 -11.19 25.40 -1.79
CA PHE G 27 -11.52 26.28 -0.67
C PHE G 27 -12.98 26.72 -0.61
N LEU G 28 -13.68 26.60 -1.72
CA LEU G 28 -15.08 27.00 -1.81
C LEU G 28 -16.03 25.81 -1.87
N ALA G 29 -15.52 24.59 -1.74
CA ALA G 29 -16.32 23.38 -1.87
C ALA G 29 -17.47 23.34 -0.87
N ASP G 30 -17.24 23.84 0.34
CA ASP G 30 -18.25 23.90 1.40
C ASP G 30 -19.30 25.01 1.22
N THR G 31 -19.01 25.96 0.31
CA THR G 31 -19.79 27.18 0.12
C THR G 31 -20.76 27.10 -1.06
N PHE G 32 -20.24 26.66 -2.20
CA PHE G 32 -21.00 26.53 -3.45
C PHE G 32 -20.92 25.09 -3.96
N ASP G 33 -22.03 24.57 -4.51
CA ASP G 33 -22.00 23.35 -5.30
C ASP G 33 -21.30 23.60 -6.66
N THR G 34 -21.49 24.80 -7.20
CA THR G 34 -21.04 25.12 -8.55
C THR G 34 -20.65 26.60 -8.63
N ILE G 35 -19.55 26.93 -9.32
CA ILE G 35 -19.26 28.34 -9.64
C ILE G 35 -19.65 28.66 -11.06
N TYR G 36 -20.12 29.90 -11.24
CA TYR G 36 -20.66 30.37 -12.49
C TYR G 36 -20.08 31.69 -12.85
N SER G 37 -19.88 31.89 -14.14
CA SER G 37 -19.70 33.22 -14.72
C SER G 37 -20.93 34.09 -14.51
N GLY G 38 -20.69 35.41 -14.38
CA GLY G 38 -21.74 36.42 -14.33
C GLY G 38 -22.65 36.39 -15.54
N TRP G 39 -22.11 35.86 -16.66
CA TRP G 39 -22.90 35.69 -17.88
C TRP G 39 -24.18 34.88 -17.66
N HIS G 40 -24.13 33.84 -16.82
CA HIS G 40 -25.33 33.05 -16.48
C HIS G 40 -26.49 33.80 -15.83
N PHE G 41 -26.22 34.98 -15.28
CA PHE G 41 -27.23 35.74 -14.54
C PHE G 41 -27.80 36.89 -15.34
N ARG G 42 -27.38 36.99 -16.60
CA ARG G 42 -27.82 38.07 -17.48
C ARG G 42 -28.94 37.59 -18.40
N ASP G 43 -29.74 38.51 -18.91
CA ASP G 43 -30.85 38.15 -19.79
C ASP G 43 -30.32 37.75 -21.18
N ASP G 44 -31.16 37.09 -21.99
CA ASP G 44 -30.64 36.51 -23.23
C ASP G 44 -30.03 37.53 -24.16
N SER G 45 -30.63 38.71 -24.29
CA SER G 45 -30.11 39.67 -25.27
C SER G 45 -28.72 40.22 -24.87
N THR G 46 -28.47 40.33 -23.57
CA THR G 46 -27.13 40.66 -23.08
C THR G 46 -26.18 39.48 -23.27
N ARG G 47 -26.61 38.27 -22.91
CA ARG G 47 -25.79 37.07 -23.10
C ARG G 47 -25.35 36.96 -24.56
N ASP G 48 -26.28 37.21 -25.49
CA ASP G 48 -25.97 37.18 -26.93
C ASP G 48 -24.82 38.08 -27.34
N LEU G 49 -24.65 39.22 -26.68
CA LEU G 49 -23.60 40.16 -27.09
C LEU G 49 -22.19 39.59 -26.91
N GLU G 50 -22.04 38.65 -25.99
CA GLU G 50 -20.72 38.04 -25.78
C GLU G 50 -20.47 36.84 -26.75
N ARG G 51 -21.53 36.38 -27.43
CA ARG G 51 -21.47 35.17 -28.27
C ARG G 51 -20.67 35.29 -29.54
N ASP G 52 -20.45 36.49 -30.03
CA ASP G 52 -19.51 36.64 -31.11
C ASP G 52 -18.86 37.97 -31.13
N ASP G 53 -17.62 37.98 -31.60
CA ASP G 53 -16.78 39.16 -31.57
C ASP G 53 -17.33 40.29 -32.40
N PHE G 54 -18.07 39.94 -33.47
CA PHE G 54 -18.65 40.94 -34.35
C PHE G 54 -19.66 41.82 -33.58
N ASP G 55 -20.48 41.21 -32.72
CA ASP G 55 -21.54 41.88 -31.92
C ASP G 55 -21.05 42.40 -30.53
N ASN G 56 -19.88 41.94 -30.06
CA ASN G 56 -19.40 42.29 -28.72
C ASN G 56 -18.78 43.70 -28.76
N PRO G 57 -19.42 44.68 -28.11
CA PRO G 57 -18.94 46.07 -28.19
C PRO G 57 -17.57 46.28 -27.51
N ALA G 58 -17.17 45.38 -26.62
CA ALA G 58 -15.84 45.47 -26.01
C ALA G 58 -14.73 45.32 -27.01
N MET G 59 -15.01 44.64 -28.13
CA MET G 59 -13.96 44.37 -29.10
C MET G 59 -13.43 45.65 -29.77
N VAL G 60 -14.21 46.71 -29.76
CA VAL G 60 -13.74 48.03 -30.19
C VAL G 60 -12.51 48.47 -29.36
N PHE G 61 -12.55 48.21 -28.06
CA PHE G 61 -11.53 48.69 -27.16
C PHE G 61 -10.33 47.77 -27.15
N VAL G 62 -10.55 46.48 -27.38
CA VAL G 62 -9.46 45.56 -27.69
C VAL G 62 -8.67 46.11 -28.90
N ASP G 63 -9.38 46.55 -29.93
CA ASP G 63 -8.74 47.00 -31.17
C ASP G 63 -7.95 48.28 -30.96
N ARG G 64 -8.49 49.18 -30.14
CA ARG G 64 -7.83 50.43 -29.87
C ARG G 64 -6.58 50.14 -29.01
N GLY G 65 -6.71 49.16 -28.11
CA GLY G 65 -5.57 48.67 -27.35
C GLY G 65 -4.45 48.20 -28.25
N LEU G 66 -4.80 47.54 -29.35
CA LEU G 66 -3.80 47.09 -30.30
C LEU G 66 -3.10 48.27 -31.00
N ASP G 67 -3.86 49.31 -31.34
CA ASP G 67 -3.24 50.53 -31.84
C ASP G 67 -2.28 51.14 -30.82
N LYS G 68 -2.66 51.09 -29.55
CA LYS G 68 -1.81 51.69 -28.52
C LYS G 68 -0.55 50.82 -28.26
N TRP G 69 -0.70 49.50 -28.38
CA TRP G 69 0.41 48.55 -28.30
C TRP G 69 1.46 48.85 -29.39
N ASN G 70 0.97 49.23 -30.57
CA ASN G 70 1.84 49.50 -31.74
C ASN G 70 2.30 50.94 -31.87
N ALA G 71 1.80 51.82 -31.02
CA ALA G 71 2.11 53.25 -31.13
C ALA G 71 3.47 53.61 -30.52
N ALA G 72 4.22 54.44 -31.24
CA ALA G 72 5.54 54.89 -30.79
C ALA G 72 5.41 56.02 -29.78
N MET G 73 5.09 55.67 -28.54
CA MET G 73 4.73 56.63 -27.49
C MET G 73 5.92 57.07 -26.63
N GLY G 74 6.91 56.20 -26.49
CA GLY G 74 7.97 56.38 -25.51
C GLY G 74 8.86 57.56 -25.82
N VAL G 75 9.77 57.88 -24.89
CA VAL G 75 10.68 59.02 -25.05
C VAL G 75 11.68 58.87 -26.21
N ASN G 76 12.15 57.64 -26.46
CA ASN G 76 12.96 57.35 -27.66
C ASN G 76 12.17 56.63 -28.77
N GLY G 77 10.86 56.88 -28.84
CA GLY G 77 9.99 56.28 -29.84
C GLY G 77 9.50 54.86 -29.58
N GLU G 78 9.69 54.38 -28.35
CA GLU G 78 9.35 53.00 -27.97
C GLU G 78 7.87 52.76 -28.07
N SER G 79 7.52 51.58 -28.56
CA SER G 79 6.18 51.02 -28.39
C SER G 79 6.27 49.72 -27.58
N CYS G 80 5.14 49.20 -27.14
CA CYS G 80 5.09 47.86 -26.54
C CYS G 80 5.64 46.84 -27.54
N ALA G 81 5.23 46.96 -28.79
CA ALA G 81 5.71 46.05 -29.84
C ALA G 81 7.22 46.10 -30.06
N SER G 82 7.84 47.24 -29.83
CA SER G 82 9.32 47.39 -29.97
C SER G 82 10.04 46.29 -29.22
N CYS G 83 9.56 45.98 -28.01
CA CYS G 83 10.20 44.97 -27.18
C CYS G 83 9.49 43.62 -27.15
N HIS G 84 8.16 43.63 -27.24
CA HIS G 84 7.35 42.44 -26.98
C HIS G 84 6.85 41.81 -28.26
N GLN G 85 7.11 42.46 -29.40
CA GLN G 85 6.54 42.04 -30.68
C GLN G 85 4.99 42.02 -30.59
N GLY G 86 4.32 41.03 -31.17
CA GLY G 86 2.87 40.94 -31.10
C GLY G 86 2.32 40.68 -29.71
N PRO G 87 1.06 41.04 -29.48
CA PRO G 87 0.46 40.93 -28.15
C PRO G 87 0.31 39.50 -27.68
N GLU G 88 0.39 38.53 -28.59
CA GLU G 88 0.40 37.11 -28.25
C GLU G 88 1.59 36.73 -27.36
N SER G 89 2.57 37.62 -27.27
CA SER G 89 3.69 37.51 -26.33
C SER G 89 3.21 37.41 -24.87
N MET G 90 1.99 37.94 -24.61
CA MET G 90 1.40 37.86 -23.27
C MET G 90 0.39 36.72 -23.13
N ALA G 91 0.43 35.73 -24.03
CA ALA G 91 -0.40 34.53 -23.92
C ALA G 91 -0.29 33.96 -22.52
N GLY G 92 -1.43 33.58 -21.92
CA GLY G 92 -1.47 32.90 -20.65
C GLY G 92 -1.48 33.79 -19.41
N LEU G 93 -1.00 35.03 -19.56
CA LEU G 93 -0.71 35.87 -18.41
C LEU G 93 -1.99 36.20 -17.64
N ARG G 94 -2.99 36.70 -18.36
CA ARG G 94 -4.28 37.04 -17.76
C ARG G 94 -4.91 35.90 -16.94
N ALA G 95 -4.72 34.68 -17.40
CA ALA G 95 -5.33 33.50 -16.73
C ALA G 95 -4.79 33.26 -15.32
N VAL G 96 -3.56 33.69 -15.06
CA VAL G 96 -2.90 33.41 -13.78
C VAL G 96 -2.68 34.68 -12.93
N MET G 97 -3.36 35.77 -13.33
CA MET G 97 -3.27 37.06 -12.62
C MET G 97 -4.48 37.28 -11.70
N PRO G 98 -4.29 37.97 -10.56
CA PRO G 98 -2.97 38.50 -10.10
C PRO G 98 -2.02 37.45 -9.54
N ARG G 99 -0.76 37.81 -9.37
CA ARG G 99 0.24 36.86 -8.93
C ARG G 99 1.43 37.55 -8.26
N VAL G 100 2.14 36.81 -7.43
CA VAL G 100 3.42 37.27 -6.90
C VAL G 100 4.46 37.05 -7.98
N ASP G 101 5.10 38.12 -8.42
CA ASP G 101 6.07 38.05 -9.48
C ASP G 101 7.27 37.14 -9.17
N GLU G 102 7.67 36.34 -10.14
CA GLU G 102 8.74 35.37 -9.94
C GLU G 102 10.09 36.00 -9.63
N HIS G 103 10.32 37.22 -10.09
CA HIS G 103 11.60 37.93 -9.88
C HIS G 103 11.62 38.90 -8.70
N THR G 104 10.57 39.71 -8.51
CA THR G 104 10.59 40.73 -7.45
C THR G 104 9.97 40.24 -6.15
N GLY G 105 9.12 39.23 -6.26
CA GLY G 105 8.29 38.80 -5.14
C GLY G 105 7.20 39.77 -4.71
N LYS G 106 6.91 40.76 -5.54
CA LYS G 106 5.80 41.69 -5.25
C LYS G 106 4.51 41.13 -5.79
N LEU G 107 3.38 41.35 -5.10
CA LEU G 107 2.05 41.09 -5.70
C LEU G 107 1.81 42.07 -6.84
N MET G 108 1.40 41.56 -8.00
CA MET G 108 1.15 42.39 -9.16
C MET G 108 -0.25 42.14 -9.72
N ILE G 109 -1.03 43.19 -9.95
CA ILE G 109 -2.25 43.12 -10.79
C ILE G 109 -1.76 43.57 -12.16
N MET G 110 -2.54 43.31 -13.19
CA MET G 110 -2.06 43.57 -14.53
C MET G 110 -1.64 45.02 -14.68
N GLU G 111 -2.37 45.92 -14.03
CA GLU G 111 -2.08 47.36 -14.11
C GLU G 111 -0.65 47.69 -13.65
N ASP G 112 -0.15 46.95 -12.67
CA ASP G 112 1.21 47.12 -12.20
C ASP G 112 2.24 46.72 -13.27
N TYR G 113 2.01 45.60 -13.97
CA TYR G 113 2.93 45.22 -15.05
C TYR G 113 2.92 46.26 -16.15
N VAL G 114 1.73 46.72 -16.55
CA VAL G 114 1.65 47.74 -17.60
C VAL G 114 2.39 48.99 -17.20
N ASN G 115 2.15 49.48 -15.99
CA ASN G 115 2.78 50.73 -15.58
C ASN G 115 4.28 50.59 -15.31
N ALA G 116 4.74 49.39 -14.97
CA ALA G 116 6.19 49.17 -14.78
C ALA G 116 6.93 49.41 -16.11
N CYS G 117 6.37 48.95 -17.22
CA CYS G 117 6.95 49.25 -18.53
C CYS G 117 6.72 50.68 -19.00
N VAL G 118 5.53 51.20 -18.79
CA VAL G 118 5.25 52.59 -19.17
C VAL G 118 6.25 53.58 -18.52
N THR G 119 6.53 53.42 -17.23
CA THR G 119 7.41 54.34 -16.48
C THR G 119 8.91 54.01 -16.64
N GLU G 120 9.30 52.82 -16.21
CA GLU G 120 10.72 52.42 -16.22
C GLU G 120 11.28 52.29 -17.63
N ARG G 121 10.49 51.74 -18.55
CA ARG G 121 11.02 51.39 -19.86
C ARG G 121 10.63 52.32 -20.97
N MET G 122 9.61 53.14 -20.75
CA MET G 122 9.22 54.08 -21.78
C MET G 122 9.39 55.53 -21.36
N GLY G 123 9.81 55.77 -20.11
CA GLY G 123 10.00 57.11 -19.57
C GLY G 123 8.80 58.05 -19.60
N LEU G 124 7.60 57.47 -19.49
CA LEU G 124 6.37 58.22 -19.51
C LEU G 124 5.80 58.34 -18.10
N GLU G 125 4.90 59.29 -17.93
CA GLU G 125 4.19 59.43 -16.67
C GLU G 125 3.29 58.20 -16.55
N LYS G 126 3.13 57.65 -15.34
CA LYS G 126 2.26 56.50 -15.16
C LYS G 126 0.86 56.74 -15.72
N TRP G 127 0.29 55.72 -16.33
CA TRP G 127 -1.10 55.79 -16.75
C TRP G 127 -2.02 55.66 -15.54
N GLY G 128 -3.10 56.44 -15.52
CA GLY G 128 -4.13 56.25 -14.52
C GLY G 128 -4.62 54.81 -14.58
N VAL G 129 -4.89 54.21 -13.42
CA VAL G 129 -5.26 52.80 -13.40
C VAL G 129 -6.64 52.51 -14.00
N THR G 130 -7.49 53.53 -14.14
CA THR G 130 -8.75 53.41 -14.89
C THR G 130 -8.81 54.35 -16.10
N SER G 131 -7.65 54.82 -16.54
CA SER G 131 -7.57 55.59 -17.78
C SER G 131 -7.93 54.72 -19.00
N ASP G 132 -8.30 55.37 -20.08
CA ASP G 132 -8.60 54.65 -21.31
C ASP G 132 -7.42 53.86 -21.83
N ASN G 133 -6.23 54.43 -21.72
CA ASN G 133 -5.05 53.72 -22.15
C ASN G 133 -4.93 52.41 -21.38
N MET G 134 -5.12 52.48 -20.07
CA MET G 134 -5.02 51.28 -19.24
C MET G 134 -6.11 50.26 -19.57
N LYS G 135 -7.35 50.72 -19.65
CA LYS G 135 -8.46 49.77 -19.85
C LYS G 135 -8.35 49.07 -21.20
N ASP G 136 -8.00 49.84 -22.22
CA ASP G 136 -7.79 49.29 -23.54
C ASP G 136 -6.65 48.29 -23.53
N MET G 137 -5.56 48.63 -22.85
CA MET G 137 -4.40 47.75 -22.86
C MET G 137 -4.75 46.46 -22.14
N LEU G 138 -5.42 46.57 -21.00
CA LEU G 138 -5.80 45.36 -20.25
C LEU G 138 -6.75 44.51 -21.05
N SER G 139 -7.60 45.15 -21.83
CA SER G 139 -8.53 44.37 -22.63
C SER G 139 -7.74 43.55 -23.65
N LEU G 140 -6.77 44.19 -24.29
CA LEU G 140 -5.92 43.49 -25.28
C LEU G 140 -5.20 42.34 -24.64
N ILE G 141 -4.66 42.56 -23.45
CA ILE G 141 -3.84 41.51 -22.83
C ILE G 141 -4.74 40.38 -22.43
N SER G 142 -5.92 40.72 -21.91
CA SER G 142 -6.86 39.73 -21.47
C SER G 142 -7.27 38.76 -22.59
N LEU G 143 -7.46 39.30 -23.79
CA LEU G 143 -7.76 38.48 -24.97
C LEU G 143 -6.73 37.40 -25.27
N GLN G 144 -5.49 37.58 -24.81
CA GLN G 144 -4.43 36.62 -25.13
C GLN G 144 -4.50 35.38 -24.22
N SER G 145 -5.44 35.37 -23.29
CA SER G 145 -5.76 34.18 -22.49
C SER G 145 -7.21 33.71 -22.65
N ARG G 146 -7.95 34.28 -23.58
CA ARG G 146 -9.35 33.89 -23.74
C ARG G 146 -9.49 32.39 -23.94
N GLY G 147 -10.40 31.76 -23.18
CA GLY G 147 -10.61 30.32 -23.24
C GLY G 147 -9.78 29.44 -22.30
N MET G 148 -8.72 30.02 -21.75
CA MET G 148 -7.84 29.33 -20.84
C MET G 148 -8.50 29.37 -19.48
N ALA G 149 -8.31 28.32 -18.71
CA ALA G 149 -8.87 28.28 -17.36
C ALA G 149 -8.13 29.29 -16.46
N VAL G 150 -8.93 30.09 -15.76
CA VAL G 150 -8.44 30.88 -14.65
C VAL G 150 -7.69 29.94 -13.70
N ASN G 151 -6.45 30.26 -13.39
CA ASN G 151 -5.60 29.40 -12.58
C ASN G 151 -4.69 30.26 -11.71
N VAL G 152 -5.28 30.83 -10.69
CA VAL G 152 -4.61 31.76 -9.78
C VAL G 152 -4.05 30.99 -8.59
N LYS G 153 -2.75 31.08 -8.41
CA LYS G 153 -2.04 30.46 -7.30
C LYS G 153 -2.37 31.20 -6.00
N ILE G 154 -2.72 30.46 -4.95
CA ILE G 154 -3.10 31.02 -3.65
C ILE G 154 -2.28 30.53 -2.44
N ASP G 155 -1.31 29.65 -2.66
CA ASP G 155 -0.45 29.14 -1.59
C ASP G 155 0.96 29.73 -1.70
N GLY G 156 1.87 29.30 -0.83
CA GLY G 156 3.22 29.82 -0.87
C GLY G 156 3.23 31.32 -0.60
N PRO G 157 4.08 32.07 -1.28
CA PRO G 157 4.15 33.51 -1.06
C PRO G 157 2.85 34.26 -1.37
N ALA G 158 1.94 33.70 -2.16
CA ALA G 158 0.62 34.32 -2.39
C ALA G 158 -0.30 34.27 -1.17
N ALA G 159 -0.04 33.34 -0.24
CA ALA G 159 -1.02 33.00 0.79
C ALA G 159 -1.41 34.17 1.73
N PRO G 160 -0.46 34.95 2.24
CA PRO G 160 -0.84 36.07 3.13
C PRO G 160 -1.60 37.16 2.38
N TYR G 161 -1.20 37.47 1.14
CA TYR G 161 -1.98 38.38 0.31
C TYR G 161 -3.43 37.88 0.10
N TRP G 162 -3.60 36.58 -0.08
CA TRP G 162 -4.90 35.96 -0.37
C TRP G 162 -5.74 36.04 0.91
N GLU G 163 -5.11 35.80 2.05
CA GLU G 163 -5.81 35.88 3.33
C GLU G 163 -6.22 37.32 3.61
N HIS G 164 -5.42 38.28 3.16
CA HIS G 164 -5.73 39.70 3.37
C HIS G 164 -6.98 40.03 2.53
N GLY G 165 -7.04 39.46 1.33
CA GLY G 165 -8.18 39.63 0.45
C GLY G 165 -9.42 38.96 0.98
N LYS G 166 -9.26 37.75 1.49
CA LYS G 166 -10.37 37.01 2.05
C LYS G 166 -10.99 37.85 3.16
N GLU G 167 -10.16 38.44 4.01
CA GLU G 167 -10.69 39.17 5.18
C GLU G 167 -11.60 40.31 4.70
N ILE G 168 -11.14 41.04 3.69
CA ILE G 168 -11.94 42.11 3.07
C ILE G 168 -13.25 41.57 2.52
N TYR G 169 -13.19 40.44 1.81
CA TYR G 169 -14.36 39.87 1.15
C TYR G 169 -15.51 39.62 2.13
N TYR G 170 -15.18 39.26 3.37
CA TYR G 170 -16.18 38.95 4.39
C TYR G 170 -16.43 40.07 5.41
N THR G 171 -15.72 41.19 5.29
CA THR G 171 -15.95 42.35 6.17
C THR G 171 -17.20 43.13 5.80
N ARG G 172 -18.05 43.40 6.76
CA ARG G 172 -19.32 44.05 6.49
C ARG G 172 -19.12 45.55 6.64
N TYR G 173 -18.94 46.24 5.51
CA TYR G 173 -18.54 47.63 5.48
C TYR G 173 -19.71 48.61 5.54
N GLY G 174 -19.42 49.87 5.90
CA GLY G 174 -20.33 50.97 5.73
C GLY G 174 -21.52 50.99 6.66
N GLN G 175 -22.33 52.04 6.54
CA GLN G 175 -23.54 52.16 7.35
C GLN G 175 -24.56 51.06 7.03
N LEU G 176 -24.48 50.51 5.83
CA LEU G 176 -25.32 49.38 5.46
C LEU G 176 -24.87 48.04 6.00
N GLU G 177 -23.61 47.96 6.44
CA GLU G 177 -23.04 46.79 7.09
C GLU G 177 -23.14 45.57 6.17
N MET G 178 -22.51 45.67 5.00
CA MET G 178 -22.64 44.65 3.96
C MET G 178 -21.26 44.23 3.39
N SER G 179 -21.03 42.92 3.31
CA SER G 179 -19.82 42.35 2.76
C SER G 179 -20.12 41.87 1.37
N CYS G 180 -19.05 41.68 0.61
CA CYS G 180 -19.13 41.05 -0.71
C CYS G 180 -19.95 39.77 -0.63
N ALA G 181 -19.63 38.96 0.38
CA ALA G 181 -20.30 37.70 0.59
C ALA G 181 -21.78 37.82 0.85
N ASN G 182 -22.21 38.86 1.60
CA ASN G 182 -23.63 39.08 1.88
C ASN G 182 -24.44 39.04 0.60
N CYS G 183 -23.94 39.70 -0.44
CA CYS G 183 -24.65 39.78 -1.72
C CYS G 183 -24.36 38.61 -2.69
N HIS G 184 -23.08 38.36 -2.91
CA HIS G 184 -22.62 37.47 -3.97
C HIS G 184 -22.48 36.02 -3.58
N GLU G 185 -22.47 35.77 -2.27
CA GLU G 185 -22.42 34.41 -1.75
C GLU G 185 -23.78 34.01 -1.15
N ASP G 186 -24.31 34.82 -0.23
CA ASP G 186 -25.58 34.45 0.42
C ASP G 186 -26.78 34.65 -0.47
N ASN G 187 -26.64 35.50 -1.49
CA ASN G 187 -27.81 35.93 -2.25
C ASN G 187 -27.65 35.82 -3.77
N ALA G 188 -26.66 35.04 -4.23
CA ALA G 188 -26.54 34.76 -5.67
C ALA G 188 -27.81 34.08 -6.17
N GLY G 189 -28.34 34.58 -7.29
CA GLY G 189 -29.52 34.04 -7.90
C GLY G 189 -30.78 34.79 -7.48
N ASN G 190 -30.68 35.63 -6.44
CA ASN G 190 -31.80 36.47 -6.04
C ASN G 190 -31.79 37.81 -6.80
N MET G 191 -32.94 38.48 -6.80
CA MET G 191 -33.10 39.85 -7.28
C MET G 191 -32.93 40.86 -6.14
N ILE G 192 -32.01 41.80 -6.32
CA ILE G 192 -31.90 42.95 -5.44
C ILE G 192 -32.33 44.12 -6.31
N ARG G 193 -33.56 44.58 -6.08
CA ARG G 193 -34.29 45.41 -7.03
C ARG G 193 -34.19 44.81 -8.46
N ALA G 194 -33.79 45.59 -9.46
CA ALA G 194 -33.76 45.11 -10.84
C ALA G 194 -32.55 44.27 -11.24
N ASP G 195 -31.57 44.11 -10.35
CA ASP G 195 -30.38 43.32 -10.66
C ASP G 195 -30.46 41.89 -10.15
N HIS G 196 -30.15 40.95 -11.03
CA HIS G 196 -30.00 39.53 -10.71
C HIS G 196 -28.58 39.31 -10.19
N LEU G 197 -28.47 39.03 -8.90
CA LEU G 197 -27.16 38.86 -8.28
C LEU G 197 -26.44 37.62 -8.78
N SER G 198 -25.22 37.84 -9.22
CA SER G 198 -24.31 36.75 -9.57
C SER G 198 -23.40 36.44 -8.40
N GLN G 199 -22.40 35.58 -8.61
CA GLN G 199 -21.39 35.29 -7.61
C GLN G 199 -20.28 36.33 -7.56
N GLY G 200 -20.42 37.40 -8.34
CA GLY G 200 -19.46 38.47 -8.32
C GLY G 200 -18.07 38.03 -8.73
N GLN G 201 -18.00 37.24 -9.79
CA GLN G 201 -16.73 36.72 -10.30
C GLN G 201 -16.08 37.77 -11.21
N ILE G 202 -14.77 37.69 -11.36
CA ILE G 202 -13.99 38.60 -12.24
C ILE G 202 -13.29 37.87 -13.39
N ASN G 203 -13.65 36.62 -13.63
CA ASN G 203 -13.10 35.89 -14.78
C ASN G 203 -13.47 36.51 -16.15
N GLY G 204 -14.49 37.36 -16.19
CA GLY G 204 -14.90 38.07 -17.39
C GLY G 204 -14.33 39.48 -17.60
N PHE G 205 -13.49 39.97 -16.70
CA PHE G 205 -12.98 41.35 -16.80
C PHE G 205 -11.71 41.37 -17.67
N PRO G 206 -11.40 42.49 -18.32
CA PRO G 206 -12.22 43.72 -18.34
C PRO G 206 -13.56 43.51 -19.04
N THR G 207 -14.51 44.36 -18.65
CA THR G 207 -15.92 44.18 -18.93
C THR G 207 -16.54 45.43 -19.54
N TYR G 208 -17.33 45.26 -20.59
CA TYR G 208 -18.06 46.37 -21.16
C TYR G 208 -19.41 46.41 -20.48
N ARG G 209 -19.68 47.51 -19.80
CA ARG G 209 -20.95 47.70 -19.11
C ARG G 209 -21.92 48.49 -20.00
N LEU G 210 -23.07 47.86 -20.29
CA LEU G 210 -24.06 48.48 -21.17
C LEU G 210 -24.52 49.83 -20.62
N LYS G 211 -24.60 49.96 -19.30
CA LYS G 211 -25.09 51.21 -18.71
C LYS G 211 -24.14 52.39 -18.95
N ASP G 212 -22.84 52.12 -18.98
CA ASP G 212 -21.86 53.17 -19.13
C ASP G 212 -21.37 53.34 -20.55
N SER G 213 -21.65 52.38 -21.43
CA SER G 213 -21.07 52.39 -22.78
C SER G 213 -19.53 52.37 -22.76
N GLY G 214 -18.96 51.65 -21.81
CA GLY G 214 -17.51 51.57 -21.76
C GLY G 214 -16.95 50.43 -20.96
N MET G 215 -15.62 50.30 -21.01
CA MET G 215 -14.93 49.25 -20.32
C MET G 215 -14.79 49.58 -18.85
N VAL G 216 -14.75 48.54 -18.04
CA VAL G 216 -14.55 48.67 -16.61
C VAL G 216 -13.54 47.62 -16.15
N THR G 217 -12.68 47.98 -15.20
CA THR G 217 -11.75 47.03 -14.59
C THR G 217 -12.28 46.49 -13.26
N ALA G 218 -11.70 45.38 -12.80
CA ALA G 218 -12.07 44.82 -11.51
C ALA G 218 -11.80 45.81 -10.38
N GLN G 219 -10.67 46.52 -10.44
CA GLN G 219 -10.36 47.52 -9.42
C GLN G 219 -11.47 48.58 -9.34
N HIS G 220 -11.88 49.09 -10.50
CA HIS G 220 -12.94 50.10 -10.55
C HIS G 220 -14.29 49.57 -10.04
N ARG G 221 -14.60 48.30 -10.36
CA ARG G 221 -15.82 47.66 -9.87
C ARG G 221 -15.83 47.65 -8.36
N PHE G 222 -14.71 47.23 -7.79
CA PHE G 222 -14.51 47.13 -6.36
C PHE G 222 -14.70 48.47 -5.70
N VAL G 223 -14.11 49.53 -6.24
CA VAL G 223 -14.27 50.87 -5.67
C VAL G 223 -15.76 51.14 -5.41
N GLY G 224 -16.55 50.83 -6.41
CA GLY G 224 -17.97 51.12 -6.39
C GLY G 224 -18.75 50.23 -5.43
N CSS G 225 -18.43 48.93 -5.40
CA CSS G 225 -19.10 47.99 -4.50
CB CSS G 225 -18.51 46.60 -4.68
SG CSS G 225 -18.64 46.06 -6.37
SD CSS G 225 -20.54 45.53 -6.54
C CSS G 225 -18.95 48.37 -3.03
O CSS G 225 -19.93 48.41 -2.32
N VAL G 226 -17.74 48.68 -2.59
CA VAL G 226 -17.55 49.13 -1.20
C VAL G 226 -18.26 50.47 -0.94
N ARG G 227 -18.11 51.43 -1.83
CA ARG G 227 -18.75 52.74 -1.69
C ARG G 227 -20.26 52.63 -1.45
N ASP G 228 -20.89 51.74 -2.18
CA ASP G 228 -22.32 51.65 -2.17
C ASP G 228 -22.87 50.93 -0.94
N THR G 229 -22.00 50.47 -0.02
CA THR G 229 -22.44 50.06 1.32
C THR G 229 -22.57 51.26 2.29
N ARG G 230 -22.52 52.48 1.73
CA ARG G 230 -22.34 53.71 2.49
C ARG G 230 -21.06 53.65 3.34
N ALA G 231 -19.96 53.38 2.65
CA ALA G 231 -18.64 53.29 3.25
C ALA G 231 -17.60 54.27 2.61
N GLU G 232 -16.55 54.53 3.38
CA GLU G 232 -15.29 55.00 2.82
C GLU G 232 -14.70 53.88 1.99
N THR G 233 -14.51 54.12 0.71
CA THR G 233 -14.02 53.09 -0.18
C THR G 233 -12.47 53.14 -0.23
N PHE G 234 -11.89 52.24 -1.02
CA PHE G 234 -10.45 52.14 -1.19
C PHE G 234 -10.09 52.73 -2.54
N LYS G 235 -8.82 53.10 -2.72
CA LYS G 235 -8.32 53.56 -4.02
C LYS G 235 -8.15 52.36 -4.95
N ALA G 236 -8.50 52.56 -6.22
CA ALA G 236 -8.20 51.57 -7.24
C ALA G 236 -6.68 51.41 -7.34
N GLY G 237 -6.22 50.16 -7.35
CA GLY G 237 -4.81 49.85 -7.36
C GLY G 237 -4.16 49.85 -5.99
N SER G 238 -4.96 50.08 -4.95
CA SER G 238 -4.45 50.10 -3.57
C SER G 238 -4.01 48.68 -3.19
N ASP G 239 -3.10 48.59 -2.21
CA ASP G 239 -2.62 47.28 -1.78
C ASP G 239 -3.79 46.37 -1.33
N ASP G 240 -4.75 46.90 -0.59
CA ASP G 240 -5.88 46.08 -0.15
C ASP G 240 -6.71 45.61 -1.34
N PHE G 241 -6.90 46.45 -2.34
CA PHE G 241 -7.71 46.03 -3.49
C PHE G 241 -6.92 45.11 -4.42
N LYS G 242 -5.59 45.20 -4.41
CA LYS G 242 -4.75 44.21 -5.10
C LYS G 242 -4.93 42.85 -4.47
N ALA G 243 -4.92 42.83 -3.14
CA ALA G 243 -5.19 41.59 -2.42
C ALA G 243 -6.60 41.07 -2.69
N LEU G 244 -7.56 41.99 -2.75
CA LEU G 244 -8.95 41.62 -3.02
C LEU G 244 -9.06 40.98 -4.40
N GLU G 245 -8.40 41.56 -5.39
CA GLU G 245 -8.43 41.03 -6.74
C GLU G 245 -7.82 39.63 -6.79
N LEU G 246 -6.74 39.43 -6.03
CA LEU G 246 -6.14 38.11 -5.96
C LEU G 246 -7.13 37.09 -5.43
N TYR G 247 -7.78 37.45 -4.32
CA TYR G 247 -8.70 36.57 -3.65
C TYR G 247 -9.93 36.29 -4.54
N VAL G 248 -10.52 37.33 -5.11
CA VAL G 248 -11.75 37.19 -5.90
C VAL G 248 -11.46 36.43 -7.20
N ALA G 249 -10.32 36.69 -7.83
CA ALA G 249 -9.90 35.92 -8.98
C ALA G 249 -9.93 34.42 -8.68
N SER G 250 -9.40 34.04 -7.52
CA SER G 250 -9.23 32.64 -7.17
C SER G 250 -10.57 31.95 -6.93
N ARG G 251 -11.60 32.73 -6.54
CA ARG G 251 -12.97 32.23 -6.44
C ARG G 251 -13.52 31.75 -7.79
N GLY G 252 -12.93 32.22 -8.87
CA GLY G 252 -13.29 31.76 -10.20
C GLY G 252 -12.39 30.72 -10.84
N ASN G 253 -11.49 30.12 -10.05
CA ASN G 253 -10.51 29.17 -10.58
C ASN G 253 -11.26 28.01 -11.21
N GLY G 254 -10.87 27.68 -12.44
CA GLY G 254 -11.53 26.69 -13.30
C GLY G 254 -12.47 27.27 -14.35
N LEU G 255 -13.12 28.40 -14.07
CA LEU G 255 -13.86 29.11 -15.12
C LEU G 255 -12.88 29.58 -16.20
N SER G 256 -13.35 29.81 -17.42
CA SER G 256 -12.49 30.36 -18.46
C SER G 256 -12.33 31.87 -18.33
N VAL G 257 -11.16 32.33 -18.71
CA VAL G 257 -10.96 33.72 -19.04
C VAL G 257 -11.92 34.04 -20.19
N GLU G 258 -12.88 34.93 -19.96
CA GLU G 258 -13.80 35.28 -21.05
C GLU G 258 -13.16 36.17 -22.12
N GLY G 259 -12.07 36.85 -21.76
CA GLY G 259 -11.41 37.84 -22.62
C GLY G 259 -11.90 39.23 -22.29
N VAL G 260 -12.97 39.64 -22.97
CA VAL G 260 -13.70 40.85 -22.58
C VAL G 260 -15.18 40.51 -22.61
N SER G 261 -15.82 40.61 -21.45
CA SER G 261 -17.19 40.20 -21.28
C SER G 261 -18.12 41.38 -21.45
N VAL G 262 -19.41 41.09 -21.55
CA VAL G 262 -20.45 42.10 -21.63
C VAL G 262 -21.43 41.89 -20.50
N ARG G 263 -21.71 42.97 -19.78
CA ARG G 263 -22.64 42.92 -18.68
C ARG G 263 -23.43 44.23 -18.72
N HIS G 264 -24.39 44.35 -17.80
CA HIS G 264 -25.19 45.56 -17.74
C HIS G 264 -24.43 46.65 -17.03
N CYS H 1 -37.30 65.34 22.46
CA CYS H 1 -38.49 65.39 21.52
C CYS H 1 -38.56 64.26 20.40
N GLU H 2 -37.48 63.50 20.41
CA GLU H 2 -37.36 62.23 19.75
C GLU H 2 -36.42 61.41 20.65
N THR H 3 -36.51 60.10 20.60
CA THR H 3 -35.43 59.34 21.21
C THR H 3 -34.34 59.06 20.18
N ALA H 4 -33.12 59.45 20.57
CA ALA H 4 -31.97 59.41 19.68
C ALA H 4 -31.59 57.96 19.43
N PRO H 5 -30.96 57.68 18.28
CA PRO H 5 -30.56 56.30 17.94
C PRO H 5 -29.83 55.55 19.07
N LYS H 6 -28.88 56.20 19.72
CA LYS H 6 -28.11 55.55 20.81
C LYS H 6 -28.88 55.44 22.14
N GLU H 7 -30.05 56.07 22.22
CA GLU H 7 -30.90 56.00 23.40
C GLU H 7 -32.03 54.97 23.30
N VAL H 8 -32.28 54.44 22.10
CA VAL H 8 -33.36 53.49 21.89
C VAL H 8 -33.09 52.26 22.75
N VAL H 9 -34.13 51.77 23.43
CA VAL H 9 -34.05 50.57 24.26
C VAL H 9 -34.80 49.42 23.57
N TYR H 10 -34.04 48.36 23.26
CA TYR H 10 -34.56 47.20 22.59
C TYR H 10 -34.73 46.10 23.61
N VAL H 11 -35.91 45.47 23.58
CA VAL H 11 -36.26 44.40 24.50
C VAL H 11 -36.66 43.24 23.62
N GLU H 12 -35.75 42.27 23.49
CA GLU H 12 -35.90 41.14 22.59
C GLU H 12 -36.26 41.66 21.20
N GLY H 13 -35.57 42.75 20.82
CA GLY H 13 -35.73 43.39 19.52
C GLY H 13 -36.83 44.45 19.45
N ALA H 14 -37.78 44.41 20.39
CA ALA H 14 -38.91 45.34 20.36
C ALA H 14 -38.59 46.71 20.98
N VAL H 15 -39.22 47.76 20.45
CA VAL H 15 -39.10 49.08 21.02
C VAL H 15 -40.49 49.55 21.39
N GLU H 16 -40.76 49.62 22.68
CA GLU H 16 -42.10 49.85 23.23
C GLU H 16 -42.65 51.23 23.02
N ALA H 17 -41.78 52.22 23.04
CA ALA H 17 -42.23 53.60 23.00
C ALA H 17 -41.95 54.24 21.63
N SER H 18 -42.88 55.08 21.19
CA SER H 18 -42.72 55.90 19.99
C SER H 18 -41.37 56.61 20.02
N LEU H 19 -40.66 56.57 18.90
CA LEU H 19 -39.43 57.31 18.75
C LEU H 19 -39.62 58.83 18.69
N THR H 20 -40.84 59.31 18.44
CA THR H 20 -41.10 60.74 18.35
C THR H 20 -42.16 61.28 19.30
N GLY H 21 -43.15 60.45 19.65
CA GLY H 21 -44.36 60.88 20.33
C GLY H 21 -45.46 61.37 19.40
N ALA H 22 -45.24 61.30 18.08
CA ALA H 22 -46.25 61.70 17.11
C ALA H 22 -46.67 60.47 16.35
N PRO H 23 -47.95 60.32 16.07
CA PRO H 23 -48.44 59.17 15.28
C PRO H 23 -47.81 59.10 13.89
N GLY H 24 -47.46 57.89 13.49
CA GLY H 24 -47.07 57.59 12.12
C GLY H 24 -48.14 57.86 11.08
N ASN H 25 -47.70 58.37 9.94
CA ASN H 25 -48.53 58.65 8.77
C ASN H 25 -48.23 57.57 7.75
N PRO H 26 -49.15 56.61 7.60
CA PRO H 26 -48.89 55.47 6.71
C PRO H 26 -48.73 55.85 5.22
N GLU H 27 -49.39 56.88 4.70
CA GLU H 27 -49.18 57.27 3.31
C GLU H 27 -47.74 57.69 3.10
N GLU H 28 -47.23 58.49 4.04
CA GLU H 28 -45.83 58.91 3.99
C GLU H 28 -44.92 57.69 4.17
N GLY H 29 -45.34 56.73 4.99
CA GLY H 29 -44.63 55.48 5.12
C GLY H 29 -44.45 54.74 3.80
N VAL H 30 -45.50 54.69 3.01
CA VAL H 30 -45.42 54.05 1.70
C VAL H 30 -44.37 54.76 0.83
N ARG H 31 -44.39 56.08 0.82
CA ARG H 31 -43.36 56.83 0.07
C ARG H 31 -41.96 56.46 0.51
N ILE H 32 -41.76 56.45 1.82
CA ILE H 32 -40.44 56.20 2.40
C ILE H 32 -39.94 54.81 1.99
N MET H 33 -40.86 53.85 2.01
CA MET H 33 -40.58 52.44 1.74
C MET H 33 -40.22 52.18 0.28
N THR H 34 -40.64 53.08 -0.60
CA THR H 34 -40.52 52.89 -2.06
C THR H 34 -39.67 53.92 -2.77
N THR H 35 -38.94 54.73 -2.00
CA THR H 35 -37.96 55.61 -2.64
C THR H 35 -36.60 55.20 -2.25
N ASN H 36 -35.77 55.14 -3.27
CA ASN H 36 -34.45 54.50 -3.20
C ASN H 36 -33.55 55.09 -2.13
N ALA H 37 -33.59 56.40 -1.97
CA ALA H 37 -32.67 57.05 -1.05
C ALA H 37 -33.17 57.03 0.38
N LEU H 38 -34.39 56.56 0.60
CA LEU H 38 -34.97 56.51 1.93
C LEU H 38 -34.97 55.07 2.47
N GLY H 39 -36.14 54.44 2.62
CA GLY H 39 -36.21 53.09 3.15
C GLY H 39 -35.75 52.05 2.15
N ASN H 40 -36.07 52.26 0.87
CA ASN H 40 -35.63 51.37 -0.20
C ASN H 40 -35.98 49.90 0.13
N CYS H 41 -37.08 49.70 0.84
CA CYS H 41 -37.44 48.36 1.33
C CYS H 41 -37.69 47.38 0.18
N VAL H 42 -38.24 47.90 -0.93
CA VAL H 42 -38.55 47.09 -2.09
C VAL H 42 -37.30 46.61 -2.90
N ALA H 43 -36.10 47.07 -2.55
CA ALA H 43 -34.87 46.47 -3.10
C ALA H 43 -34.80 45.02 -2.71
N CYS H 44 -35.30 44.69 -1.53
CA CYS H 44 -35.21 43.36 -0.98
C CYS H 44 -36.53 42.67 -0.81
N HIS H 45 -37.60 43.40 -0.50
CA HIS H 45 -38.91 42.75 -0.33
C HIS H 45 -39.97 43.17 -1.33
N GLN H 46 -40.80 42.22 -1.70
CA GLN H 46 -42.01 42.48 -2.44
C GLN H 46 -43.06 43.02 -1.46
N ILE H 47 -43.93 43.86 -1.97
CA ILE H 47 -45.12 44.32 -1.25
C ILE H 47 -46.28 44.19 -2.21
N GLY H 48 -46.96 43.05 -2.20
CA GLY H 48 -48.14 42.84 -3.03
C GLY H 48 -49.20 43.94 -2.98
N ALA H 49 -49.32 44.59 -1.82
CA ALA H 49 -50.27 45.68 -1.60
C ALA H 49 -49.92 46.95 -2.36
N LEU H 50 -48.74 47.00 -2.98
CA LEU H 50 -48.33 48.15 -3.82
C LEU H 50 -48.00 47.63 -5.23
N PRO H 51 -49.01 47.32 -6.04
CA PRO H 51 -48.78 46.61 -7.31
C PRO H 51 -48.04 47.46 -8.35
N ASP H 52 -48.00 48.77 -8.17
CA ASP H 52 -47.35 49.63 -9.19
C ASP H 52 -45.84 49.84 -8.96
N VAL H 53 -45.33 49.29 -7.87
CA VAL H 53 -43.89 49.28 -7.60
C VAL H 53 -43.16 48.36 -8.57
N GLU H 54 -42.18 48.89 -9.29
CA GLU H 54 -41.43 48.10 -10.27
C GLU H 54 -40.24 47.40 -9.64
N PHE H 55 -39.93 46.22 -10.19
CA PHE H 55 -38.75 45.44 -9.86
C PHE H 55 -38.49 45.21 -8.36
N PRO H 56 -39.48 44.68 -7.63
CA PRO H 56 -39.26 44.34 -6.21
C PRO H 56 -38.29 43.18 -6.07
N GLY H 57 -37.48 43.17 -5.01
CA GLY H 57 -36.47 42.17 -4.84
C GLY H 57 -37.05 40.86 -4.34
N THR H 58 -36.21 39.84 -4.35
CA THR H 58 -36.55 38.52 -3.77
C THR H 58 -35.57 38.07 -2.70
N ILE H 59 -34.88 39.02 -2.09
CA ILE H 59 -33.92 38.76 -1.01
C ILE H 59 -34.64 38.21 0.22
N ALA H 60 -35.78 38.82 0.54
CA ALA H 60 -36.54 38.45 1.74
C ALA H 60 -38.00 38.29 1.37
N PRO H 61 -38.75 37.55 2.19
CA PRO H 61 -40.17 37.33 1.89
C PRO H 61 -40.97 38.64 1.87
N PRO H 62 -42.06 38.65 1.13
CA PRO H 62 -42.90 39.84 1.03
C PRO H 62 -43.36 40.36 2.37
N LEU H 63 -43.58 41.67 2.42
CA LEU H 63 -44.02 42.33 3.63
C LEU H 63 -45.50 42.17 3.88
N ASP H 64 -46.26 41.67 2.89
CA ASP H 64 -47.69 41.48 3.12
C ASP H 64 -47.87 40.56 4.32
N GLY H 65 -48.76 40.92 5.24
CA GLY H 65 -49.01 40.13 6.44
C GLY H 65 -48.12 40.49 7.63
N ALA H 66 -47.23 41.46 7.45
CA ALA H 66 -46.31 41.84 8.52
C ALA H 66 -47.08 42.34 9.72
N GLY H 67 -48.19 43.03 9.46
CA GLY H 67 -49.08 43.52 10.50
C GLY H 67 -49.79 42.42 11.28
N ASP H 68 -49.86 41.22 10.72
CA ASP H 68 -50.36 40.05 11.45
C ASP H 68 -49.26 39.33 12.23
N ARG H 69 -48.02 39.48 11.82
CA ARG H 69 -46.91 38.70 12.38
C ARG H 69 -46.24 39.36 13.59
N TRP H 70 -46.34 40.67 13.68
CA TRP H 70 -45.62 41.45 14.66
C TRP H 70 -46.50 42.55 15.24
N THR H 71 -46.25 42.86 16.50
CA THR H 71 -46.89 44.00 17.16
C THR H 71 -46.26 45.28 16.62
N GLU H 72 -46.86 46.42 16.96
CA GLU H 72 -46.27 47.72 16.64
C GLU H 72 -44.87 47.88 17.23
N ALA H 73 -44.68 47.49 18.47
CA ALA H 73 -43.37 47.61 19.10
C ALA H 73 -42.30 46.72 18.42
N GLN H 74 -42.70 45.52 18.05
CA GLN H 74 -41.80 44.64 17.30
C GLN H 74 -41.40 45.25 15.93
N LEU H 75 -42.37 45.79 15.23
CA LEU H 75 -42.11 46.38 13.93
C LEU H 75 -41.20 47.61 14.06
N ARG H 76 -41.42 48.40 15.10
CA ARG H 76 -40.57 49.59 15.39
C ARG H 76 -39.12 49.15 15.58
N GLY H 77 -38.91 48.09 16.34
CA GLY H 77 -37.58 47.56 16.55
C GLY H 77 -36.94 47.01 15.28
N ILE H 78 -37.75 46.35 14.46
CA ILE H 78 -37.23 45.73 13.21
C ILE H 78 -36.79 46.80 12.22
N VAL H 79 -37.60 47.84 12.08
CA VAL H 79 -37.26 48.92 11.16
C VAL H 79 -36.05 49.71 11.68
N ALA H 80 -36.04 50.03 12.96
CA ALA H 80 -34.96 50.84 13.52
C ALA H 80 -33.61 50.10 13.55
N ASN H 81 -33.62 48.85 14.00
CA ASN H 81 -32.45 48.02 13.93
C ASN H 81 -32.84 46.54 13.93
N ALA H 82 -33.04 46.01 12.72
CA ALA H 82 -33.43 44.61 12.54
C ALA H 82 -32.46 43.63 13.17
N LYS H 83 -31.19 44.02 13.32
CA LYS H 83 -30.16 43.17 13.93
C LYS H 83 -30.41 42.81 15.40
N MET H 84 -31.27 43.56 16.06
CA MET H 84 -31.64 43.32 17.46
C MET H 84 -32.72 42.25 17.59
N THR H 85 -33.34 41.92 16.47
CA THR H 85 -34.36 40.88 16.39
C THR H 85 -33.76 39.66 15.68
N PHE H 86 -33.01 39.90 14.61
CA PHE H 86 -32.44 38.83 13.78
C PHE H 86 -30.92 38.98 13.73
N GLU H 87 -30.22 38.33 14.64
CA GLU H 87 -28.76 38.53 14.79
C GLU H 87 -28.04 38.31 13.46
N GLY H 88 -27.23 39.28 13.05
CA GLY H 88 -26.39 39.15 11.85
C GLY H 88 -27.15 39.25 10.53
N THR H 89 -28.40 39.69 10.56
CA THR H 89 -29.23 39.78 9.36
C THR H 89 -28.65 40.73 8.30
N PHE H 90 -28.93 40.40 7.04
CA PHE H 90 -28.58 41.21 5.87
C PHE H 90 -29.31 42.56 5.87
N MET H 91 -30.53 42.63 6.42
CA MET H 91 -31.28 43.89 6.51
C MET H 91 -30.46 44.92 7.29
N PRO H 92 -30.25 46.10 6.72
CA PRO H 92 -29.51 47.14 7.44
C PRO H 92 -30.35 47.81 8.51
N ALA H 93 -29.69 48.41 9.48
CA ALA H 93 -30.33 49.19 10.52
C ALA H 93 -30.64 50.57 9.97
N PHE H 94 -31.91 50.97 10.04
CA PHE H 94 -32.31 52.28 9.55
C PHE H 94 -32.22 53.43 10.57
N TYR H 95 -31.93 53.11 11.83
CA TYR H 95 -31.81 54.12 12.89
C TYR H 95 -30.59 53.84 13.74
N LYS H 96 -29.43 53.90 13.08
CA LYS H 96 -28.12 53.52 13.65
C LYS H 96 -27.07 54.47 13.08
N VAL H 97 -26.17 54.94 13.95
CA VAL H 97 -25.26 56.03 13.61
C VAL H 97 -23.80 55.76 13.88
N ASP H 98 -23.49 54.65 14.52
CA ASP H 98 -22.10 54.33 14.78
C ASP H 98 -21.85 52.84 14.92
N GLY H 99 -20.59 52.47 15.15
CA GLY H 99 -20.19 51.06 15.22
C GLY H 99 -20.02 50.41 13.85
N PHE H 100 -19.69 51.22 12.85
CA PHE H 100 -19.45 50.74 11.49
C PHE H 100 -17.96 50.58 11.17
N VAL H 101 -17.71 49.78 10.15
CA VAL H 101 -16.38 49.58 9.62
C VAL H 101 -16.26 50.44 8.36
N ARG H 102 -15.29 51.34 8.36
CA ARG H 102 -15.10 52.34 7.30
C ARG H 102 -16.39 53.13 7.05
N PRO H 103 -16.90 53.84 8.07
CA PRO H 103 -18.14 54.57 7.89
C PRO H 103 -17.97 55.59 6.75
N GLY H 104 -19.02 55.71 5.92
CA GLY H 104 -19.01 56.57 4.75
C GLY H 104 -19.88 57.81 4.93
N ASP H 105 -19.61 58.81 4.11
CA ASP H 105 -20.39 60.04 4.05
C ASP H 105 -21.31 59.84 2.87
N GLY H 106 -22.52 59.36 3.15
CA GLY H 106 -23.51 59.02 2.14
C GLY H 106 -22.90 57.99 1.19
N PHE H 107 -23.04 58.25 -0.11
CA PHE H 107 -22.50 57.42 -1.18
C PHE H 107 -21.31 58.11 -1.88
N SER H 108 -20.69 59.07 -1.20
CA SER H 108 -19.51 59.75 -1.69
C SER H 108 -18.26 58.85 -1.78
N GLY H 109 -18.20 57.83 -0.93
CA GLY H 109 -16.99 57.05 -0.77
C GLY H 109 -15.93 57.66 0.12
N LYS H 110 -16.23 58.82 0.68
CA LYS H 110 -15.36 59.51 1.60
C LYS H 110 -15.77 59.10 3.00
N ALA H 111 -14.85 59.25 3.93
CA ALA H 111 -15.08 59.00 5.34
C ALA H 111 -16.16 59.93 5.90
N GLY H 112 -17.11 59.33 6.62
CA GLY H 112 -18.09 60.07 7.41
C GLY H 112 -17.74 59.91 8.89
N ALA H 113 -17.79 61.00 9.62
CA ALA H 113 -17.45 60.98 11.05
C ALA H 113 -18.64 60.47 11.85
N GLU H 114 -18.46 59.41 12.60
CA GLU H 114 -19.52 58.94 13.47
C GLU H 114 -19.64 59.91 14.65
N PRO H 115 -20.85 60.15 15.19
CA PRO H 115 -22.11 59.59 14.68
C PRO H 115 -22.58 60.14 13.34
N LEU H 116 -22.94 59.24 12.44
CA LEU H 116 -23.56 59.59 11.15
C LEU H 116 -25.01 59.98 11.36
N ALA H 117 -25.59 60.67 10.41
CA ALA H 117 -27.04 60.73 10.34
C ALA H 117 -27.60 59.33 10.14
N PRO H 118 -28.69 58.99 10.82
CA PRO H 118 -29.31 57.67 10.57
C PRO H 118 -29.90 57.67 9.17
N ILE H 119 -30.06 56.50 8.55
CA ILE H 119 -30.62 56.43 7.20
C ILE H 119 -32.04 57.01 7.15
N LEU H 120 -32.86 56.66 8.12
CA LEU H 120 -34.17 57.27 8.31
C LEU H 120 -34.19 58.07 9.59
N ASN H 121 -34.90 59.18 9.62
CA ASN H 121 -35.12 59.91 10.85
C ASN H 121 -36.25 59.24 11.64
N ALA H 122 -36.41 59.65 12.89
CA ALA H 122 -37.38 59.01 13.81
C ALA H 122 -38.83 59.02 13.29
N GLN H 123 -39.28 60.14 12.74
CA GLN H 123 -40.66 60.21 12.25
C GLN H 123 -40.85 59.34 11.01
N GLN H 124 -39.82 59.25 10.17
CA GLN H 124 -39.88 58.36 9.01
C GLN H 124 -40.07 56.92 9.45
N ILE H 125 -39.32 56.51 10.47
CA ILE H 125 -39.53 55.19 11.09
C ILE H 125 -40.96 55.02 11.55
N GLU H 126 -41.50 55.98 12.30
CA GLU H 126 -42.88 55.83 12.80
C GLU H 126 -43.88 55.72 11.64
N ASP H 127 -43.61 56.46 10.56
CA ASP H 127 -44.47 56.46 9.40
C ASP H 127 -44.46 55.10 8.68
N VAL H 128 -43.28 54.49 8.64
CA VAL H 128 -43.11 53.17 8.03
C VAL H 128 -43.84 52.16 8.89
N VAL H 129 -43.64 52.26 10.20
CA VAL H 129 -44.31 51.34 11.12
C VAL H 129 -45.84 51.42 10.98
N ALA H 130 -46.37 52.63 10.85
CA ALA H 130 -47.81 52.81 10.66
C ALA H 130 -48.36 52.09 9.43
N PHE H 131 -47.63 52.12 8.34
CA PHE H 131 -48.06 51.37 7.17
C PHE H 131 -47.94 49.85 7.41
N LEU H 132 -46.83 49.39 8.01
CA LEU H 132 -46.65 47.96 8.27
C LEU H 132 -47.77 47.36 9.10
N VAL H 133 -48.22 48.11 10.11
CA VAL H 133 -49.33 47.68 10.98
C VAL H 133 -50.59 47.40 10.14
N THR H 134 -50.79 48.12 9.03
CA THR H 134 -51.98 47.87 8.20
C THR H 134 -51.85 46.69 7.27
N LEU H 135 -50.66 46.11 7.14
CA LEU H 135 -50.47 44.96 6.26
C LEU H 135 -51.01 43.67 6.92
N LYS H 136 -52.34 43.54 6.89
CA LYS H 136 -53.03 42.43 7.52
C LYS H 136 -53.75 41.60 6.49
N GLU H 137 -53.65 40.28 6.66
CA GLU H 137 -54.67 39.26 6.28
C GLU H 137 -54.13 38.27 5.25
FE HEC I . 62.46 -65.81 -29.54
CHA HEC I . 62.89 -68.33 -27.15
CHB HEC I . 59.15 -66.23 -29.38
CHC HEC I . 62.14 -63.15 -31.60
CHD HEC I . 65.84 -65.96 -30.23
NA HEC I . 61.27 -67.07 -28.48
C1A HEC I . 61.62 -68.04 -27.56
C2A HEC I . 60.43 -68.65 -27.07
C3A HEC I . 59.39 -68.06 -27.69
C4A HEC I . 59.90 -67.03 -28.57
CMA HEC I . 57.90 -68.37 -27.49
CAA HEC I . 60.40 -69.77 -26.02
CBA HEC I . 60.87 -71.04 -26.70
CGA HEC I . 61.11 -72.21 -25.75
O1A HEC I . 61.35 -72.01 -24.54
O2A HEC I . 61.06 -73.35 -26.28
NB HEC I . 60.91 -64.88 -30.38
C1B HEC I . 59.60 -65.15 -30.10
C2B HEC I . 58.79 -64.08 -30.67
C3B HEC I . 59.62 -63.23 -31.30
C4B HEC I . 60.97 -63.72 -31.12
CMB HEC I . 57.25 -64.02 -30.63
CAB HEC I . 59.20 -61.93 -32.06
CBB HEC I . 58.46 -61.09 -31.28
NC HEC I . 63.78 -64.77 -30.73
C1C HEC I . 63.43 -63.64 -31.43
C2C HEC I . 64.63 -63.14 -32.07
C3C HEC I . 65.69 -63.84 -31.59
C4C HEC I . 65.15 -64.94 -30.81
CMC HEC I . 64.69 -61.79 -32.82
CAC HEC I . 67.21 -63.67 -31.94
CBC HEC I . 67.78 -62.45 -31.80
ND HEC I . 64.09 -66.98 -28.79
C1D HEC I . 65.40 -66.79 -29.21
C2D HEC I . 66.28 -67.60 -28.39
C3D HEC I . 65.38 -68.32 -27.41
C4D HEC I . 64.03 -67.89 -27.74
CMD HEC I . 67.82 -67.73 -28.45
CAD HEC I . 65.79 -69.31 -26.30
CBD HEC I . 65.83 -70.70 -26.87
CGD HEC I . 66.09 -71.73 -25.78
O1D HEC I . 66.69 -72.81 -26.11
O2D HEC I . 65.69 -71.49 -24.63
FE HEC J . 34.76 -68.26 -14.36
CHA HEC J . 34.07 -68.47 -17.70
CHB HEC J . 38.00 -69.29 -15.05
CHC HEC J . 35.56 -67.93 -11.10
CHD HEC J . 31.48 -67.75 -13.63
NA HEC J . 35.83 -68.79 -16.09
C1A HEC J . 35.34 -68.80 -17.36
C2A HEC J . 36.38 -69.24 -18.24
C3A HEC J . 37.48 -69.47 -17.50
C4A HEC J . 37.15 -69.20 -16.12
CMA HEC J . 38.86 -69.93 -17.96
CAA HEC J . 36.26 -69.43 -19.77
CBA HEC J . 36.05 -70.92 -20.09
CGA HEC J . 36.00 -71.17 -21.59
O1A HEC J . 35.82 -72.34 -21.98
O2A HEC J . 36.10 -70.19 -22.41
NB HEC J . 36.42 -68.54 -13.31
C1B HEC J . 37.67 -68.92 -13.77
C2B HEC J . 38.61 -68.81 -12.69
C3B HEC J . 37.94 -68.45 -11.59
C4B HEC J . 36.57 -68.25 -11.97
CMB HEC J . 40.09 -69.17 -12.79
CAB HEC J . 38.54 -68.22 -10.19
CBB HEC J . 39.48 -67.22 -10.22
NC HEC J . 33.70 -67.91 -12.65
C1C HEC J . 34.22 -67.84 -11.40
C2C HEC J . 33.16 -67.53 -10.46
C3C HEC J . 32.01 -67.49 -11.16
C4C HEC J . 32.36 -67.73 -12.55
CMC HEC J . 33.43 -67.36 -8.95
CAC HEC J . 30.52 -67.23 -10.75
CBC HEC J . 30.12 -66.31 -9.86
ND HEC J . 33.09 -68.12 -15.46
C1D HEC J . 31.81 -67.89 -14.94
C2D HEC J . 30.85 -67.82 -16.03
C3D HEC J . 31.67 -68.03 -17.29
C4D HEC J . 33.03 -68.21 -16.83
CMD HEC J . 29.34 -67.58 -15.95
CAD HEC J . 31.15 -68.10 -18.75
CBD HEC J . 30.52 -69.48 -18.95
CGD HEC J . 31.54 -70.60 -18.98
O1D HEC J . 31.84 -71.24 -17.95
O2D HEC J . 32.08 -70.90 -20.05
ZN ZN K . 50.89 -65.39 -3.78
ZN ZN L . 66.42 -74.15 -24.81
ZN ZN M . 32.04 -73.25 -42.72
ZN ZN N . 61.96 -74.14 -27.73
FE HEC O . 19.34 -68.11 -2.25
CHA HEC O . 18.84 -70.98 -0.45
CHB HEC O . 16.48 -66.80 -1.02
CHC HEC O . 20.03 -65.20 -3.83
CHD HEC O . 22.05 -69.57 -3.85
NA HEC O . 17.93 -68.76 -0.95
C1A HEC O . 17.89 -69.99 -0.36
C2A HEC O . 16.65 -70.08 0.38
C3A HEC O . 15.98 -68.92 0.23
C4A HEC O . 16.79 -68.07 -0.62
CMA HEC O . 14.62 -68.47 0.80
CAA HEC O . 16.27 -71.32 1.20
CBA HEC O . 15.96 -72.50 0.30
CGA HEC O . 14.54 -72.34 -0.09
O1A HEC O . 13.69 -72.46 0.82
O2A HEC O . 14.25 -72.09 -1.28
NB HEC O . 18.43 -66.37 -2.43
C1B HEC O . 17.28 -65.99 -1.76
C2B HEC O . 17.06 -64.57 -1.99
C3B HEC O . 18.04 -64.12 -2.78
C4B HEC O . 18.92 -65.25 -3.05
CMB HEC O . 15.85 -63.78 -1.45
CAB HEC O . 18.21 -62.65 -3.27
CBB HEC O . 18.23 -61.77 -2.21
NC HEC O . 20.78 -67.48 -3.63
C1C HEC O . 20.87 -66.23 -4.13
C2C HEC O . 21.97 -66.22 -5.11
C3C HEC O . 22.62 -67.39 -5.01
C4C HEC O . 21.80 -68.24 -4.14
CMC HEC O . 22.51 -64.95 -5.78
CAC HEC O . 23.88 -67.89 -5.79
CBC HEC O . 25.02 -67.17 -5.78
ND HEC O . 20.32 -69.98 -2.16
C1D HEC O . 21.40 -70.37 -2.94
C2D HEC O . 21.72 -71.75 -2.61
C3D HEC O . 20.71 -72.18 -1.55
C4D HEC O . 19.88 -71.02 -1.34
CMD HEC O . 22.86 -72.63 -3.22
CAD HEC O . 20.55 -73.55 -0.84
CBD HEC O . 21.39 -73.52 0.45
CGD HEC O . 22.39 -74.65 0.50
O1D HEC O . 23.62 -74.40 0.28
O2D HEC O . 21.92 -75.81 0.78
FE HEC P . 15.73 39.74 -22.62
CHA HEC P . 13.22 37.67 -21.77
CHB HEC P . 17.98 37.64 -21.04
CHC HEC P . 18.39 41.50 -23.89
CHD HEC P . 13.58 42.11 -23.67
NA HEC P . 15.63 38.00 -21.60
C1A HEC P . 14.47 37.35 -21.32
C2A HEC P . 14.78 36.20 -20.47
C3A HEC P . 16.10 36.20 -20.30
C4A HEC P . 16.65 37.33 -21.00
CMA HEC P . 16.96 35.23 -19.47
CAA HEC P . 13.72 35.22 -19.93
CBA HEC P . 12.90 35.85 -18.79
CGA HEC P . 11.74 34.99 -18.34
O1A HEC P . 11.21 34.18 -19.16
O2A HEC P . 11.31 35.12 -17.16
NB HEC P . 17.85 39.56 -22.50
C1B HEC P . 18.54 38.60 -21.83
C2B HEC P . 19.94 38.77 -22.16
C3B HEC P . 20.07 39.88 -22.93
C4B HEC P . 18.74 40.37 -23.16
CMB HEC P . 21.06 37.90 -21.57
CAB HEC P . 21.36 40.48 -23.54
CBB HEC P . 22.02 39.59 -24.33
NC HEC P . 15.94 41.46 -23.56
C1C HEC P . 17.11 42.01 -24.05
C2C HEC P . 16.76 43.15 -24.88
C3C HEC P . 15.44 43.38 -24.73
C4C HEC P . 14.91 42.29 -23.95
CMC HEC P . 17.80 44.11 -25.49
CAC HEC P . 14.59 44.53 -25.35
CBC HEC P . 14.82 44.92 -26.62
ND HEC P . 13.71 39.86 -22.69
C1D HEC P . 13.02 40.94 -23.21
C2D HEC P . 11.62 40.64 -23.27
C3D HEC P . 11.48 39.22 -22.70
C4D HEC P . 12.85 38.83 -22.37
CMD HEC P . 10.52 41.58 -23.81
CAD HEC P . 10.22 38.34 -22.55
CBD HEC P . 9.60 38.55 -21.21
CGD HEC P . 8.38 37.73 -20.88
O1D HEC P . 8.35 36.57 -21.33
O2D HEC P . 7.51 38.23 -20.10
FE HEC Q . 28.71 11.77 -15.43
CHA HEC Q . 30.47 13.99 -13.68
CHB HEC Q . 26.08 13.91 -15.64
CHC HEC Q . 27.04 9.48 -17.39
CHD HEC Q . 31.15 9.36 -14.88
NA HEC Q . 28.34 13.62 -14.81
C1A HEC Q . 29.21 14.36 -14.05
C2A HEC Q . 28.57 15.62 -13.73
C3A HEC Q . 27.35 15.58 -14.27
C4A HEC Q . 27.19 14.34 -14.96
CMA HEC Q . 26.29 16.67 -14.24
CAA HEC Q . 29.16 16.78 -12.91
CBA HEC Q . 28.66 16.76 -11.46
CGA HEC Q . 29.16 17.92 -10.64
O1A HEC Q . 28.72 18.01 -9.46
O2A HEC Q . 29.92 18.79 -11.14
NB HEC Q . 26.94 11.73 -16.36
C1B HEC Q . 25.99 12.72 -16.34
C2B HEC Q . 24.94 12.36 -17.25
C3B HEC Q . 25.21 11.14 -17.71
C4B HEC Q . 26.46 10.72 -17.16
CMB HEC Q . 23.67 13.20 -17.45
CAB HEC Q . 24.38 10.28 -18.69
CBB HEC Q . 24.35 10.83 -19.94
NC HEC Q . 29.01 9.77 -15.99
C1C HEC Q . 28.20 9.02 -16.80
C2C HEC Q . 28.75 7.69 -16.93
C3C HEC Q . 29.92 7.67 -16.28
C4C HEC Q . 30.08 8.96 -15.65
CMC HEC Q . 28.10 6.60 -17.79
CAC HEC Q . 30.94 6.51 -16.04
CBC HEC Q . 31.45 5.73 -16.99
ND HEC Q . 30.54 11.67 -14.44
C1D HEC Q . 31.41 10.60 -14.36
C2D HEC Q . 32.60 10.98 -13.61
C3D HEC Q . 32.38 12.43 -13.23
C4D HEC Q . 31.08 12.78 -13.82
CMD HEC Q . 33.82 10.13 -13.25
CAD HEC Q . 33.29 13.32 -12.41
CBD HEC Q . 33.10 12.93 -10.94
CGD HEC Q . 31.77 13.40 -10.37
O1D HEC Q . 31.71 14.55 -9.92
O2D HEC Q . 30.76 12.63 -10.35
ZN ZN R . 14.23 12.22 -28.44
ZN ZN S . 39.20 33.03 1.01
ZN ZN T . 6.36 36.98 -19.28
FE HEC U . 35.53 -6.64 -14.29
CHA HEC U . 33.74 -8.84 -12.59
CHB HEC U . 38.04 -9.12 -14.73
CHC HEC U . 37.22 -4.64 -16.30
CHD HEC U . 33.39 -4.08 -13.44
NA HEC U . 35.87 -8.67 -13.76
C1A HEC U . 34.94 -9.34 -13.02
C2A HEC U . 35.45 -10.68 -12.78
C3A HEC U . 36.65 -10.78 -13.36
C4A HEC U . 36.93 -9.48 -13.99
CMA HEC U . 37.64 -11.96 -13.42
CAA HEC U . 34.67 -11.72 -11.94
CBA HEC U . 34.74 -11.32 -10.45
CGA HEC U . 36.07 -11.64 -9.82
O1A HEC U . 36.80 -10.74 -9.33
O2A HEC U . 36.45 -12.84 -9.78
NB HEC U . 37.31 -6.84 -15.30
C1B HEC U . 38.15 -7.95 -15.43
C2B HEC U . 39.11 -7.66 -16.46
C3B HEC U . 38.91 -6.41 -16.88
C4B HEC U . 37.75 -5.90 -16.17
CMB HEC U . 40.25 -8.58 -16.88
CAB HEC U . 39.73 -5.69 -17.97
CBB HEC U . 39.75 -6.43 -19.11
NC HEC U . 35.31 -4.67 -14.77
C1C HEC U . 36.16 -4.08 -15.65
C2C HEC U . 35.62 -2.74 -15.90
C3C HEC U . 34.61 -2.52 -15.05
C4C HEC U . 34.37 -3.79 -14.36
CMC HEC U . 36.34 -1.67 -16.75
CAC HEC U . 33.75 -1.24 -14.84
CBC HEC U . 33.41 -0.50 -15.91
ND HEC U . 33.90 -6.44 -13.19
C1D HEC U . 33.11 -5.32 -13.00
C2D HEC U . 31.92 -5.67 -12.29
C3D HEC U . 32.03 -7.15 -12.03
C4D HEC U . 33.28 -7.55 -12.63
CMD HEC U . 30.75 -4.75 -11.87
CAD HEC U . 30.97 -8.04 -11.33
CBD HEC U . 31.21 -8.18 -9.84
CGD HEC U . 30.15 -9.12 -9.27
O1D HEC U . 28.94 -9.06 -9.69
O2D HEC U . 30.56 -9.92 -8.39
FE HEC V . -57.34 37.69 31.66
CHA HEC V . -59.91 35.65 32.60
CHB HEC V . -55.15 35.59 33.16
CHC HEC V . -54.77 39.53 30.46
CHD HEC V . -59.59 40.05 30.50
NA HEC V . -57.51 35.97 32.67
C1A HEC V . -58.65 35.29 32.99
C2A HEC V . -58.33 34.13 33.79
C3A HEC V . -56.99 34.14 33.95
C4A HEC V . -56.46 35.28 33.24
CMA HEC V . -56.13 33.16 34.74
CAA HEC V . -59.38 33.14 34.35
CBA HEC V . -60.19 33.80 35.47
CGA HEC V . -61.35 32.93 35.95
O1A HEC V . -61.88 32.03 35.24
O2A HEC V . -61.82 33.15 37.06
NB HEC V . -55.27 37.57 31.80
C1B HEC V . -54.59 36.56 32.37
C2B HEC V . -53.18 36.72 32.03
C3B HEC V . -53.06 37.83 31.29
C4B HEC V . -54.40 38.38 31.12
CMB HEC V . -52.06 35.80 32.57
CAB HEC V . -51.77 38.42 30.67
CBB HEC V . -51.16 37.56 29.82
NC HEC V . -57.23 39.47 30.63
C1C HEC V . -56.04 40.05 30.26
C2C HEC V . -56.40 41.26 29.46
C3C HEC V . -57.73 41.46 29.61
C4C HEC V . -58.26 40.29 30.27
CMC HEC V . -55.45 42.51 29.04
CAC HEC V . -58.52 42.68 29.03
CBC HEC V . -58.49 42.85 27.68
ND HEC V . -59.40 37.83 31.58
C1D HEC V . -60.11 38.89 31.03
C2D HEC V . -61.53 38.58 31.05
C3D HEC V . -61.61 37.20 31.69
C4D HEC V . -60.25 36.83 31.98
CMD HEC V . -62.69 39.43 30.54
CAD HEC V . -62.86 36.36 31.96
CBD HEC V . -63.38 36.61 33.35
CGD HEC V . -64.60 35.74 33.61
O1D HEC V . -64.68 34.59 33.10
O2D HEC V . -65.51 36.18 34.34
FE HEC W . -44.52 9.57 38.80
CHA HEC W . -42.74 11.84 40.56
CHB HEC W . -47.12 11.71 38.56
CHC HEC W . -46.17 7.31 36.90
CHD HEC W . -42.06 7.14 39.41
NA HEC W . -44.87 11.42 39.43
C1A HEC W . -44.01 12.21 40.15
C2A HEC W . -44.67 13.46 40.46
C3A HEC W . -45.89 13.41 39.92
C4A HEC W . -46.02 12.14 39.24
CMA HEC W . -46.94 14.50 39.96
CAA HEC W . -44.05 14.61 41.26
CBA HEC W . -44.46 14.56 42.75
CGA HEC W . -44.00 15.77 43.55
O1A HEC W . -44.43 15.92 44.71
O2A HEC W . -43.23 16.65 43.04
NB HEC W . -46.28 9.52 37.90
C1B HEC W . -47.21 10.53 37.87
C2B HEC W . -48.25 10.18 36.93
C3B HEC W . -47.99 8.96 36.48
C4B HEC W . -46.76 8.53 37.09
CMB HEC W . -49.50 11.00 36.66
CAB HEC W . -48.85 8.15 35.49
CBB HEC W . -48.93 8.75 34.29
NC HEC W . -44.18 7.58 38.30
C1C HEC W . -45.02 6.87 37.50
C2C HEC W . -44.49 5.53 37.34
C3C HEC W . -43.32 5.47 38.00
C4C HEC W . -43.13 6.75 38.63
CMC HEC W . -45.18 4.45 36.48
CAC HEC W . -42.34 4.25 38.20
CBC HEC W . -41.91 3.56 37.14
ND HEC W . -42.70 9.50 39.79
C1D HEC W . -41.83 8.41 39.90
C2D HEC W . -40.65 8.81 40.68
C3D HEC W . -40.88 10.25 41.04
C4D HEC W . -42.17 10.60 40.47
CMD HEC W . -39.42 7.98 41.09
CAD HEC W . -39.94 11.13 41.88
CBD HEC W . -40.15 10.78 43.36
CGD HEC W . -41.49 11.24 43.89
O1D HEC W . -41.62 12.42 44.34
O2D HEC W . -42.45 10.44 43.89
ZN ZN X . -58.94 10.14 25.72
ZN ZN Y . -33.83 30.91 55.21
FE HEC Z . -38.09 -8.93 40.10
CHA HEC Z . -39.99 -11.08 41.83
CHB HEC Z . -35.69 -11.40 39.66
CHC HEC Z . -36.29 -6.86 38.04
CHD HEC Z . -40.09 -6.31 40.91
NA HEC Z . -37.83 -10.93 40.67
C1A HEC Z . -38.78 -11.57 41.41
C2A HEC Z . -38.26 -12.89 41.66
C3A HEC Z . -37.07 -13.02 41.06
C4A HEC Z . -36.79 -11.76 40.40
CMA HEC Z . -36.14 -14.26 41.07
CAA HEC Z . -39.02 -13.95 42.50
CBA HEC Z . -39.08 -13.51 43.96
CGA HEC Z . -37.88 -14.02 44.72
O1A HEC Z . -37.00 -13.23 45.17
O2A HEC Z . -37.82 -15.26 44.93
NB HEC Z . -36.31 -9.07 39.05
C1B HEC Z . -35.52 -10.22 38.96
C2B HEC Z . -34.51 -9.97 37.96
C3B HEC Z . -34.66 -8.72 37.52
C4B HEC Z . -35.80 -8.14 38.19
CMB HEC Z . -33.37 -10.93 37.55
CAB HEC Z . -33.78 -8.03 36.44
CBB HEC Z . -33.73 -8.74 35.28
NC HEC Z . -38.16 -6.92 39.57
C1C HEC Z . -37.34 -6.29 38.70
C2C HEC Z . -37.78 -4.92 38.57
C3C HEC Z . -38.87 -4.78 39.34
C4C HEC Z . -39.09 -6.04 40.02
CMC HEC Z . -37.15 -3.89 37.62
CAC HEC Z . -39.76 -3.52 39.61
CBC HEC Z . -40.09 -2.73 38.57
ND HEC Z . -39.76 -8.70 41.21
C1D HEC Z . -40.45 -7.54 41.37
C2D HEC Z . -41.64 -7.80 42.11
C3D HEC Z . -41.63 -9.30 42.40
C4D HEC Z . -40.42 -9.78 41.79
CMD HEC Z . -42.74 -6.81 42.55
CAD HEC Z . -42.71 -10.09 43.20
CBD HEC Z . -42.13 -10.42 44.57
CGD HEC Z . -43.12 -11.07 45.51
O1D HEC Z . -44.28 -11.40 45.13
O2D HEC Z . -42.74 -11.28 46.70
FE HEC AA . 6.86 45.30 -21.11
CHA HEC AA . 7.27 42.79 -18.75
CHB HEC AA . 3.52 44.91 -20.93
CHC HEC AA . 6.52 48.02 -23.09
CHD HEC AA . 10.22 45.20 -21.82
NA HEC AA . 5.65 44.12 -20.05
C1A HEC AA . 6.00 43.11 -19.16
C2A HEC AA . 4.80 42.49 -18.67
C3A HEC AA . 3.76 43.07 -19.27
C4A HEC AA . 4.28 44.10 -20.15
CMA HEC AA . 2.27 42.77 -19.10
CAA HEC AA . 4.80 41.33 -17.64
CBA HEC AA . 5.28 40.04 -18.32
CGA HEC AA . 5.41 38.90 -17.31
O1A HEC AA . 5.57 39.18 -16.10
O2A HEC AA . 5.41 37.71 -17.74
NB HEC AA . 5.31 46.27 -21.86
C1B HEC AA . 3.99 45.99 -21.62
C2B HEC AA . 3.18 47.03 -22.22
C3B HEC AA . 4.00 47.89 -22.84
C4B HEC AA . 5.36 47.42 -22.62
CMB HEC AA . 1.62 47.07 -22.19
CAB HEC AA . 3.64 49.20 -23.62
CBB HEC AA . 2.97 50.12 -22.86
NC HEC AA . 8.17 46.42 -22.31
C1C HEC AA . 7.82 47.57 -22.94
C2C HEC AA . 9.00 48.05 -23.64
C3C HEC AA . 10.09 47.39 -23.11
C4C HEC AA . 9.54 46.25 -22.39
CMC HEC AA . 9.14 49.49 -24.23
CAC HEC AA . 11.62 47.53 -23.40
CBC HEC AA . 12.30 48.71 -23.34
ND HEC AA . 8.53 44.15 -20.37
C1D HEC AA . 9.83 44.37 -20.78
C2D HEC AA . 10.68 43.55 -19.95
C3D HEC AA . 9.75 42.80 -18.98
C4D HEC AA . 8.42 43.22 -19.34
CMD HEC AA . 12.23 43.46 -20.01
CAD HEC AA . 10.09 41.78 -17.85
CBD HEC AA . 10.21 40.38 -18.41
CGD HEC AA . 10.42 39.36 -17.29
O1D HEC AA . 11.01 38.28 -17.55
O2D HEC AA . 9.99 39.64 -16.14
FE HEC BA . -20.93 43.34 -6.19
CHA HEC BA . -21.62 43.10 -9.57
CHB HEC BA . -17.76 42.22 -6.82
CHC HEC BA . -20.11 43.74 -2.94
CHD HEC BA . -24.20 43.95 -5.50
NA HEC BA . -19.88 42.75 -7.89
C1A HEC BA . -20.35 42.74 -9.18
C2A HEC BA . -19.30 42.29 -10.05
C3A HEC BA . -18.23 42.05 -9.26
C4A HEC BA . -18.58 42.35 -7.90
CMA HEC BA . -16.85 41.58 -9.70
CAA HEC BA . -19.38 42.12 -11.58
CBA HEC BA . -19.74 40.66 -11.87
CGA HEC BA . -19.78 40.32 -13.34
O1A HEC BA . -19.89 39.10 -13.65
O2A HEC BA . -19.72 41.25 -14.20
NB HEC BA . -19.24 43.07 -5.09
C1B HEC BA . -18.04 42.61 -5.54
C2B HEC BA . -17.08 42.73 -4.47
C3B HEC BA . -17.72 43.14 -3.38
C4B HEC BA . -19.10 43.37 -3.77
CMB HEC BA . -15.63 42.27 -4.57
CAB HEC BA . -17.11 43.38 -1.99
CBB HEC BA . -16.21 44.39 -2.01
NC HEC BA . -21.97 43.72 -4.55
C1C HEC BA . -21.44 43.85 -3.27
C2C HEC BA . -22.53 44.10 -2.33
C3C HEC BA . -23.66 44.24 -3.05
C4C HEC BA . -23.32 43.94 -4.44
CMC HEC BA . -22.27 44.42 -0.84
CAC HEC BA . -25.15 44.54 -2.66
CBC HEC BA . -25.52 45.31 -1.64
ND HEC BA . -22.59 43.54 -7.33
C1D HEC BA . -23.87 43.78 -6.82
C2D HEC BA . -24.85 43.82 -7.90
C3D HEC BA . -24.04 43.57 -9.15
C4D HEC BA . -22.66 43.40 -8.72
CMD HEC BA . -26.36 44.06 -7.84
CAD HEC BA . -24.60 43.48 -10.59
CBD HEC BA . -25.23 42.08 -10.74
CGD HEC BA . -24.21 40.98 -10.78
O1D HEC BA . -23.68 40.65 -11.86
O2D HEC BA . -23.92 40.39 -9.72
ZN ZN CA . -4.81 46.09 4.44
ZN ZN DA . 10.75 36.93 -16.29
ZN ZN EA . -23.58 38.08 -34.47
FE HEC FA . -36.46 43.95 5.76
CHA HEC FA . -37.10 41.07 7.50
CHB HEC FA . -39.37 45.35 6.93
CHC HEC FA . -35.72 46.73 4.14
CHD HEC FA . -33.75 42.38 4.24
NA HEC FA . -37.93 43.33 6.98
C1A HEC FA . -38.00 42.10 7.60
C2A HEC FA . -39.19 42.08 8.41
C3A HEC FA . -39.83 43.24 8.26
C4A HEC FA . -39.04 44.07 7.35
CMA HEC FA . -41.14 43.70 8.91
CAA HEC FA . -39.62 40.89 9.30
CBA HEC FA . -39.95 39.66 8.44
CGA HEC FA . -41.35 39.78 7.96
O1A HEC FA . -42.24 39.50 8.79
O2A HEC FA . -41.59 40.10 6.77
NB HEC FA . -37.40 45.68 5.57
C1B HEC FA . -38.55 46.12 6.17
C2B HEC FA . -38.69 47.54 5.91
C3B HEC FA . -37.69 47.92 5.12
C4B HEC FA . -36.84 46.76 4.92
CMB HEC FA . -39.88 48.38 6.39
CAB HEC FA . -37.42 49.36 4.57
CBB HEC FA . -37.34 50.28 5.59
NC HEC FA . -35.00 44.45 4.40
C1C HEC FA . -34.90 45.67 3.86
C2C HEC FA . -33.68 45.72 3.06
C3C HEC FA . -33.16 44.50 3.01
C4C HEC FA . -33.98 43.68 3.91
CMC HEC FA . -33.30 46.93 2.18
CAC HEC FA . -31.91 43.94 2.23
CBC HEC FA . -30.75 44.65 2.24
ND HEC FA . -35.57 42.01 5.86
C1D HEC FA . -34.42 41.62 5.16
C2D HEC FA . -34.10 40.26 5.53
C3D HEC FA . -35.15 39.86 6.55
C4D HEC FA . -36.02 41.01 6.68
CMD HEC FA . -32.93 39.40 5.01
CAD HEC FA . -35.30 38.51 7.29
CBD HEC FA . -34.49 38.62 8.57
CGD HEC FA . -33.54 37.44 8.75
O1D HEC FA . -32.28 37.63 8.60
O2D HEC FA . -34.09 36.34 9.05
#